data_2N8I
#
_entry.id   2N8I
#
_entity_poly.entity_id   1
_entity_poly.type   'polypeptide(L)'
_entity_poly.pdbx_seq_one_letter_code
;GGSPDENIAKFEKAYKKAEELNQGELMGRALYNIGLEKNKMGKVKEAIEYFLRAKKVFDAEHDTDGARRAAKSLSEAYQK
VEGSGDKGKIFQKEGESILE
;
_entity_poly.pdbx_strand_id   A
#
# COMPACT_ATOMS: atom_id res chain seq x y z
N GLY A 1 16.71 8.73 12.22
CA GLY A 1 15.34 8.87 11.68
C GLY A 1 14.88 7.61 10.94
N GLY A 2 13.74 7.73 10.24
CA GLY A 2 13.15 6.63 9.48
C GLY A 2 11.64 6.76 9.42
N SER A 3 11.17 8.00 9.14
CA SER A 3 9.73 8.31 9.03
C SER A 3 9.10 7.53 7.86
N PRO A 4 7.81 7.09 7.95
CA PRO A 4 7.19 6.19 6.93
C PRO A 4 7.20 6.77 5.50
N ASP A 5 6.95 8.10 5.38
CA ASP A 5 6.93 8.80 4.08
C ASP A 5 8.37 8.97 3.52
N GLU A 6 9.34 9.06 4.43
CA GLU A 6 10.77 9.10 4.10
C GLU A 6 11.27 7.70 3.67
N ASN A 7 10.65 6.64 4.25
CA ASN A 7 10.90 5.23 3.89
C ASN A 7 10.41 4.96 2.46
N ILE A 8 9.28 5.61 2.11
CA ILE A 8 8.68 5.57 0.77
C ILE A 8 9.68 6.03 -0.30
N ALA A 9 10.46 7.08 0.01
CA ALA A 9 11.49 7.63 -0.90
C ALA A 9 12.52 6.54 -1.28
N LYS A 10 12.83 5.64 -0.33
CA LYS A 10 13.69 4.48 -0.58
C LYS A 10 12.92 3.38 -1.36
N PHE A 11 11.64 3.16 -1.00
CA PHE A 11 10.78 2.10 -1.61
C PHE A 11 10.45 2.39 -3.09
N GLU A 12 10.47 3.68 -3.48
CA GLU A 12 10.27 4.13 -4.87
C GLU A 12 11.53 3.81 -5.71
N LYS A 13 12.71 3.95 -5.08
CA LYS A 13 14.00 3.54 -5.69
C LYS A 13 14.02 2.01 -5.87
N ALA A 14 13.58 1.30 -4.81
CA ALA A 14 13.48 -0.17 -4.78
C ALA A 14 12.43 -0.68 -5.78
N TYR A 15 11.39 0.16 -6.03
CA TYR A 15 10.37 -0.12 -7.04
C TYR A 15 10.98 -0.06 -8.45
N LYS A 16 11.81 0.97 -8.68
CA LYS A 16 12.53 1.16 -9.96
C LYS A 16 13.53 0.02 -10.23
N LYS A 17 14.07 -0.56 -9.15
CA LYS A 17 14.97 -1.72 -9.21
C LYS A 17 14.18 -2.99 -9.56
N ALA A 18 12.99 -3.11 -8.96
CA ALA A 18 12.04 -4.19 -9.25
C ALA A 18 11.52 -4.09 -10.72
N GLU A 19 11.32 -2.83 -11.16
CA GLU A 19 10.66 -2.48 -12.44
C GLU A 19 11.59 -2.70 -13.64
N GLU A 20 12.89 -2.36 -13.47
CA GLU A 20 13.91 -2.57 -14.51
C GLU A 20 14.15 -4.09 -14.73
N LEU A 21 14.01 -4.86 -13.64
CA LEU A 21 14.11 -6.33 -13.66
C LEU A 21 12.79 -6.99 -14.10
N ASN A 22 11.71 -6.16 -14.16
CA ASN A 22 10.36 -6.56 -14.67
C ASN A 22 9.69 -7.64 -13.81
N GLN A 23 10.13 -7.73 -12.54
CA GLN A 23 9.67 -8.76 -11.61
C GLN A 23 8.49 -8.22 -10.81
N GLY A 24 7.28 -8.45 -11.35
CA GLY A 24 6.05 -7.86 -10.83
C GLY A 24 5.67 -8.26 -9.42
N GLU A 25 6.24 -9.39 -8.94
CA GLU A 25 6.11 -9.78 -7.52
C GLU A 25 6.75 -8.70 -6.62
N LEU A 26 7.96 -8.26 -7.00
CA LEU A 26 8.74 -7.22 -6.29
C LEU A 26 8.09 -5.83 -6.50
N MET A 27 7.64 -5.57 -7.74
CA MET A 27 7.02 -4.29 -8.15
C MET A 27 5.73 -4.03 -7.37
N GLY A 28 4.96 -5.11 -7.18
CA GLY A 28 3.75 -5.08 -6.38
C GLY A 28 4.04 -4.83 -4.91
N ARG A 29 4.99 -5.62 -4.34
CA ARG A 29 5.38 -5.51 -2.91
C ARG A 29 5.95 -4.12 -2.58
N ALA A 30 6.62 -3.49 -3.56
CA ALA A 30 7.25 -2.17 -3.40
C ALA A 30 6.18 -1.08 -3.16
N LEU A 31 5.16 -1.04 -4.06
CA LEU A 31 4.03 -0.10 -3.97
C LEU A 31 3.13 -0.44 -2.76
N TYR A 32 3.06 -1.75 -2.43
CA TYR A 32 2.28 -2.27 -1.29
C TYR A 32 2.85 -1.73 0.04
N ASN A 33 4.20 -1.77 0.17
CA ASN A 33 4.93 -1.27 1.36
C ASN A 33 4.69 0.24 1.51
N ILE A 34 4.79 0.97 0.37
CA ILE A 34 4.51 2.42 0.30
C ILE A 34 3.10 2.73 0.82
N GLY A 35 2.13 1.90 0.40
CA GLY A 35 0.74 2.03 0.81
C GLY A 35 0.54 1.82 2.30
N LEU A 36 1.29 0.84 2.88
CA LEU A 36 1.27 0.54 4.33
C LEU A 36 1.78 1.76 5.12
N GLU A 37 2.84 2.40 4.59
CA GLU A 37 3.44 3.60 5.19
C GLU A 37 2.44 4.77 5.17
N LYS A 38 1.72 4.93 4.03
CA LYS A 38 0.66 5.95 3.87
C LYS A 38 -0.46 5.73 4.91
N ASN A 39 -0.91 4.46 5.01
CA ASN A 39 -2.05 4.05 5.84
C ASN A 39 -1.81 4.34 7.33
N LYS A 40 -0.57 4.08 7.81
CA LYS A 40 -0.20 4.28 9.24
C LYS A 40 -0.02 5.79 9.57
N MET A 41 0.26 6.61 8.53
CA MET A 41 0.39 8.09 8.69
C MET A 41 -0.98 8.79 8.60
N GLY A 42 -2.03 8.04 8.24
CA GLY A 42 -3.38 8.61 8.08
C GLY A 42 -3.69 8.99 6.64
N LYS A 43 -2.71 8.79 5.74
CA LYS A 43 -2.88 9.00 4.29
C LYS A 43 -3.56 7.77 3.68
N VAL A 44 -4.84 7.63 4.02
CA VAL A 44 -5.68 6.47 3.68
C VAL A 44 -5.97 6.40 2.17
N LYS A 45 -6.31 7.56 1.58
CA LYS A 45 -6.69 7.69 0.15
C LYS A 45 -5.46 7.46 -0.76
N GLU A 46 -4.28 7.90 -0.26
CA GLU A 46 -2.99 7.69 -0.92
C GLU A 46 -2.57 6.21 -0.83
N ALA A 47 -2.91 5.57 0.32
CA ALA A 47 -2.69 4.14 0.56
C ALA A 47 -3.46 3.30 -0.47
N ILE A 48 -4.73 3.70 -0.72
CA ILE A 48 -5.64 3.06 -1.71
C ILE A 48 -4.98 2.99 -3.09
N GLU A 49 -4.43 4.13 -3.56
CA GLU A 49 -3.76 4.24 -4.86
C GLU A 49 -2.66 3.19 -5.00
N TYR A 50 -1.79 3.13 -3.99
CA TYR A 50 -0.60 2.28 -4.00
C TYR A 50 -0.94 0.79 -3.83
N PHE A 51 -2.03 0.46 -3.10
CA PHE A 51 -2.51 -0.93 -2.96
C PHE A 51 -3.20 -1.39 -4.26
N LEU A 52 -3.84 -0.44 -4.98
CA LEU A 52 -4.57 -0.73 -6.24
C LEU A 52 -3.57 -1.03 -7.37
N ARG A 53 -2.51 -0.22 -7.42
CA ARG A 53 -1.43 -0.34 -8.40
C ARG A 53 -0.58 -1.59 -8.10
N ALA A 54 -0.31 -1.82 -6.80
CA ALA A 54 0.39 -3.03 -6.33
C ALA A 54 -0.36 -4.30 -6.73
N LYS A 55 -1.67 -4.30 -6.41
CA LYS A 55 -2.59 -5.41 -6.68
C LYS A 55 -2.68 -5.70 -8.18
N LYS A 56 -2.76 -4.61 -8.97
CA LYS A 56 -2.83 -4.64 -10.44
C LYS A 56 -1.63 -5.39 -11.04
N VAL A 57 -0.44 -5.14 -10.48
CA VAL A 57 0.81 -5.78 -10.92
C VAL A 57 0.82 -7.27 -10.49
N PHE A 58 0.29 -7.58 -9.27
CA PHE A 58 0.13 -8.97 -8.78
C PHE A 58 -0.86 -9.76 -9.67
N ASP A 59 -1.92 -9.08 -10.14
CA ASP A 59 -2.95 -9.68 -11.03
C ASP A 59 -2.33 -10.03 -12.40
N ALA A 60 -1.36 -9.21 -12.84
CA ALA A 60 -0.59 -9.44 -14.08
C ALA A 60 0.30 -10.69 -13.94
N GLU A 61 0.89 -10.85 -12.75
CA GLU A 61 1.76 -12.00 -12.41
C GLU A 61 0.93 -13.24 -12.09
N HIS A 62 -0.40 -13.02 -11.89
CA HIS A 62 -1.38 -14.06 -11.51
C HIS A 62 -1.12 -14.58 -10.08
N ASP A 63 -0.42 -13.74 -9.28
CA ASP A 63 -0.21 -13.98 -7.85
C ASP A 63 -1.45 -13.48 -7.11
N THR A 64 -2.44 -14.37 -7.02
CA THR A 64 -3.73 -14.09 -6.38
C THR A 64 -3.58 -13.83 -4.86
N ASP A 65 -2.49 -14.36 -4.28
CA ASP A 65 -2.16 -14.18 -2.86
C ASP A 65 -1.89 -12.70 -2.54
N GLY A 66 -0.94 -12.12 -3.29
CA GLY A 66 -0.56 -10.71 -3.13
C GLY A 66 -1.65 -9.76 -3.58
N ALA A 67 -2.45 -10.19 -4.57
CA ALA A 67 -3.62 -9.44 -5.04
C ALA A 67 -4.66 -9.29 -3.91
N ARG A 68 -4.94 -10.41 -3.22
CA ARG A 68 -5.86 -10.47 -2.06
C ARG A 68 -5.25 -9.76 -0.84
N ARG A 69 -3.91 -9.79 -0.73
CA ARG A 69 -3.14 -9.18 0.38
C ARG A 69 -3.22 -7.65 0.30
N ALA A 70 -3.07 -7.11 -0.92
CA ALA A 70 -3.20 -5.68 -1.21
C ALA A 70 -4.66 -5.26 -1.09
N ALA A 71 -5.59 -6.18 -1.46
CA ALA A 71 -7.04 -5.97 -1.34
C ALA A 71 -7.51 -6.01 0.13
N LYS A 72 -6.77 -6.75 0.98
CA LYS A 72 -7.07 -6.87 2.41
C LYS A 72 -6.69 -5.56 3.13
N SER A 73 -5.53 -5.01 2.74
CA SER A 73 -5.05 -3.70 3.20
C SER A 73 -5.93 -2.56 2.60
N LEU A 74 -6.50 -2.81 1.40
CA LEU A 74 -7.51 -1.92 0.79
C LEU A 74 -8.78 -1.89 1.64
N SER A 75 -9.20 -3.06 2.15
CA SER A 75 -10.37 -3.18 3.02
C SER A 75 -10.16 -2.40 4.33
N GLU A 76 -8.92 -2.51 4.87
CA GLU A 76 -8.44 -1.75 6.04
C GLU A 76 -8.55 -0.22 5.79
N ALA A 77 -8.24 0.19 4.55
CA ALA A 77 -8.29 1.59 4.12
C ALA A 77 -9.75 2.07 3.91
N TYR A 78 -10.58 1.22 3.26
CA TYR A 78 -11.97 1.57 2.88
C TYR A 78 -12.87 1.78 4.10
N GLN A 79 -12.56 1.05 5.19
CA GLN A 79 -13.21 1.25 6.50
C GLN A 79 -13.00 2.68 7.00
N LYS A 80 -11.79 3.22 6.75
CA LYS A 80 -11.41 4.60 7.14
C LYS A 80 -11.87 5.66 6.10
N VAL A 81 -12.36 5.20 4.93
CA VAL A 81 -12.96 6.09 3.90
C VAL A 81 -14.47 6.29 4.22
N GLU A 82 -15.06 5.25 4.83
CA GLU A 82 -16.46 5.25 5.29
C GLU A 82 -16.53 5.87 6.71
N GLY A 83 -15.99 5.14 7.71
CA GLY A 83 -15.86 5.62 9.09
C GLY A 83 -14.40 5.81 9.45
N SER A 84 -13.88 7.04 9.25
CA SER A 84 -12.45 7.40 9.38
C SER A 84 -11.88 7.10 10.79
N GLY A 85 -11.41 5.85 10.97
CA GLY A 85 -10.87 5.38 12.24
C GLY A 85 -11.95 4.89 13.20
N ASP A 86 -12.82 5.85 13.63
CA ASP A 86 -13.87 5.65 14.66
C ASP A 86 -13.27 5.45 16.07
N LYS A 87 -13.98 5.95 17.09
CA LYS A 87 -13.55 5.87 18.49
C LYS A 87 -13.70 4.40 18.94
N GLY A 88 -12.64 3.62 18.73
CA GLY A 88 -12.62 2.19 19.07
C GLY A 88 -11.24 1.58 18.92
N LYS A 89 -11.01 0.46 19.63
CA LYS A 89 -9.71 -0.21 19.66
C LYS A 89 -9.61 -1.20 18.49
N ILE A 90 -9.01 -0.73 17.38
CA ILE A 90 -8.64 -1.56 16.23
C ILE A 90 -7.29 -2.25 16.53
N PHE A 91 -7.30 -3.59 16.51
CA PHE A 91 -6.13 -4.42 16.83
C PHE A 91 -5.15 -4.44 15.63
N GLN A 92 -4.36 -3.36 15.50
CA GLN A 92 -3.35 -3.22 14.45
C GLN A 92 -2.01 -3.79 14.94
N LYS A 93 -1.12 -4.06 13.99
CA LYS A 93 0.22 -4.61 14.26
C LYS A 93 1.14 -4.27 13.08
N GLU A 94 2.40 -4.72 13.18
CA GLU A 94 3.44 -4.46 12.17
C GLU A 94 3.18 -5.27 10.88
N GLY A 95 3.84 -4.87 9.78
CA GLY A 95 3.76 -5.59 8.51
C GLY A 95 4.40 -6.97 8.61
N GLU A 96 3.73 -8.00 8.04
CA GLU A 96 4.22 -9.39 8.06
C GLU A 96 5.55 -9.51 7.29
N SER A 97 6.65 -9.45 8.04
CA SER A 97 8.02 -9.53 7.51
C SER A 97 8.66 -10.84 8.00
N ILE A 98 8.17 -11.96 7.45
CA ILE A 98 8.73 -13.30 7.74
C ILE A 98 9.76 -13.66 6.64
N LEU A 99 10.65 -12.68 6.35
CA LEU A 99 11.66 -12.78 5.31
C LEU A 99 13.01 -13.13 5.93
N GLU A 100 13.28 -14.45 6.02
CA GLU A 100 14.55 -14.97 6.52
C GLU A 100 15.50 -15.14 5.30
N GLY A 1 15.64 3.83 10.17
CA GLY A 1 15.13 4.90 9.28
C GLY A 1 14.30 5.91 10.06
N GLY A 2 13.89 7.00 9.38
CA GLY A 2 13.08 8.06 9.99
C GLY A 2 11.59 7.80 9.82
N SER A 3 10.87 8.81 9.29
CA SER A 3 9.42 8.73 9.07
C SER A 3 9.09 7.76 7.90
N PRO A 4 7.78 7.30 7.80
CA PRO A 4 7.31 6.45 6.67
C PRO A 4 7.70 6.99 5.27
N ASP A 5 7.84 8.33 5.17
CA ASP A 5 8.25 9.04 3.94
C ASP A 5 9.63 8.57 3.43
N GLU A 6 10.58 8.39 4.36
CA GLU A 6 11.95 7.96 4.03
C GLU A 6 11.96 6.47 3.62
N ASN A 7 11.06 5.69 4.24
CA ASN A 7 10.86 4.26 3.91
C ASN A 7 10.37 4.11 2.45
N ILE A 8 9.48 5.04 2.04
CA ILE A 8 8.94 5.14 0.67
C ILE A 8 10.08 5.31 -0.36
N ALA A 9 11.08 6.16 -0.02
CA ALA A 9 12.25 6.43 -0.88
C ALA A 9 12.99 5.13 -1.23
N LYS A 10 13.11 4.24 -0.23
CA LYS A 10 13.74 2.92 -0.39
C LYS A 10 12.89 1.99 -1.26
N PHE A 11 11.55 2.05 -1.08
CA PHE A 11 10.61 1.23 -1.86
C PHE A 11 10.60 1.70 -3.34
N GLU A 12 10.91 2.99 -3.56
CA GLU A 12 11.02 3.59 -4.91
C GLU A 12 12.34 3.14 -5.58
N LYS A 13 13.41 2.94 -4.78
CA LYS A 13 14.69 2.36 -5.24
C LYS A 13 14.46 0.91 -5.71
N ALA A 14 13.74 0.16 -4.86
CA ALA A 14 13.38 -1.24 -5.11
C ALA A 14 12.38 -1.35 -6.27
N TYR A 15 11.54 -0.31 -6.45
CA TYR A 15 10.52 -0.22 -7.53
C TYR A 15 11.19 -0.05 -8.90
N LYS A 16 12.11 0.92 -8.99
CA LYS A 16 12.79 1.26 -10.25
C LYS A 16 13.81 0.18 -10.63
N LYS A 17 14.41 -0.48 -9.62
CA LYS A 17 15.33 -1.60 -9.82
C LYS A 17 14.53 -2.84 -10.30
N ALA A 18 13.36 -3.04 -9.69
CA ALA A 18 12.39 -4.06 -10.09
C ALA A 18 12.01 -3.92 -11.57
N GLU A 19 11.80 -2.65 -11.97
CA GLU A 19 11.41 -2.26 -13.32
C GLU A 19 12.52 -2.62 -14.34
N GLU A 20 13.79 -2.43 -13.92
CA GLU A 20 14.99 -2.85 -14.69
C GLU A 20 15.02 -4.37 -14.90
N LEU A 21 14.63 -5.09 -13.82
CA LEU A 21 14.58 -6.56 -13.80
C LEU A 21 13.27 -7.09 -14.45
N ASN A 22 12.36 -6.16 -14.79
CA ASN A 22 11.04 -6.45 -15.42
C ASN A 22 10.15 -7.29 -14.48
N GLN A 23 10.46 -7.25 -13.18
CA GLN A 23 9.76 -7.99 -12.13
C GLN A 23 8.69 -7.08 -11.51
N GLY A 24 7.44 -7.28 -11.93
CA GLY A 24 6.31 -6.56 -11.37
C GLY A 24 6.04 -6.95 -9.92
N GLU A 25 6.46 -8.17 -9.54
CA GLU A 25 6.29 -8.72 -8.18
C GLU A 25 6.89 -7.77 -7.12
N LEU A 26 8.10 -7.26 -7.41
CA LEU A 26 8.84 -6.36 -6.53
C LEU A 26 8.21 -4.95 -6.53
N MET A 27 7.73 -4.52 -7.72
CA MET A 27 7.06 -3.21 -7.88
C MET A 27 5.73 -3.17 -7.12
N GLY A 28 5.01 -4.30 -7.15
CA GLY A 28 3.75 -4.44 -6.45
C GLY A 28 3.95 -4.43 -4.95
N ARG A 29 5.01 -5.13 -4.50
CA ARG A 29 5.41 -5.14 -3.08
C ARG A 29 5.81 -3.73 -2.61
N ALA A 30 6.49 -2.98 -3.51
CA ALA A 30 6.96 -1.61 -3.25
C ALA A 30 5.75 -0.70 -2.96
N LEU A 31 4.77 -0.72 -3.88
CA LEU A 31 3.55 0.11 -3.80
C LEU A 31 2.67 -0.31 -2.62
N TYR A 32 2.59 -1.62 -2.37
CA TYR A 32 1.83 -2.22 -1.25
C TYR A 32 2.37 -1.69 0.09
N ASN A 33 3.71 -1.62 0.18
CA ASN A 33 4.41 -1.16 1.39
C ASN A 33 4.21 0.34 1.59
N ILE A 34 4.35 1.11 0.50
CA ILE A 34 4.09 2.57 0.48
C ILE A 34 2.62 2.85 0.89
N GLY A 35 1.71 1.94 0.51
CA GLY A 35 0.31 2.01 0.88
C GLY A 35 0.10 1.91 2.38
N LEU A 36 0.79 0.94 3.01
CA LEU A 36 0.76 0.72 4.47
C LEU A 36 1.36 1.94 5.21
N GLU A 37 2.38 2.58 4.59
CA GLU A 37 3.03 3.77 5.13
C GLU A 37 2.10 5.00 5.06
N LYS A 38 1.33 5.10 3.97
CA LYS A 38 0.31 6.15 3.80
C LYS A 38 -0.82 5.95 4.82
N ASN A 39 -1.26 4.69 4.98
CA ASN A 39 -2.42 4.30 5.81
C ASN A 39 -2.21 4.72 7.29
N LYS A 40 -0.97 4.50 7.78
CA LYS A 40 -0.58 4.83 9.18
C LYS A 40 -0.38 6.36 9.37
N MET A 41 -0.07 7.08 8.28
CA MET A 41 0.08 8.56 8.31
C MET A 41 -1.28 9.28 8.11
N GLY A 42 -2.39 8.51 8.09
CA GLY A 42 -3.73 9.06 7.90
C GLY A 42 -4.02 9.44 6.45
N LYS A 43 -3.10 9.08 5.55
CA LYS A 43 -3.21 9.33 4.09
C LYS A 43 -3.85 8.11 3.42
N VAL A 44 -5.02 7.76 3.95
CA VAL A 44 -5.74 6.53 3.62
C VAL A 44 -6.25 6.52 2.16
N LYS A 45 -6.60 7.72 1.63
CA LYS A 45 -7.07 7.88 0.24
C LYS A 45 -5.98 7.46 -0.77
N GLU A 46 -4.73 7.90 -0.51
CA GLU A 46 -3.57 7.54 -1.33
C GLU A 46 -3.26 6.05 -1.18
N ALA A 47 -3.36 5.56 0.08
CA ALA A 47 -3.06 4.16 0.45
C ALA A 47 -3.88 3.18 -0.39
N ILE A 48 -5.17 3.52 -0.61
CA ILE A 48 -6.10 2.77 -1.49
C ILE A 48 -5.48 2.57 -2.87
N GLU A 49 -5.05 3.67 -3.49
CA GLU A 49 -4.52 3.68 -4.88
C GLU A 49 -3.21 2.89 -4.98
N TYR A 50 -2.42 2.88 -3.90
CA TYR A 50 -1.18 2.08 -3.83
C TYR A 50 -1.50 0.57 -3.73
N PHE A 51 -2.60 0.23 -3.03
CA PHE A 51 -3.08 -1.17 -2.94
C PHE A 51 -3.76 -1.60 -4.26
N LEU A 52 -4.34 -0.61 -4.99
CA LEU A 52 -5.02 -0.85 -6.29
C LEU A 52 -3.97 -1.22 -7.34
N ARG A 53 -2.90 -0.40 -7.36
CA ARG A 53 -1.75 -0.61 -8.23
C ARG A 53 -1.06 -1.93 -7.88
N ALA A 54 -0.74 -2.10 -6.58
CA ALA A 54 -0.03 -3.28 -6.07
C ALA A 54 -0.75 -4.57 -6.46
N LYS A 55 -2.07 -4.59 -6.21
CA LYS A 55 -2.94 -5.73 -6.51
C LYS A 55 -2.90 -6.07 -8.01
N LYS A 56 -3.08 -5.05 -8.86
CA LYS A 56 -3.17 -5.22 -10.32
C LYS A 56 -1.82 -5.65 -10.92
N VAL A 57 -0.72 -5.19 -10.31
CA VAL A 57 0.65 -5.55 -10.74
C VAL A 57 0.96 -7.00 -10.29
N PHE A 58 0.39 -7.42 -9.13
CA PHE A 58 0.43 -8.84 -8.67
C PHE A 58 -0.43 -9.73 -9.57
N ASP A 59 -1.54 -9.16 -10.10
CA ASP A 59 -2.44 -9.87 -11.05
C ASP A 59 -1.72 -10.11 -12.40
N ALA A 60 -0.82 -9.16 -12.76
CA ALA A 60 0.04 -9.26 -13.94
C ALA A 60 1.12 -10.36 -13.75
N GLU A 61 1.55 -10.54 -12.50
CA GLU A 61 2.54 -11.58 -12.13
C GLU A 61 1.86 -12.92 -11.80
N HIS A 62 0.51 -12.88 -11.64
CA HIS A 62 -0.32 -14.03 -11.23
C HIS A 62 -0.01 -14.47 -9.79
N ASP A 63 0.52 -13.51 -9.00
CA ASP A 63 0.73 -13.65 -7.55
C ASP A 63 -0.63 -13.39 -6.87
N THR A 64 -1.45 -14.45 -6.81
CA THR A 64 -2.84 -14.37 -6.38
C THR A 64 -2.97 -13.92 -4.92
N ASP A 65 -2.07 -14.43 -4.05
CA ASP A 65 -2.17 -14.19 -2.60
C ASP A 65 -1.88 -12.72 -2.27
N GLY A 66 -0.86 -12.12 -2.92
CA GLY A 66 -0.50 -10.73 -2.69
C GLY A 66 -1.56 -9.77 -3.20
N ALA A 67 -2.18 -10.10 -4.35
CA ALA A 67 -3.30 -9.34 -4.92
C ALA A 67 -4.51 -9.33 -3.95
N ARG A 68 -4.81 -10.51 -3.40
CA ARG A 68 -5.90 -10.71 -2.44
C ARG A 68 -5.58 -10.07 -1.07
N ARG A 69 -4.28 -10.01 -0.73
CA ARG A 69 -3.79 -9.41 0.54
C ARG A 69 -3.86 -7.88 0.46
N ALA A 70 -3.65 -7.35 -0.76
CA ALA A 70 -3.80 -5.91 -1.05
C ALA A 70 -5.27 -5.51 -0.94
N ALA A 71 -6.16 -6.45 -1.28
CA ALA A 71 -7.61 -6.28 -1.17
C ALA A 71 -8.08 -6.30 0.31
N LYS A 72 -7.35 -7.04 1.18
CA LYS A 72 -7.60 -7.06 2.63
C LYS A 72 -7.19 -5.72 3.27
N SER A 73 -6.00 -5.23 2.84
CA SER A 73 -5.46 -3.93 3.26
C SER A 73 -6.35 -2.77 2.75
N LEU A 74 -7.02 -3.01 1.60
CA LEU A 74 -8.04 -2.11 1.05
C LEU A 74 -9.25 -2.03 1.99
N SER A 75 -9.76 -3.21 2.42
CA SER A 75 -10.90 -3.31 3.36
C SER A 75 -10.61 -2.54 4.67
N GLU A 76 -9.37 -2.73 5.17
CA GLU A 76 -8.81 -2.05 6.32
C GLU A 76 -8.82 -0.50 6.14
N ALA A 77 -8.49 -0.07 4.91
CA ALA A 77 -8.41 1.36 4.56
C ALA A 77 -9.82 2.00 4.45
N TYR A 78 -10.76 1.29 3.80
CA TYR A 78 -12.12 1.81 3.50
C TYR A 78 -12.90 2.22 4.78
N GLN A 79 -12.56 1.60 5.92
CA GLN A 79 -13.17 1.92 7.24
C GLN A 79 -12.93 3.39 7.62
N LYS A 80 -11.68 3.82 7.36
CA LYS A 80 -11.16 5.15 7.73
C LYS A 80 -11.63 6.22 6.72
N VAL A 81 -11.96 5.79 5.49
CA VAL A 81 -12.51 6.66 4.43
C VAL A 81 -13.97 7.05 4.77
N GLU A 82 -14.63 6.19 5.57
CA GLU A 82 -15.97 6.49 6.14
C GLU A 82 -15.87 7.55 7.26
N GLY A 83 -14.62 7.95 7.63
CA GLY A 83 -14.37 8.95 8.66
C GLY A 83 -14.79 8.46 10.03
N SER A 84 -14.36 7.23 10.35
CA SER A 84 -14.82 6.49 11.52
C SER A 84 -13.91 5.30 11.79
N GLY A 85 -13.49 5.13 13.06
CA GLY A 85 -12.72 3.97 13.50
C GLY A 85 -11.33 3.89 12.87
N ASP A 86 -10.56 4.99 12.96
CA ASP A 86 -9.15 5.00 12.52
C ASP A 86 -8.32 4.20 13.52
N LYS A 87 -7.35 3.44 13.01
CA LYS A 87 -6.58 2.46 13.78
C LYS A 87 -5.20 2.26 13.13
N GLY A 88 -4.16 2.70 13.84
CA GLY A 88 -2.78 2.60 13.37
C GLY A 88 -1.83 2.46 14.55
N LYS A 89 -1.37 1.22 14.80
CA LYS A 89 -0.37 0.91 15.84
C LYS A 89 0.96 1.64 15.54
N ILE A 90 1.38 2.49 16.47
CA ILE A 90 2.55 3.39 16.29
C ILE A 90 3.91 2.68 16.51
N PHE A 91 3.87 1.35 16.75
CA PHE A 91 5.07 0.51 16.92
C PHE A 91 5.95 0.48 15.64
N GLN A 92 7.26 0.71 15.80
CA GLN A 92 8.24 0.67 14.70
C GLN A 92 8.98 -0.69 14.71
N LYS A 93 9.16 -1.30 13.52
CA LYS A 93 9.83 -2.61 13.40
C LYS A 93 11.35 -2.46 13.60
N GLU A 94 11.89 -3.12 14.64
CA GLU A 94 13.35 -3.18 14.87
C GLU A 94 13.98 -4.11 13.80
N GLY A 95 14.50 -3.49 12.72
CA GLY A 95 15.09 -4.24 11.60
C GLY A 95 16.38 -4.93 11.99
N GLU A 96 16.28 -6.21 12.39
CA GLU A 96 17.42 -7.02 12.85
C GLU A 96 18.40 -7.26 11.69
N SER A 97 19.48 -6.47 11.67
CA SER A 97 20.55 -6.57 10.65
C SER A 97 21.68 -7.47 11.18
N ILE A 98 22.24 -8.33 10.32
CA ILE A 98 23.32 -9.27 10.73
C ILE A 98 24.69 -8.65 10.43
N LEU A 99 25.38 -8.26 11.50
CA LEU A 99 26.75 -7.76 11.47
C LEU A 99 27.55 -8.63 12.46
N GLU A 100 28.33 -9.60 11.93
CA GLU A 100 29.13 -10.57 12.71
C GLU A 100 28.21 -11.56 13.49
N GLY A 1 12.79 15.13 11.64
CA GLY A 1 13.29 14.73 10.30
C GLY A 1 13.29 13.22 10.11
N GLY A 2 13.29 12.78 8.83
CA GLY A 2 13.41 11.36 8.48
C GLY A 2 12.16 10.52 8.77
N SER A 3 11.00 11.17 8.72
CA SER A 3 9.68 10.54 8.98
C SER A 3 9.36 9.45 7.90
N PRO A 4 8.36 8.50 8.15
CA PRO A 4 8.05 7.37 7.22
C PRO A 4 7.75 7.79 5.76
N ASP A 5 7.43 9.09 5.53
CA ASP A 5 7.13 9.63 4.20
C ASP A 5 8.38 9.66 3.29
N GLU A 6 9.55 9.95 3.90
CA GLU A 6 10.86 9.90 3.21
C GLU A 6 11.30 8.43 2.99
N ASN A 7 10.87 7.56 3.90
CA ASN A 7 11.10 6.09 3.82
C ASN A 7 10.24 5.47 2.69
N ILE A 8 9.08 6.09 2.44
CA ILE A 8 8.17 5.75 1.33
C ILE A 8 8.83 6.10 -0.02
N ALA A 9 9.47 7.28 -0.06
CA ALA A 9 10.26 7.74 -1.22
C ALA A 9 11.44 6.78 -1.49
N LYS A 10 12.03 6.24 -0.40
CA LYS A 10 13.11 5.23 -0.46
C LYS A 10 12.59 3.93 -1.12
N PHE A 11 11.39 3.49 -0.70
CA PHE A 11 10.74 2.28 -1.24
C PHE A 11 10.33 2.44 -2.71
N GLU A 12 10.04 3.70 -3.12
CA GLU A 12 9.70 4.03 -4.53
C GLU A 12 10.92 3.93 -5.44
N LYS A 13 12.10 4.24 -4.90
CA LYS A 13 13.38 4.07 -5.60
C LYS A 13 13.68 2.56 -5.76
N ALA A 14 13.50 1.81 -4.65
CA ALA A 14 13.64 0.34 -4.63
C ALA A 14 12.60 -0.33 -5.55
N TYR A 15 11.43 0.33 -5.71
CA TYR A 15 10.37 -0.09 -6.63
C TYR A 15 10.84 0.10 -8.08
N LYS A 16 11.45 1.25 -8.38
CA LYS A 16 11.94 1.55 -9.73
C LYS A 16 12.96 0.50 -10.19
N LYS A 17 13.84 0.07 -9.27
CA LYS A 17 14.84 -0.99 -9.55
C LYS A 17 14.12 -2.30 -9.92
N ALA A 18 13.11 -2.64 -9.11
CA ALA A 18 12.23 -3.80 -9.32
C ALA A 18 11.53 -3.77 -10.70
N GLU A 19 11.09 -2.55 -11.08
CA GLU A 19 10.29 -2.29 -12.29
C GLU A 19 11.15 -2.36 -13.56
N GLU A 20 12.40 -1.88 -13.45
CA GLU A 20 13.35 -1.90 -14.59
C GLU A 20 13.83 -3.33 -14.88
N LEU A 21 13.76 -4.19 -13.84
CA LEU A 21 14.03 -5.62 -13.95
C LEU A 21 12.72 -6.40 -14.26
N ASN A 22 11.57 -5.69 -14.19
CA ASN A 22 10.21 -6.20 -14.58
C ASN A 22 9.82 -7.44 -13.71
N GLN A 23 10.29 -7.43 -12.46
CA GLN A 23 10.09 -8.53 -11.52
C GLN A 23 8.82 -8.25 -10.69
N GLY A 24 7.67 -8.70 -11.21
CA GLY A 24 6.35 -8.41 -10.66
C GLY A 24 6.12 -8.77 -9.19
N GLU A 25 6.89 -9.74 -8.65
CA GLU A 25 6.88 -10.05 -7.21
C GLU A 25 7.44 -8.84 -6.42
N LEU A 26 8.65 -8.40 -6.82
CA LEU A 26 9.32 -7.23 -6.23
C LEU A 26 8.49 -5.94 -6.40
N MET A 27 7.89 -5.79 -7.59
CA MET A 27 7.14 -4.59 -7.98
C MET A 27 5.86 -4.46 -7.14
N GLY A 28 5.09 -5.56 -7.09
CA GLY A 28 3.86 -5.63 -6.31
C GLY A 28 4.10 -5.43 -4.82
N ARG A 29 5.13 -6.13 -4.28
CA ARG A 29 5.52 -6.05 -2.85
C ARG A 29 5.91 -4.62 -2.46
N ALA A 30 6.65 -3.94 -3.36
CA ALA A 30 7.17 -2.58 -3.11
C ALA A 30 6.01 -1.59 -2.94
N LEU A 31 5.09 -1.59 -3.92
CA LEU A 31 3.90 -0.73 -3.92
C LEU A 31 2.97 -1.04 -2.73
N TYR A 32 2.88 -2.34 -2.40
CA TYR A 32 2.06 -2.83 -1.28
C TYR A 32 2.61 -2.32 0.06
N ASN A 33 3.95 -2.38 0.21
CA ASN A 33 4.69 -1.99 1.43
C ASN A 33 4.56 -0.47 1.66
N ILE A 34 4.71 0.29 0.56
CA ILE A 34 4.51 1.75 0.52
C ILE A 34 3.09 2.11 0.99
N GLY A 35 2.10 1.36 0.45
CA GLY A 35 0.70 1.55 0.81
C GLY A 35 0.43 1.31 2.28
N LEU A 36 1.07 0.26 2.83
CA LEU A 36 0.96 -0.10 4.26
C LEU A 36 1.51 1.06 5.14
N GLU A 37 2.65 1.65 4.72
CA GLU A 37 3.28 2.77 5.43
C GLU A 37 2.37 4.01 5.44
N LYS A 38 1.77 4.32 4.27
CA LYS A 38 0.77 5.39 4.11
C LYS A 38 -0.45 5.15 5.05
N ASN A 39 -0.88 3.88 5.12
CA ASN A 39 -2.05 3.45 5.91
C ASN A 39 -1.76 3.56 7.44
N LYS A 40 -0.48 3.41 7.83
CA LYS A 40 -0.03 3.55 9.23
C LYS A 40 0.04 5.03 9.67
N MET A 41 0.42 5.92 8.73
CA MET A 41 0.67 7.36 9.00
C MET A 41 -0.56 8.23 8.67
N GLY A 42 -1.72 7.61 8.45
CA GLY A 42 -2.98 8.33 8.24
C GLY A 42 -3.19 8.86 6.83
N LYS A 43 -2.19 8.67 5.94
CA LYS A 43 -2.26 9.07 4.52
C LYS A 43 -2.83 7.92 3.67
N VAL A 44 -4.01 7.49 4.09
CA VAL A 44 -4.67 6.28 3.61
C VAL A 44 -5.16 6.43 2.13
N LYS A 45 -5.31 7.69 1.70
CA LYS A 45 -5.75 8.05 0.34
C LYS A 45 -4.73 7.56 -0.70
N GLU A 46 -3.42 7.77 -0.39
CA GLU A 46 -2.31 7.29 -1.24
C GLU A 46 -2.12 5.78 -1.04
N ALA A 47 -2.44 5.28 0.17
CA ALA A 47 -2.39 3.84 0.50
C ALA A 47 -3.24 3.04 -0.49
N ILE A 48 -4.48 3.53 -0.73
CA ILE A 48 -5.42 2.96 -1.72
C ILE A 48 -4.75 2.88 -3.10
N GLU A 49 -4.23 4.02 -3.58
CA GLU A 49 -3.59 4.15 -4.91
C GLU A 49 -2.47 3.12 -5.09
N TYR A 50 -1.65 2.96 -4.05
CA TYR A 50 -0.51 2.03 -4.03
C TYR A 50 -0.94 0.56 -3.90
N PHE A 51 -2.06 0.28 -3.21
CA PHE A 51 -2.63 -1.08 -3.13
C PHE A 51 -3.31 -1.47 -4.46
N LEU A 52 -3.80 -0.44 -5.18
CA LEU A 52 -4.42 -0.60 -6.51
C LEU A 52 -3.33 -0.97 -7.53
N ARG A 53 -2.18 -0.26 -7.40
CA ARG A 53 -0.97 -0.50 -8.19
C ARG A 53 -0.38 -1.89 -7.85
N ALA A 54 -0.33 -2.19 -6.53
CA ALA A 54 0.25 -3.45 -6.02
C ALA A 54 -0.52 -4.65 -6.55
N LYS A 55 -1.85 -4.60 -6.39
CA LYS A 55 -2.77 -5.65 -6.82
C LYS A 55 -2.74 -5.78 -8.34
N LYS A 56 -2.58 -4.64 -9.04
CA LYS A 56 -2.48 -4.58 -10.51
C LYS A 56 -1.30 -5.42 -11.02
N VAL A 57 -0.17 -5.29 -10.33
CA VAL A 57 1.06 -6.03 -10.66
C VAL A 57 0.91 -7.52 -10.29
N PHE A 58 0.22 -7.80 -9.15
CA PHE A 58 -0.08 -9.18 -8.70
C PHE A 58 -1.06 -9.89 -9.66
N ASP A 59 -1.98 -9.11 -10.26
CA ASP A 59 -2.95 -9.63 -11.25
C ASP A 59 -2.24 -9.87 -12.60
N ALA A 60 -1.20 -9.06 -12.87
CA ALA A 60 -0.30 -9.25 -14.04
C ALA A 60 0.57 -10.51 -13.86
N GLU A 61 0.88 -10.85 -12.59
CA GLU A 61 1.54 -12.12 -12.22
C GLU A 61 0.54 -13.29 -12.17
N HIS A 62 -0.77 -12.93 -12.13
CA HIS A 62 -1.91 -13.87 -11.91
C HIS A 62 -1.82 -14.55 -10.53
N ASP A 63 -1.05 -13.93 -9.61
CA ASP A 63 -0.89 -14.42 -8.23
C ASP A 63 -2.04 -13.85 -7.37
N THR A 64 -3.07 -14.69 -7.18
CA THR A 64 -4.28 -14.30 -6.45
C THR A 64 -4.00 -14.05 -4.95
N ASP A 65 -3.02 -14.80 -4.39
CA ASP A 65 -2.62 -14.72 -2.96
C ASP A 65 -2.19 -13.29 -2.58
N GLY A 66 -1.23 -12.75 -3.34
CA GLY A 66 -0.70 -11.41 -3.11
C GLY A 66 -1.73 -10.33 -3.39
N ALA A 67 -2.54 -10.56 -4.43
CA ALA A 67 -3.64 -9.65 -4.79
C ALA A 67 -4.74 -9.61 -3.69
N ARG A 68 -4.92 -10.73 -2.98
CA ARG A 68 -5.85 -10.84 -1.84
C ARG A 68 -5.33 -10.05 -0.63
N ARG A 69 -3.98 -9.97 -0.50
CA ARG A 69 -3.32 -9.17 0.56
C ARG A 69 -3.56 -7.66 0.32
N ALA A 70 -3.36 -7.24 -0.95
CA ALA A 70 -3.55 -5.85 -1.39
C ALA A 70 -5.02 -5.44 -1.30
N ALA A 71 -5.92 -6.40 -1.56
CA ALA A 71 -7.38 -6.19 -1.48
C ALA A 71 -7.85 -6.16 -0.02
N LYS A 72 -7.19 -6.97 0.84
CA LYS A 72 -7.48 -7.01 2.29
C LYS A 72 -7.17 -5.65 2.91
N SER A 73 -5.98 -5.14 2.57
CA SER A 73 -5.49 -3.85 3.05
C SER A 73 -6.28 -2.67 2.44
N LEU A 74 -6.81 -2.87 1.21
CA LEU A 74 -7.77 -1.95 0.58
C LEU A 74 -9.06 -1.87 1.40
N SER A 75 -9.55 -3.02 1.88
CA SER A 75 -10.78 -3.11 2.67
C SER A 75 -10.62 -2.35 4.00
N GLU A 76 -9.42 -2.49 4.60
CA GLU A 76 -9.00 -1.75 5.80
C GLU A 76 -8.85 -0.24 5.50
N ALA A 77 -8.42 0.07 4.26
CA ALA A 77 -8.16 1.44 3.81
C ALA A 77 -9.45 2.24 3.60
N TYR A 78 -10.44 1.63 2.91
CA TYR A 78 -11.71 2.30 2.56
C TYR A 78 -12.49 2.71 3.82
N GLN A 79 -12.39 1.89 4.89
CA GLN A 79 -13.03 2.17 6.20
C GLN A 79 -12.57 3.53 6.79
N LYS A 80 -11.30 3.85 6.58
CA LYS A 80 -10.67 5.08 7.10
C LYS A 80 -10.93 6.29 6.17
N VAL A 81 -11.09 6.01 4.87
CA VAL A 81 -11.20 7.05 3.81
C VAL A 81 -12.65 7.52 3.59
N GLU A 82 -13.63 6.63 3.83
CA GLU A 82 -15.08 6.94 3.65
C GLU A 82 -15.60 7.88 4.79
N GLY A 83 -16.93 7.88 5.05
CA GLY A 83 -17.55 8.77 6.05
C GLY A 83 -17.20 8.38 7.49
N SER A 84 -15.96 8.70 7.89
CA SER A 84 -15.43 8.45 9.24
C SER A 84 -15.31 9.79 9.99
N GLY A 85 -15.89 9.87 11.20
CA GLY A 85 -15.92 11.10 12.00
C GLY A 85 -14.62 11.35 12.74
N ASP A 86 -13.59 11.78 12.00
CA ASP A 86 -12.27 12.10 12.57
C ASP A 86 -12.31 13.53 13.12
N LYS A 87 -12.46 13.68 14.45
CA LYS A 87 -12.44 14.99 15.10
C LYS A 87 -11.01 15.57 15.06
N GLY A 88 -10.79 16.42 14.06
CA GLY A 88 -9.51 17.05 13.82
C GLY A 88 -9.60 18.01 12.66
N LYS A 89 -8.51 18.73 12.40
CA LYS A 89 -8.46 19.75 11.35
C LYS A 89 -7.93 19.15 10.04
N ILE A 90 -8.81 18.42 9.33
CA ILE A 90 -8.54 17.92 7.97
C ILE A 90 -8.82 19.08 6.98
N PHE A 91 -7.76 19.60 6.36
CA PHE A 91 -7.92 20.66 5.35
C PHE A 91 -8.44 20.00 4.05
N GLN A 92 -9.75 20.14 3.82
CA GLN A 92 -10.50 19.38 2.79
C GLN A 92 -10.41 20.04 1.39
N LYS A 93 -9.36 20.84 1.15
CA LYS A 93 -9.09 21.42 -0.18
C LYS A 93 -8.51 20.32 -1.10
N GLU A 94 -9.43 19.50 -1.65
CA GLU A 94 -9.10 18.38 -2.52
C GLU A 94 -8.73 18.91 -3.93
N GLY A 95 -7.69 18.31 -4.53
CA GLY A 95 -7.23 18.69 -5.87
C GLY A 95 -8.31 18.41 -6.92
N GLU A 96 -8.98 19.48 -7.37
CA GLU A 96 -10.08 19.43 -8.36
C GLU A 96 -9.58 18.94 -9.74
N SER A 97 -9.48 17.59 -9.87
CA SER A 97 -8.98 16.91 -11.08
C SER A 97 -7.51 17.31 -11.40
N ILE A 98 -6.53 16.61 -10.80
CA ILE A 98 -5.09 16.87 -11.05
C ILE A 98 -4.71 16.31 -12.45
N LEU A 99 -4.96 17.13 -13.48
CA LEU A 99 -4.74 16.75 -14.89
C LEU A 99 -3.29 17.05 -15.28
N GLU A 100 -2.42 16.05 -15.13
CA GLU A 100 -1.00 16.17 -15.47
C GLU A 100 -0.80 15.82 -16.97
N GLY A 1 16.88 6.87 7.83
CA GLY A 1 15.49 7.37 7.90
C GLY A 1 14.75 6.85 9.11
N GLY A 2 13.52 7.35 9.31
CA GLY A 2 12.66 6.94 10.42
C GLY A 2 11.22 7.25 10.13
N SER A 3 10.98 8.48 9.64
CA SER A 3 9.64 8.96 9.24
C SER A 3 9.08 8.07 8.09
N PRO A 4 7.75 7.70 8.12
CA PRO A 4 7.13 6.79 7.11
C PRO A 4 7.37 7.20 5.64
N ASP A 5 7.52 8.52 5.37
CA ASP A 5 7.75 9.05 4.00
C ASP A 5 9.18 8.73 3.49
N GLU A 6 10.15 8.69 4.43
CA GLU A 6 11.54 8.29 4.13
C GLU A 6 11.60 6.79 3.79
N ASN A 7 10.77 6.02 4.50
CA ASN A 7 10.62 4.57 4.28
C ASN A 7 9.98 4.31 2.90
N ILE A 8 8.96 5.12 2.56
CA ILE A 8 8.30 5.13 1.23
C ILE A 8 9.34 5.36 0.11
N ALA A 9 10.20 6.38 0.31
CA ALA A 9 11.24 6.75 -0.67
C ALA A 9 12.26 5.62 -0.90
N LYS A 10 12.51 4.84 0.18
CA LYS A 10 13.42 3.69 0.17
C LYS A 10 12.83 2.53 -0.68
N PHE A 11 11.54 2.23 -0.43
CA PHE A 11 10.77 1.22 -1.20
C PHE A 11 10.51 1.68 -2.66
N GLU A 12 10.51 3.00 -2.88
CA GLU A 12 10.21 3.63 -4.17
C GLU A 12 11.38 3.45 -5.15
N LYS A 13 12.63 3.53 -4.63
CA LYS A 13 13.83 3.23 -5.44
C LYS A 13 13.89 1.72 -5.75
N ALA A 14 13.53 0.90 -4.74
CA ALA A 14 13.42 -0.57 -4.88
C ALA A 14 12.35 -0.95 -5.92
N TYR A 15 11.31 -0.08 -6.04
CA TYR A 15 10.25 -0.19 -7.05
C TYR A 15 10.80 0.02 -8.47
N LYS A 16 11.63 1.06 -8.62
CA LYS A 16 12.26 1.42 -9.91
C LYS A 16 13.25 0.31 -10.36
N LYS A 17 14.00 -0.24 -9.39
CA LYS A 17 14.97 -1.34 -9.65
C LYS A 17 14.22 -2.62 -10.07
N ALA A 18 13.11 -2.88 -9.39
CA ALA A 18 12.16 -3.97 -9.69
C ALA A 18 11.59 -3.84 -11.12
N GLU A 19 11.33 -2.57 -11.51
CA GLU A 19 10.74 -2.20 -12.82
C GLU A 19 11.77 -2.43 -13.95
N GLU A 20 13.07 -2.21 -13.63
CA GLU A 20 14.20 -2.49 -14.54
C GLU A 20 14.35 -4.00 -14.78
N LEU A 21 14.12 -4.77 -13.70
CA LEU A 21 14.18 -6.24 -13.73
C LEU A 21 12.92 -6.85 -14.37
N ASN A 22 11.87 -6.02 -14.53
CA ASN A 22 10.57 -6.42 -15.14
C ASN A 22 9.87 -7.51 -14.27
N GLN A 23 10.12 -7.44 -12.96
CA GLN A 23 9.53 -8.36 -11.99
C GLN A 23 8.43 -7.62 -11.22
N GLY A 24 7.18 -7.84 -11.65
CA GLY A 24 6.02 -7.19 -11.08
C GLY A 24 5.70 -7.67 -9.67
N GLU A 25 6.15 -8.89 -9.34
CA GLU A 25 6.07 -9.44 -7.96
C GLU A 25 6.80 -8.51 -6.97
N LEU A 26 7.97 -7.98 -7.42
CA LEU A 26 8.79 -7.03 -6.67
C LEU A 26 8.10 -5.65 -6.64
N MET A 27 7.64 -5.19 -7.82
CA MET A 27 7.01 -3.85 -7.99
C MET A 27 5.73 -3.69 -7.14
N GLY A 28 4.95 -4.79 -7.08
CA GLY A 28 3.71 -4.82 -6.33
C GLY A 28 3.97 -4.75 -4.82
N ARG A 29 4.94 -5.55 -4.35
CA ARG A 29 5.35 -5.58 -2.93
C ARG A 29 5.95 -4.22 -2.49
N ALA A 30 6.59 -3.53 -3.45
CA ALA A 30 7.18 -2.19 -3.23
C ALA A 30 6.08 -1.16 -2.91
N LEU A 31 5.05 -1.10 -3.80
CA LEU A 31 3.91 -0.17 -3.69
C LEU A 31 3.00 -0.54 -2.51
N TYR A 32 2.94 -1.84 -2.20
CA TYR A 32 2.18 -2.38 -1.08
C TYR A 32 2.73 -1.83 0.25
N ASN A 33 4.07 -1.91 0.40
CA ASN A 33 4.80 -1.40 1.59
C ASN A 33 4.63 0.13 1.73
N ILE A 34 4.70 0.84 0.59
CA ILE A 34 4.47 2.30 0.52
C ILE A 34 3.03 2.64 0.99
N GLY A 35 2.07 1.82 0.54
CA GLY A 35 0.66 2.01 0.88
C GLY A 35 0.38 1.81 2.36
N LEU A 36 1.08 0.84 2.97
CA LEU A 36 0.99 0.55 4.43
C LEU A 36 1.49 1.77 5.23
N GLU A 37 2.57 2.41 4.74
CA GLU A 37 3.15 3.60 5.37
C GLU A 37 2.17 4.80 5.28
N LYS A 38 1.59 5.01 4.09
CA LYS A 38 0.59 6.06 3.82
C LYS A 38 -0.65 5.94 4.75
N ASN A 39 -1.11 4.68 4.96
CA ASN A 39 -2.33 4.37 5.76
C ASN A 39 -2.17 4.85 7.23
N LYS A 40 -0.95 4.64 7.78
CA LYS A 40 -0.60 5.06 9.16
C LYS A 40 -0.62 6.61 9.28
N MET A 41 -0.15 7.28 8.21
CA MET A 41 0.03 8.75 8.17
C MET A 41 -1.33 9.48 8.04
N GLY A 42 -2.41 8.70 7.80
CA GLY A 42 -3.74 9.24 7.53
C GLY A 42 -3.95 9.53 6.06
N LYS A 43 -2.91 9.25 5.25
CA LYS A 43 -2.92 9.40 3.79
C LYS A 43 -3.46 8.12 3.13
N VAL A 44 -4.66 7.76 3.57
CA VAL A 44 -5.33 6.53 3.22
C VAL A 44 -5.88 6.59 1.78
N LYS A 45 -6.15 7.81 1.29
CA LYS A 45 -6.57 8.06 -0.11
C LYS A 45 -5.47 7.57 -1.08
N GLU A 46 -4.21 7.91 -0.74
CA GLU A 46 -3.02 7.49 -1.50
C GLU A 46 -2.77 5.99 -1.28
N ALA A 47 -2.95 5.53 -0.03
CA ALA A 47 -2.72 4.12 0.37
C ALA A 47 -3.54 3.15 -0.52
N ILE A 48 -4.83 3.51 -0.72
CA ILE A 48 -5.77 2.82 -1.63
C ILE A 48 -5.16 2.71 -3.04
N GLU A 49 -4.69 3.86 -3.57
CA GLU A 49 -4.16 3.97 -4.94
C GLU A 49 -2.89 3.12 -5.14
N TYR A 50 -2.07 3.00 -4.07
CA TYR A 50 -0.84 2.17 -4.08
C TYR A 50 -1.18 0.67 -4.02
N PHE A 51 -2.23 0.32 -3.26
CA PHE A 51 -2.74 -1.07 -3.18
C PHE A 51 -3.46 -1.47 -4.47
N LEU A 52 -4.03 -0.46 -5.17
CA LEU A 52 -4.73 -0.67 -6.47
C LEU A 52 -3.70 -0.97 -7.56
N ARG A 53 -2.60 -0.19 -7.56
CA ARG A 53 -1.45 -0.41 -8.45
C ARG A 53 -0.86 -1.79 -8.17
N ALA A 54 -0.57 -2.05 -6.88
CA ALA A 54 0.08 -3.28 -6.42
C ALA A 54 -0.72 -4.51 -6.83
N LYS A 55 -2.04 -4.48 -6.53
CA LYS A 55 -2.97 -5.60 -6.79
C LYS A 55 -3.13 -5.85 -8.30
N LYS A 56 -3.10 -4.76 -9.10
CA LYS A 56 -3.17 -4.80 -10.58
C LYS A 56 -1.92 -5.50 -11.16
N VAL A 57 -0.76 -5.16 -10.58
CA VAL A 57 0.54 -5.69 -11.00
C VAL A 57 0.67 -7.18 -10.61
N PHE A 58 0.17 -7.52 -9.40
CA PHE A 58 0.10 -8.93 -8.92
C PHE A 58 -0.88 -9.76 -9.76
N ASP A 59 -1.95 -9.10 -10.24
CA ASP A 59 -2.98 -9.71 -11.11
C ASP A 59 -2.35 -10.12 -12.43
N ALA A 60 -1.44 -9.29 -12.93
CA ALA A 60 -0.68 -9.55 -14.16
C ALA A 60 0.36 -10.68 -13.95
N GLU A 61 0.98 -10.72 -12.74
CA GLU A 61 1.93 -11.79 -12.35
C GLU A 61 1.20 -13.10 -12.02
N HIS A 62 -0.13 -13.01 -11.83
CA HIS A 62 -0.99 -14.11 -11.34
C HIS A 62 -0.54 -14.58 -9.93
N ASP A 63 0.06 -13.63 -9.17
CA ASP A 63 0.47 -13.82 -7.77
C ASP A 63 -0.77 -13.59 -6.88
N THR A 64 -1.50 -14.71 -6.63
CA THR A 64 -2.79 -14.69 -5.89
C THR A 64 -2.63 -14.20 -4.44
N ASP A 65 -1.43 -14.41 -3.86
CA ASP A 65 -1.11 -14.00 -2.49
C ASP A 65 -1.05 -12.48 -2.38
N GLY A 66 -0.40 -11.84 -3.34
CA GLY A 66 -0.25 -10.40 -3.35
C GLY A 66 -1.53 -9.70 -3.73
N ALA A 67 -2.29 -10.31 -4.65
CA ALA A 67 -3.60 -9.80 -5.10
C ALA A 67 -4.59 -9.75 -3.92
N ARG A 68 -4.61 -10.83 -3.11
CA ARG A 68 -5.49 -10.95 -1.92
C ARG A 68 -4.98 -10.03 -0.77
N ARG A 69 -3.65 -9.84 -0.73
CA ARG A 69 -2.93 -9.10 0.33
C ARG A 69 -3.27 -7.61 0.25
N ALA A 70 -3.16 -7.08 -0.98
CA ALA A 70 -3.45 -5.68 -1.30
C ALA A 70 -4.96 -5.42 -1.26
N ALA A 71 -5.78 -6.44 -1.61
CA ALA A 71 -7.26 -6.38 -1.55
C ALA A 71 -7.77 -6.27 -0.10
N LYS A 72 -7.13 -7.01 0.80
CA LYS A 72 -7.48 -7.05 2.22
C LYS A 72 -7.06 -5.75 2.91
N SER A 73 -5.86 -5.27 2.56
CA SER A 73 -5.31 -3.98 3.04
C SER A 73 -6.11 -2.79 2.49
N LEU A 74 -6.70 -2.98 1.29
CA LEU A 74 -7.68 -2.05 0.70
C LEU A 74 -8.91 -1.93 1.62
N SER A 75 -9.48 -3.09 2.00
CA SER A 75 -10.64 -3.16 2.90
C SER A 75 -10.35 -2.45 4.23
N GLU A 76 -9.15 -2.74 4.77
CA GLU A 76 -8.61 -2.15 6.01
C GLU A 76 -8.41 -0.63 5.88
N ALA A 77 -8.06 -0.17 4.65
CA ALA A 77 -7.85 1.25 4.35
C ALA A 77 -9.21 1.99 4.28
N TYR A 78 -10.19 1.39 3.54
CA TYR A 78 -11.52 2.01 3.30
C TYR A 78 -12.27 2.32 4.63
N GLN A 79 -11.92 1.58 5.70
CA GLN A 79 -12.47 1.78 7.06
C GLN A 79 -12.25 3.23 7.56
N LYS A 80 -11.04 3.75 7.31
CA LYS A 80 -10.63 5.11 7.71
C LYS A 80 -11.32 6.17 6.84
N VAL A 81 -11.56 5.80 5.57
CA VAL A 81 -12.22 6.67 4.57
C VAL A 81 -13.73 6.86 4.92
N GLU A 82 -14.32 5.85 5.61
CA GLU A 82 -15.71 5.93 6.14
C GLU A 82 -15.86 7.06 7.17
N GLY A 83 -14.74 7.42 7.81
CA GLY A 83 -14.70 8.34 8.94
C GLY A 83 -14.44 7.62 10.25
N SER A 84 -14.27 6.28 10.15
CA SER A 84 -13.95 5.43 11.30
C SER A 84 -12.42 5.32 11.42
N GLY A 85 -11.84 6.32 12.10
CA GLY A 85 -10.40 6.36 12.39
C GLY A 85 -10.13 5.89 13.81
N ASP A 86 -9.50 6.76 14.64
CA ASP A 86 -9.30 6.56 16.12
C ASP A 86 -8.27 5.45 16.46
N LYS A 87 -8.04 4.52 15.52
CA LYS A 87 -7.19 3.36 15.72
C LYS A 87 -5.77 3.69 15.21
N GLY A 88 -4.98 4.39 16.05
CA GLY A 88 -3.59 4.69 15.75
C GLY A 88 -2.74 3.44 15.89
N LYS A 89 -2.70 2.64 14.82
CA LYS A 89 -2.01 1.34 14.82
C LYS A 89 -0.56 1.48 14.33
N ILE A 90 0.34 1.72 15.30
CA ILE A 90 1.81 1.67 15.13
C ILE A 90 2.31 2.48 13.93
N PHE A 91 2.46 3.79 14.14
CA PHE A 91 3.02 4.74 13.14
C PHE A 91 4.49 4.41 12.83
N GLN A 92 5.19 3.87 13.83
CA GLN A 92 6.59 3.46 13.73
C GLN A 92 6.71 1.92 13.85
N LYS A 93 6.47 1.21 12.73
CA LYS A 93 6.71 -0.24 12.64
C LYS A 93 8.23 -0.49 12.48
N GLU A 94 8.92 -0.33 13.63
CA GLU A 94 10.38 -0.43 13.75
C GLU A 94 10.75 -1.81 14.31
N GLY A 95 10.88 -2.77 13.38
CA GLY A 95 11.20 -4.16 13.70
C GLY A 95 11.98 -4.80 12.57
N GLU A 96 13.32 -4.78 12.69
CA GLU A 96 14.23 -5.31 11.67
C GLU A 96 14.26 -6.86 11.73
N SER A 97 13.27 -7.45 11.07
CA SER A 97 13.20 -8.90 10.80
C SER A 97 13.23 -9.12 9.27
N ILE A 98 13.13 -8.01 8.51
CA ILE A 98 13.12 -8.01 7.05
C ILE A 98 14.57 -8.17 6.55
N LEU A 99 14.80 -9.19 5.70
CA LEU A 99 16.11 -9.44 5.06
C LEU A 99 15.86 -9.73 3.56
N GLU A 100 16.92 -9.67 2.74
CA GLU A 100 16.82 -9.95 1.29
C GLU A 100 18.24 -10.19 0.72
N GLY A 1 15.13 5.77 12.97
CA GLY A 1 13.98 6.08 12.08
C GLY A 1 13.75 7.57 11.89
N GLY A 2 12.67 7.91 11.19
CA GLY A 2 12.30 9.30 10.93
C GLY A 2 10.95 9.37 10.23
N SER A 3 10.83 10.32 9.28
CA SER A 3 9.62 10.50 8.46
C SER A 3 9.28 9.21 7.67
N PRO A 4 7.97 8.79 7.61
CA PRO A 4 7.54 7.60 6.83
C PRO A 4 7.91 7.72 5.34
N ASP A 5 7.97 8.98 4.88
CA ASP A 5 8.38 9.36 3.50
C ASP A 5 9.80 8.88 3.18
N GLU A 6 10.70 8.95 4.19
CA GLU A 6 12.09 8.48 4.06
C GLU A 6 12.13 6.97 3.75
N ASN A 7 11.28 6.22 4.46
CA ASN A 7 11.17 4.75 4.29
C ASN A 7 10.55 4.41 2.92
N ILE A 8 9.53 5.22 2.54
CA ILE A 8 8.87 5.17 1.22
C ILE A 8 9.90 5.41 0.09
N ALA A 9 10.89 6.29 0.33
CA ALA A 9 11.97 6.60 -0.62
C ALA A 9 12.84 5.36 -0.93
N LYS A 10 13.02 4.50 0.09
CA LYS A 10 13.74 3.22 -0.07
C LYS A 10 12.90 2.24 -0.89
N PHE A 11 11.56 2.29 -0.71
CA PHE A 11 10.61 1.45 -1.46
C PHE A 11 10.45 1.92 -2.91
N GLU A 12 10.68 3.22 -3.15
CA GLU A 12 10.65 3.83 -4.49
C GLU A 12 11.93 3.46 -5.24
N LYS A 13 13.07 3.41 -4.53
CA LYS A 13 14.37 2.97 -5.10
C LYS A 13 14.30 1.45 -5.35
N ALA A 14 13.61 0.72 -4.45
CA ALA A 14 13.38 -0.73 -4.59
C ALA A 14 12.42 -0.99 -5.75
N TYR A 15 11.45 -0.08 -5.92
CA TYR A 15 10.46 -0.14 -7.01
C TYR A 15 11.17 0.04 -8.36
N LYS A 16 12.05 1.05 -8.43
CA LYS A 16 12.78 1.39 -9.65
C LYS A 16 13.84 0.34 -10.00
N LYS A 17 14.43 -0.29 -8.97
CA LYS A 17 15.41 -1.38 -9.15
C LYS A 17 14.69 -2.61 -9.76
N ALA A 18 13.53 -2.94 -9.18
CA ALA A 18 12.64 -4.01 -9.66
C ALA A 18 12.03 -3.65 -11.04
N GLU A 19 11.88 -2.35 -11.34
CA GLU A 19 11.31 -1.82 -12.59
C GLU A 19 12.32 -1.95 -13.76
N GLU A 20 13.61 -1.75 -13.44
CA GLU A 20 14.70 -1.93 -14.43
C GLU A 20 14.91 -3.41 -14.74
N LEU A 21 14.67 -4.26 -13.73
CA LEU A 21 14.66 -5.73 -13.88
C LEU A 21 13.29 -6.22 -14.43
N ASN A 22 12.28 -5.32 -14.34
CA ASN A 22 10.88 -5.54 -14.76
C ASN A 22 10.24 -6.75 -14.01
N GLN A 23 10.74 -7.00 -12.78
CA GLN A 23 10.15 -8.01 -11.88
C GLN A 23 8.83 -7.45 -11.32
N GLY A 24 7.73 -7.83 -11.97
CA GLY A 24 6.39 -7.30 -11.69
C GLY A 24 5.98 -7.44 -10.23
N GLU A 25 6.06 -8.67 -9.72
CA GLU A 25 5.68 -9.03 -8.35
C GLU A 25 6.40 -8.13 -7.32
N LEU A 26 7.71 -7.95 -7.51
CA LEU A 26 8.57 -7.19 -6.60
C LEU A 26 8.16 -5.70 -6.58
N MET A 27 7.82 -5.18 -7.78
CA MET A 27 7.30 -3.81 -7.94
C MET A 27 5.96 -3.64 -7.19
N GLY A 28 5.09 -4.66 -7.26
CA GLY A 28 3.82 -4.68 -6.54
C GLY A 28 4.03 -4.64 -5.03
N ARG A 29 5.06 -5.37 -4.55
CA ARG A 29 5.44 -5.41 -3.12
C ARG A 29 5.92 -4.03 -2.65
N ALA A 30 6.65 -3.33 -3.54
CA ALA A 30 7.17 -1.99 -3.28
C ALA A 30 6.03 -0.98 -3.03
N LEU A 31 5.03 -1.02 -3.92
CA LEU A 31 3.83 -0.17 -3.86
C LEU A 31 2.99 -0.48 -2.61
N TYR A 32 2.90 -1.78 -2.29
CA TYR A 32 2.16 -2.29 -1.12
C TYR A 32 2.78 -1.74 0.19
N ASN A 33 4.14 -1.73 0.25
CA ASN A 33 4.91 -1.25 1.43
C ASN A 33 4.71 0.28 1.62
N ILE A 34 4.73 1.03 0.49
CA ILE A 34 4.44 2.48 0.47
C ILE A 34 3.03 2.74 1.01
N GLY A 35 2.07 1.90 0.54
CA GLY A 35 0.66 2.02 0.90
C GLY A 35 0.40 1.85 2.40
N LEU A 36 1.10 0.89 3.01
CA LEU A 36 1.01 0.64 4.47
C LEU A 36 1.41 1.90 5.28
N GLU A 37 2.45 2.59 4.80
CA GLU A 37 2.98 3.81 5.45
C GLU A 37 2.18 5.07 5.09
N LYS A 38 1.53 5.08 3.92
CA LYS A 38 0.56 6.14 3.57
C LYS A 38 -0.63 6.07 4.54
N ASN A 39 -1.03 4.83 4.86
CA ASN A 39 -2.18 4.52 5.71
C ASN A 39 -1.96 5.07 7.15
N LYS A 40 -0.79 4.79 7.74
CA LYS A 40 -0.47 5.22 9.13
C LYS A 40 -0.31 6.76 9.26
N MET A 41 -0.04 7.45 8.13
CA MET A 41 0.05 8.93 8.11
C MET A 41 -1.33 9.59 8.05
N GLY A 42 -2.35 8.83 7.66
CA GLY A 42 -3.69 9.38 7.41
C GLY A 42 -3.88 9.75 5.95
N LYS A 43 -2.85 9.49 5.13
CA LYS A 43 -2.88 9.67 3.68
C LYS A 43 -3.34 8.35 3.03
N VAL A 44 -4.49 7.88 3.51
CA VAL A 44 -5.02 6.55 3.20
C VAL A 44 -5.64 6.52 1.78
N LYS A 45 -6.03 7.70 1.25
CA LYS A 45 -6.49 7.83 -0.15
C LYS A 45 -5.38 7.33 -1.12
N GLU A 46 -4.13 7.78 -0.85
CA GLU A 46 -2.93 7.31 -1.58
C GLU A 46 -2.74 5.81 -1.36
N ALA A 47 -2.86 5.38 -0.07
CA ALA A 47 -2.68 3.97 0.35
C ALA A 47 -3.58 3.03 -0.45
N ILE A 48 -4.84 3.44 -0.64
CA ILE A 48 -5.84 2.71 -1.44
C ILE A 48 -5.32 2.50 -2.86
N GLU A 49 -4.88 3.59 -3.50
CA GLU A 49 -4.38 3.57 -4.88
C GLU A 49 -3.09 2.74 -4.99
N TYR A 50 -2.26 2.72 -3.93
CA TYR A 50 -1.01 1.94 -3.91
C TYR A 50 -1.30 0.44 -3.78
N PHE A 51 -2.36 0.09 -3.01
CA PHE A 51 -2.82 -1.29 -2.87
C PHE A 51 -3.53 -1.74 -4.17
N LEU A 52 -4.13 -0.77 -4.89
CA LEU A 52 -4.83 -1.02 -6.18
C LEU A 52 -3.82 -1.29 -7.29
N ARG A 53 -2.75 -0.46 -7.34
CA ARG A 53 -1.66 -0.58 -8.31
C ARG A 53 -0.89 -1.89 -8.06
N ALA A 54 -0.60 -2.15 -6.77
CA ALA A 54 0.08 -3.38 -6.33
C ALA A 54 -0.71 -4.62 -6.74
N LYS A 55 -2.01 -4.62 -6.40
CA LYS A 55 -2.95 -5.71 -6.71
C LYS A 55 -3.00 -5.98 -8.21
N LYS A 56 -3.10 -4.89 -9.00
CA LYS A 56 -3.23 -4.94 -10.47
C LYS A 56 -2.02 -5.65 -11.09
N VAL A 57 -0.83 -5.39 -10.52
CA VAL A 57 0.40 -6.02 -10.97
C VAL A 57 0.38 -7.53 -10.60
N PHE A 58 -0.06 -7.85 -9.36
CA PHE A 58 -0.20 -9.26 -8.90
C PHE A 58 -1.27 -10.04 -9.71
N ASP A 59 -2.26 -9.30 -10.26
CA ASP A 59 -3.30 -9.88 -11.16
C ASP A 59 -2.66 -10.27 -12.52
N ALA A 60 -1.66 -9.47 -12.95
CA ALA A 60 -0.85 -9.74 -14.16
C ALA A 60 0.14 -10.90 -13.90
N GLU A 61 0.68 -10.95 -12.67
CA GLU A 61 1.64 -11.98 -12.22
C GLU A 61 0.92 -13.33 -11.94
N HIS A 62 -0.44 -13.25 -11.80
CA HIS A 62 -1.30 -14.39 -11.45
C HIS A 62 -1.03 -14.90 -10.02
N ASP A 63 -0.44 -14.04 -9.18
CA ASP A 63 -0.28 -14.30 -7.74
C ASP A 63 -1.57 -13.89 -7.02
N THR A 64 -2.52 -14.85 -6.93
CA THR A 64 -3.84 -14.65 -6.28
C THR A 64 -3.68 -14.29 -4.79
N ASP A 65 -2.61 -14.83 -4.16
CA ASP A 65 -2.22 -14.52 -2.78
C ASP A 65 -1.93 -13.01 -2.63
N GLY A 66 -1.06 -12.47 -3.51
CA GLY A 66 -0.66 -11.06 -3.45
C GLY A 66 -1.78 -10.09 -3.80
N ALA A 67 -2.62 -10.47 -4.79
CA ALA A 67 -3.75 -9.66 -5.24
C ALA A 67 -4.79 -9.49 -4.12
N ARG A 68 -5.15 -10.63 -3.51
CA ARG A 68 -6.07 -10.69 -2.37
C ARG A 68 -5.44 -10.06 -1.10
N ARG A 69 -4.11 -10.12 -0.97
CA ARG A 69 -3.36 -9.53 0.16
C ARG A 69 -3.49 -8.00 0.17
N ALA A 70 -3.33 -7.40 -1.02
CA ALA A 70 -3.47 -5.95 -1.21
C ALA A 70 -4.94 -5.52 -1.04
N ALA A 71 -5.87 -6.36 -1.54
CA ALA A 71 -7.32 -6.16 -1.41
C ALA A 71 -7.81 -6.33 0.05
N LYS A 72 -7.08 -7.13 0.84
CA LYS A 72 -7.34 -7.34 2.27
C LYS A 72 -7.02 -6.05 3.05
N SER A 73 -5.89 -5.42 2.68
CA SER A 73 -5.44 -4.16 3.25
C SER A 73 -6.36 -2.99 2.79
N LEU A 74 -6.92 -3.12 1.57
CA LEU A 74 -7.95 -2.21 1.04
C LEU A 74 -9.21 -2.23 1.91
N SER A 75 -9.66 -3.45 2.26
CA SER A 75 -10.91 -3.68 2.99
C SER A 75 -10.91 -2.91 4.34
N GLU A 76 -9.73 -2.87 5.00
CA GLU A 76 -9.51 -2.13 6.26
C GLU A 76 -9.35 -0.62 6.01
N ALA A 77 -8.66 -0.27 4.90
CA ALA A 77 -8.39 1.13 4.51
C ALA A 77 -9.70 1.90 4.27
N TYR A 78 -10.68 1.24 3.62
CA TYR A 78 -12.00 1.82 3.32
C TYR A 78 -12.82 2.10 4.61
N GLN A 79 -12.53 1.35 5.70
CA GLN A 79 -13.27 1.51 6.98
C GLN A 79 -12.97 2.87 7.63
N LYS A 80 -11.69 3.27 7.60
CA LYS A 80 -11.26 4.53 8.21
C LYS A 80 -11.49 5.74 7.29
N VAL A 81 -11.40 5.54 5.96
CA VAL A 81 -11.64 6.59 4.96
C VAL A 81 -13.13 6.99 4.97
N GLU A 82 -13.99 6.02 4.63
CA GLU A 82 -15.43 6.26 4.43
C GLU A 82 -16.20 6.24 5.77
N GLY A 83 -15.61 5.61 6.80
CA GLY A 83 -16.14 5.68 8.16
C GLY A 83 -15.66 6.93 8.91
N SER A 84 -14.56 7.54 8.39
CA SER A 84 -13.93 8.74 8.98
C SER A 84 -13.41 8.46 10.41
N GLY A 85 -12.71 7.32 10.55
CA GLY A 85 -12.10 6.89 11.81
C GLY A 85 -10.63 6.58 11.61
N ASP A 86 -9.91 7.57 11.05
CA ASP A 86 -8.52 7.42 10.61
C ASP A 86 -7.55 7.43 11.81
N LYS A 87 -7.29 6.23 12.33
CA LYS A 87 -6.27 6.00 13.37
C LYS A 87 -5.01 5.43 12.71
N GLY A 88 -3.85 6.05 12.97
CA GLY A 88 -2.55 5.60 12.45
C GLY A 88 -1.93 4.48 13.29
N LYS A 89 -2.80 3.60 13.82
CA LYS A 89 -2.39 2.43 14.60
C LYS A 89 -1.89 1.34 13.64
N ILE A 90 -0.58 1.07 13.70
CA ILE A 90 0.04 -0.04 12.98
C ILE A 90 -0.37 -1.37 13.63
N PHE A 91 -1.50 -1.93 13.15
CA PHE A 91 -1.98 -3.23 13.60
C PHE A 91 -1.00 -4.29 13.07
N GLN A 92 -0.26 -4.89 14.02
CA GLN A 92 0.81 -5.87 13.74
C GLN A 92 0.26 -7.10 12.99
N LYS A 93 0.95 -7.49 11.91
CA LYS A 93 0.50 -8.56 11.00
C LYS A 93 0.97 -9.94 11.48
N GLU A 94 0.00 -10.83 11.71
CA GLU A 94 0.23 -12.23 12.11
C GLU A 94 -0.55 -13.17 11.16
N GLY A 95 0.04 -14.34 10.85
CA GLY A 95 -0.59 -15.34 9.97
C GLY A 95 -0.65 -16.70 10.64
N GLU A 96 -0.57 -17.77 9.82
CA GLU A 96 -0.60 -19.16 10.30
C GLU A 96 0.84 -19.58 10.71
N SER A 97 1.27 -19.07 11.87
CA SER A 97 2.62 -19.30 12.41
C SER A 97 2.76 -20.71 13.02
N ILE A 98 1.62 -21.37 13.31
CA ILE A 98 1.57 -22.76 13.78
C ILE A 98 2.05 -23.73 12.69
N LEU A 99 2.87 -24.73 13.06
CA LEU A 99 3.37 -25.74 12.13
C LEU A 99 2.67 -27.09 12.39
N GLU A 100 3.09 -27.77 13.47
CA GLU A 100 2.49 -29.06 13.92
C GLU A 100 2.48 -29.10 15.45
N GLY A 1 15.50 5.36 5.23
CA GLY A 1 14.51 4.31 5.56
C GLY A 1 14.26 4.21 7.06
N GLY A 2 13.47 5.16 7.61
CA GLY A 2 13.15 5.20 9.03
C GLY A 2 11.71 5.60 9.29
N SER A 3 11.45 6.92 9.40
CA SER A 3 10.09 7.48 9.55
C SER A 3 9.27 7.18 8.28
N PRO A 4 7.96 6.73 8.40
CA PRO A 4 7.16 6.21 7.25
C PRO A 4 7.21 7.09 5.97
N ASP A 5 7.14 8.42 6.16
CA ASP A 5 7.21 9.42 5.05
C ASP A 5 8.54 9.31 4.28
N GLU A 6 9.63 9.26 5.05
CA GLU A 6 11.01 9.21 4.53
C GLU A 6 11.33 7.79 4.01
N ASN A 7 10.72 6.77 4.65
CA ASN A 7 11.00 5.33 4.40
C ASN A 7 10.51 4.91 3.00
N ILE A 8 9.48 5.63 2.51
CA ILE A 8 8.95 5.50 1.14
C ILE A 8 10.07 5.61 0.09
N ALA A 9 11.00 6.57 0.29
CA ALA A 9 12.11 6.84 -0.66
C ALA A 9 12.97 5.58 -0.95
N LYS A 10 13.13 4.72 0.08
CA LYS A 10 13.80 3.41 -0.05
C LYS A 10 12.97 2.47 -0.96
N PHE A 11 11.65 2.43 -0.72
CA PHE A 11 10.71 1.57 -1.46
C PHE A 11 10.49 2.06 -2.91
N GLU A 12 10.70 3.37 -3.14
CA GLU A 12 10.65 3.98 -4.49
C GLU A 12 11.82 3.45 -5.35
N LYS A 13 12.99 3.31 -4.72
CA LYS A 13 14.21 2.78 -5.35
C LYS A 13 14.11 1.24 -5.49
N ALA A 14 13.45 0.59 -4.52
CA ALA A 14 13.13 -0.84 -4.57
C ALA A 14 12.15 -1.12 -5.72
N TYR A 15 11.24 -0.15 -5.95
CA TYR A 15 10.29 -0.17 -7.07
C TYR A 15 11.04 -0.05 -8.39
N LYS A 16 12.00 0.89 -8.44
CA LYS A 16 12.76 1.20 -9.67
C LYS A 16 13.80 0.12 -10.00
N LYS A 17 14.25 -0.65 -8.98
CA LYS A 17 15.12 -1.82 -9.21
C LYS A 17 14.26 -2.96 -9.79
N ALA A 18 13.01 -3.03 -9.32
CA ALA A 18 12.00 -3.95 -9.85
C ALA A 18 11.56 -3.55 -11.28
N GLU A 19 11.48 -2.21 -11.50
CA GLU A 19 10.96 -1.57 -12.74
C GLU A 19 11.99 -1.63 -13.89
N GLU A 20 13.27 -1.43 -13.56
CA GLU A 20 14.38 -1.50 -14.56
C GLU A 20 14.45 -2.91 -15.18
N LEU A 21 14.11 -3.92 -14.35
CA LEU A 21 14.10 -5.33 -14.74
C LEU A 21 12.70 -5.73 -15.28
N ASN A 22 11.68 -4.89 -14.95
CA ASN A 22 10.27 -5.08 -15.36
C ASN A 22 9.68 -6.41 -14.84
N GLN A 23 10.22 -6.89 -13.69
CA GLN A 23 9.89 -8.22 -13.13
C GLN A 23 8.39 -8.38 -12.87
N GLY A 24 7.90 -7.68 -11.84
CA GLY A 24 6.50 -7.74 -11.45
C GLY A 24 6.34 -7.61 -9.95
N GLU A 25 6.32 -8.76 -9.24
CA GLU A 25 5.88 -8.85 -7.83
C GLU A 25 6.67 -7.93 -6.90
N LEU A 26 7.93 -7.67 -7.25
CA LEU A 26 8.81 -6.74 -6.55
C LEU A 26 8.21 -5.31 -6.58
N MET A 27 7.75 -4.87 -7.77
CA MET A 27 7.03 -3.59 -7.93
C MET A 27 5.75 -3.58 -7.07
N GLY A 28 5.01 -4.70 -7.10
CA GLY A 28 3.80 -4.88 -6.30
C GLY A 28 4.06 -4.78 -4.79
N ARG A 29 5.22 -5.33 -4.36
CA ARG A 29 5.65 -5.30 -2.94
C ARG A 29 6.00 -3.87 -2.52
N ALA A 30 6.72 -3.18 -3.42
CA ALA A 30 7.18 -1.81 -3.20
C ALA A 30 5.99 -0.86 -3.01
N LEU A 31 5.04 -0.93 -3.95
CA LEU A 31 3.77 -0.17 -3.92
C LEU A 31 3.00 -0.46 -2.62
N TYR A 32 2.87 -1.76 -2.28
CA TYR A 32 2.12 -2.22 -1.10
C TYR A 32 2.72 -1.62 0.20
N ASN A 33 4.07 -1.67 0.30
CA ASN A 33 4.81 -1.17 1.49
C ASN A 33 4.69 0.36 1.62
N ILE A 34 4.78 1.07 0.48
CA ILE A 34 4.59 2.55 0.43
C ILE A 34 3.17 2.90 0.89
N GLY A 35 2.20 2.09 0.42
CA GLY A 35 0.80 2.25 0.79
C GLY A 35 0.57 2.09 2.29
N LEU A 36 1.32 1.14 2.88
CA LEU A 36 1.31 0.92 4.34
C LEU A 36 1.82 2.18 5.05
N GLU A 37 2.94 2.75 4.54
CA GLU A 37 3.55 3.99 5.12
C GLU A 37 2.54 5.16 5.10
N LYS A 38 1.79 5.27 3.98
CA LYS A 38 0.74 6.31 3.80
C LYS A 38 -0.37 6.12 4.86
N ASN A 39 -0.85 4.87 4.99
CA ASN A 39 -1.95 4.48 5.89
C ASN A 39 -1.59 4.76 7.38
N LYS A 40 -0.29 4.62 7.70
CA LYS A 40 0.27 4.94 9.05
C LYS A 40 0.22 6.46 9.30
N MET A 41 0.52 7.24 8.25
CA MET A 41 0.53 8.72 8.29
C MET A 41 -0.89 9.31 8.20
N GLY A 42 -1.90 8.46 7.96
CA GLY A 42 -3.29 8.91 7.78
C GLY A 42 -3.57 9.41 6.37
N LYS A 43 -2.63 9.14 5.45
CA LYS A 43 -2.73 9.44 4.01
C LYS A 43 -3.36 8.23 3.29
N VAL A 44 -4.54 7.81 3.76
CA VAL A 44 -5.18 6.55 3.35
C VAL A 44 -5.66 6.60 1.87
N LYS A 45 -5.94 7.81 1.36
CA LYS A 45 -6.32 8.02 -0.07
C LYS A 45 -5.19 7.60 -1.01
N GLU A 46 -3.97 8.06 -0.68
CA GLU A 46 -2.73 7.71 -1.41
C GLU A 46 -2.43 6.21 -1.24
N ALA A 47 -2.66 5.71 0.00
CA ALA A 47 -2.47 4.30 0.37
C ALA A 47 -3.24 3.36 -0.56
N ILE A 48 -4.53 3.72 -0.80
CA ILE A 48 -5.45 3.00 -1.72
C ILE A 48 -4.79 2.85 -3.10
N GLU A 49 -4.35 3.99 -3.66
CA GLU A 49 -3.75 4.07 -5.01
C GLU A 49 -2.57 3.09 -5.18
N TYR A 50 -1.75 2.96 -4.13
CA TYR A 50 -0.59 2.04 -4.12
C TYR A 50 -1.03 0.57 -4.00
N PHE A 51 -2.06 0.30 -3.17
CA PHE A 51 -2.60 -1.06 -2.99
C PHE A 51 -3.36 -1.53 -4.26
N LEU A 52 -3.91 -0.56 -5.02
CA LEU A 52 -4.64 -0.82 -6.28
C LEU A 52 -3.66 -1.32 -7.33
N ARG A 53 -2.55 -0.57 -7.46
CA ARG A 53 -1.46 -0.86 -8.37
C ARG A 53 -0.69 -2.13 -7.94
N ALA A 54 -0.59 -2.34 -6.61
CA ALA A 54 0.07 -3.53 -6.04
C ALA A 54 -0.71 -4.80 -6.42
N LYS A 55 -2.04 -4.74 -6.16
CA LYS A 55 -2.98 -5.82 -6.47
C LYS A 55 -2.99 -6.13 -7.97
N LYS A 56 -2.95 -5.06 -8.77
CA LYS A 56 -2.96 -5.11 -10.23
C LYS A 56 -1.75 -5.89 -10.78
N VAL A 57 -0.57 -5.60 -10.20
CA VAL A 57 0.69 -6.24 -10.60
C VAL A 57 0.68 -7.75 -10.26
N PHE A 58 0.34 -8.07 -9.00
CA PHE A 58 0.21 -9.47 -8.53
C PHE A 58 -0.85 -10.24 -9.35
N ASP A 59 -1.94 -9.54 -9.73
CA ASP A 59 -3.06 -10.13 -10.52
C ASP A 59 -2.59 -10.52 -11.92
N ALA A 60 -1.74 -9.66 -12.52
CA ALA A 60 -1.13 -9.92 -13.85
C ALA A 60 -0.33 -11.22 -13.86
N GLU A 61 0.35 -11.48 -12.73
CA GLU A 61 1.22 -12.66 -12.52
C GLU A 61 0.43 -13.87 -12.01
N HIS A 62 -0.85 -13.63 -11.65
CA HIS A 62 -1.76 -14.63 -11.06
C HIS A 62 -1.29 -15.07 -9.65
N ASP A 63 -0.59 -14.16 -8.95
CA ASP A 63 -0.16 -14.34 -7.55
C ASP A 63 -1.38 -14.07 -6.65
N THR A 64 -2.03 -15.17 -6.24
CA THR A 64 -3.29 -15.14 -5.49
C THR A 64 -3.12 -14.46 -4.12
N ASP A 65 -2.01 -14.75 -3.41
CA ASP A 65 -1.75 -14.22 -2.06
C ASP A 65 -1.69 -12.70 -2.09
N GLY A 66 -0.79 -12.16 -2.94
CA GLY A 66 -0.45 -10.74 -2.95
C GLY A 66 -1.56 -9.83 -3.45
N ALA A 67 -2.36 -10.31 -4.42
CA ALA A 67 -3.50 -9.54 -4.96
C ALA A 67 -4.61 -9.44 -3.90
N ARG A 68 -4.88 -10.57 -3.24
CA ARG A 68 -5.85 -10.65 -2.11
C ARG A 68 -5.32 -9.91 -0.86
N ARG A 69 -3.97 -9.88 -0.72
CA ARG A 69 -3.25 -9.23 0.40
C ARG A 69 -3.39 -7.71 0.32
N ALA A 70 -3.26 -7.19 -0.91
CA ALA A 70 -3.47 -5.77 -1.21
C ALA A 70 -4.95 -5.41 -1.07
N ALA A 71 -5.81 -6.34 -1.51
CA ALA A 71 -7.28 -6.23 -1.36
C ALA A 71 -7.72 -6.25 0.12
N LYS A 72 -6.93 -6.96 0.96
CA LYS A 72 -7.19 -7.11 2.41
C LYS A 72 -6.91 -5.79 3.14
N SER A 73 -5.75 -5.17 2.82
CA SER A 73 -5.35 -3.87 3.36
C SER A 73 -6.26 -2.74 2.81
N LEU A 74 -6.77 -2.95 1.58
CA LEU A 74 -7.81 -2.11 0.96
C LEU A 74 -9.15 -2.23 1.70
N SER A 75 -9.48 -3.46 2.18
CA SER A 75 -10.74 -3.71 2.90
C SER A 75 -10.79 -2.92 4.23
N GLU A 76 -9.61 -2.76 4.86
CA GLU A 76 -9.44 -1.87 6.02
C GLU A 76 -9.53 -0.40 5.59
N ALA A 77 -8.79 -0.06 4.52
CA ALA A 77 -8.63 1.32 4.01
C ALA A 77 -9.99 1.97 3.69
N TYR A 78 -10.82 1.25 2.91
CA TYR A 78 -12.13 1.74 2.40
C TYR A 78 -13.11 2.05 3.53
N GLN A 79 -13.05 1.27 4.62
CA GLN A 79 -13.86 1.53 5.82
C GLN A 79 -13.43 2.87 6.44
N LYS A 80 -12.10 3.05 6.60
CA LYS A 80 -11.50 4.24 7.24
C LYS A 80 -11.70 5.50 6.38
N VAL A 81 -11.96 5.29 5.09
CA VAL A 81 -12.23 6.36 4.10
C VAL A 81 -13.71 6.81 4.16
N GLU A 82 -14.63 5.84 4.13
CA GLU A 82 -16.08 6.10 4.02
C GLU A 82 -16.73 6.37 5.39
N GLY A 83 -16.57 5.42 6.33
CA GLY A 83 -17.20 5.53 7.65
C GLY A 83 -16.52 4.65 8.69
N SER A 84 -15.30 5.04 9.09
CA SER A 84 -14.52 4.40 10.18
C SER A 84 -13.24 5.25 10.42
N GLY A 85 -13.43 6.55 10.60
CA GLY A 85 -12.33 7.48 10.91
C GLY A 85 -12.00 7.45 12.40
N ASP A 86 -11.26 6.39 12.80
CA ASP A 86 -10.90 6.14 14.21
C ASP A 86 -9.90 7.19 14.71
N LYS A 87 -10.27 7.87 15.81
CA LYS A 87 -9.50 8.97 16.41
C LYS A 87 -8.29 8.41 17.19
N GLY A 88 -7.22 9.23 17.28
CA GLY A 88 -6.00 8.84 17.95
C GLY A 88 -4.94 8.30 16.99
N LYS A 89 -5.39 7.48 15.98
CA LYS A 89 -4.52 6.81 14.98
C LYS A 89 -3.56 5.79 15.64
N ILE A 90 -2.71 5.16 14.83
CA ILE A 90 -1.70 4.19 15.31
C ILE A 90 -0.29 4.59 14.81
N PHE A 91 0.60 4.86 15.76
CA PHE A 91 2.04 5.08 15.50
C PHE A 91 2.72 3.71 15.28
N GLN A 92 2.12 2.67 15.92
CA GLN A 92 2.62 1.28 15.95
C GLN A 92 3.92 1.17 16.78
N LYS A 93 4.44 -0.08 16.88
CA LYS A 93 5.71 -0.39 17.60
C LYS A 93 5.58 -0.15 19.14
N GLU A 94 4.32 -0.08 19.60
CA GLU A 94 3.98 0.14 21.03
C GLU A 94 4.30 -1.13 21.86
N GLY A 95 5.43 -1.09 22.56
CA GLY A 95 5.94 -2.24 23.33
C GLY A 95 6.61 -1.79 24.62
N GLU A 96 6.35 -2.54 25.71
CA GLU A 96 6.84 -2.20 27.06
C GLU A 96 8.34 -2.54 27.20
N SER A 97 9.15 -1.48 27.45
CA SER A 97 10.59 -1.58 27.73
C SER A 97 11.39 -2.01 26.47
N ILE A 98 11.66 -1.02 25.59
CA ILE A 98 12.51 -1.22 24.39
C ILE A 98 13.97 -0.84 24.71
N LEU A 99 14.92 -1.42 23.95
CA LEU A 99 16.39 -1.22 24.13
C LEU A 99 16.85 -1.77 25.51
N GLU A 100 17.13 -3.07 25.56
CA GLU A 100 17.60 -3.77 26.77
C GLU A 100 18.84 -4.64 26.47
N GLY A 1 15.41 10.81 11.57
CA GLY A 1 14.53 10.44 10.44
C GLY A 1 13.91 9.06 10.63
N GLY A 2 13.97 8.23 9.57
CA GLY A 2 13.31 6.92 9.55
C GLY A 2 11.80 7.03 9.38
N SER A 3 11.34 8.23 8.99
CA SER A 3 9.91 8.58 8.89
C SER A 3 9.18 7.75 7.81
N PRO A 4 7.83 7.48 7.96
CA PRO A 4 7.04 6.69 6.96
C PRO A 4 7.21 7.20 5.50
N ASP A 5 7.24 8.54 5.33
CA ASP A 5 7.45 9.19 4.02
C ASP A 5 8.87 8.91 3.47
N GLU A 6 9.88 8.88 4.37
CA GLU A 6 11.27 8.53 4.01
C GLU A 6 11.33 7.06 3.51
N ASN A 7 10.53 6.18 4.15
CA ASN A 7 10.43 4.76 3.78
C ASN A 7 9.74 4.59 2.42
N ILE A 8 8.77 5.47 2.10
CA ILE A 8 8.12 5.52 0.76
C ILE A 8 9.18 5.61 -0.33
N ALA A 9 10.11 6.58 -0.17
CA ALA A 9 11.22 6.82 -1.10
C ALA A 9 12.14 5.58 -1.19
N LYS A 10 12.33 4.90 -0.05
CA LYS A 10 13.14 3.66 0.04
C LYS A 10 12.47 2.49 -0.74
N PHE A 11 11.13 2.41 -0.67
CA PHE A 11 10.35 1.38 -1.37
C PHE A 11 10.26 1.67 -2.88
N GLU A 12 10.40 2.97 -3.24
CA GLU A 12 10.50 3.42 -4.65
C GLU A 12 11.85 3.00 -5.25
N LYS A 13 12.90 2.95 -4.42
CA LYS A 13 14.23 2.43 -4.80
C LYS A 13 14.10 0.93 -5.15
N ALA A 14 13.32 0.21 -4.32
CA ALA A 14 13.02 -1.22 -4.52
C ALA A 14 12.08 -1.42 -5.74
N TYR A 15 11.22 -0.42 -6.02
CA TYR A 15 10.27 -0.43 -7.16
C TYR A 15 11.00 -0.33 -8.51
N LYS A 16 11.97 0.59 -8.56
CA LYS A 16 12.73 0.87 -9.79
C LYS A 16 13.77 -0.22 -10.05
N LYS A 17 14.33 -0.81 -8.96
CA LYS A 17 15.22 -1.99 -9.06
C LYS A 17 14.43 -3.20 -9.58
N ALA A 18 13.21 -3.36 -9.02
CA ALA A 18 12.25 -4.41 -9.44
C ALA A 18 11.91 -4.30 -10.93
N GLU A 19 11.78 -3.04 -11.40
CA GLU A 19 11.50 -2.69 -12.80
C GLU A 19 12.68 -3.07 -13.71
N GLU A 20 13.92 -2.86 -13.21
CA GLU A 20 15.15 -3.22 -13.94
C GLU A 20 15.32 -4.75 -13.99
N LEU A 21 14.84 -5.44 -12.95
CA LEU A 21 14.81 -6.91 -12.89
C LEU A 21 13.63 -7.47 -13.73
N ASN A 22 12.70 -6.56 -14.12
CA ASN A 22 11.53 -6.87 -14.96
C ASN A 22 10.59 -7.88 -14.26
N GLN A 23 10.57 -7.81 -12.92
CA GLN A 23 9.76 -8.68 -12.06
C GLN A 23 8.66 -7.84 -11.42
N GLY A 24 7.42 -8.03 -11.94
CA GLY A 24 6.28 -7.23 -11.55
C GLY A 24 5.87 -7.45 -10.10
N GLU A 25 5.95 -8.70 -9.62
CA GLU A 25 5.56 -9.08 -8.24
C GLU A 25 6.32 -8.25 -7.18
N LEU A 26 7.61 -7.95 -7.46
CA LEU A 26 8.46 -7.08 -6.64
C LEU A 26 7.93 -5.61 -6.67
N MET A 27 7.55 -5.15 -7.88
CA MET A 27 7.01 -3.78 -8.10
C MET A 27 5.66 -3.59 -7.38
N GLY A 28 4.87 -4.68 -7.34
CA GLY A 28 3.59 -4.69 -6.65
C GLY A 28 3.78 -4.55 -5.15
N ARG A 29 4.74 -5.33 -4.61
CA ARG A 29 5.11 -5.28 -3.17
C ARG A 29 5.64 -3.88 -2.79
N ALA A 30 6.34 -3.24 -3.74
CA ALA A 30 6.94 -1.91 -3.55
C ALA A 30 5.85 -0.85 -3.35
N LEU A 31 4.87 -0.80 -4.30
CA LEU A 31 3.71 0.12 -4.25
C LEU A 31 2.84 -0.15 -3.01
N TYR A 32 2.73 -1.45 -2.68
CA TYR A 32 1.99 -1.94 -1.50
C TYR A 32 2.58 -1.34 -0.20
N ASN A 33 3.92 -1.42 -0.06
CA ASN A 33 4.65 -0.95 1.14
C ASN A 33 4.56 0.58 1.28
N ILE A 34 4.61 1.29 0.13
CA ILE A 34 4.39 2.74 0.05
C ILE A 34 2.98 3.10 0.57
N GLY A 35 2.00 2.28 0.16
CA GLY A 35 0.61 2.41 0.58
C GLY A 35 0.44 2.21 2.08
N LEU A 36 1.26 1.31 2.67
CA LEU A 36 1.26 1.04 4.12
C LEU A 36 1.70 2.29 4.90
N GLU A 37 2.68 3.02 4.33
CA GLU A 37 3.22 4.24 4.93
C GLU A 37 2.20 5.39 4.83
N LYS A 38 1.51 5.48 3.69
CA LYS A 38 0.40 6.45 3.48
C LYS A 38 -0.73 6.19 4.51
N ASN A 39 -1.07 4.90 4.69
CA ASN A 39 -2.19 4.44 5.55
C ASN A 39 -1.94 4.82 7.02
N LYS A 40 -0.69 4.59 7.49
CA LYS A 40 -0.29 4.86 8.90
C LYS A 40 -0.12 6.39 9.15
N MET A 41 0.08 7.18 8.08
CA MET A 41 0.17 8.67 8.14
C MET A 41 -1.23 9.32 8.11
N GLY A 42 -2.28 8.49 8.01
CA GLY A 42 -3.67 8.97 7.92
C GLY A 42 -4.07 9.38 6.50
N LYS A 43 -3.13 9.21 5.56
CA LYS A 43 -3.33 9.48 4.13
C LYS A 43 -3.76 8.18 3.44
N VAL A 44 -4.86 7.63 3.98
CA VAL A 44 -5.43 6.33 3.62
C VAL A 44 -5.96 6.34 2.16
N LYS A 45 -6.32 7.53 1.63
CA LYS A 45 -6.77 7.70 0.23
C LYS A 45 -5.65 7.35 -0.76
N GLU A 46 -4.46 7.95 -0.55
CA GLU A 46 -3.25 7.68 -1.35
C GLU A 46 -2.79 6.22 -1.17
N ALA A 47 -3.02 5.68 0.05
CA ALA A 47 -2.74 4.26 0.38
C ALA A 47 -3.50 3.33 -0.56
N ILE A 48 -4.83 3.59 -0.68
CA ILE A 48 -5.75 2.86 -1.55
C ILE A 48 -5.27 2.88 -3.01
N GLU A 49 -4.86 4.09 -3.47
CA GLU A 49 -4.32 4.31 -4.83
C GLU A 49 -3.16 3.34 -5.12
N TYR A 50 -2.25 3.24 -4.14
CA TYR A 50 -1.05 2.39 -4.23
C TYR A 50 -1.37 0.89 -4.10
N PHE A 51 -2.41 0.54 -3.32
CA PHE A 51 -2.83 -0.88 -3.15
C PHE A 51 -3.57 -1.37 -4.41
N LEU A 52 -4.23 -0.43 -5.12
CA LEU A 52 -4.97 -0.72 -6.36
C LEU A 52 -3.99 -0.93 -7.52
N ARG A 53 -2.95 -0.07 -7.55
CA ARG A 53 -1.84 -0.17 -8.51
C ARG A 53 -0.96 -1.39 -8.19
N ALA A 54 -0.77 -1.69 -6.89
CA ALA A 54 -0.01 -2.86 -6.42
C ALA A 54 -0.68 -4.14 -6.88
N LYS A 55 -2.00 -4.23 -6.59
CA LYS A 55 -2.83 -5.39 -6.91
C LYS A 55 -2.95 -5.58 -8.42
N LYS A 56 -2.99 -4.45 -9.17
CA LYS A 56 -2.98 -4.45 -10.64
C LYS A 56 -1.77 -5.20 -11.20
N VAL A 57 -0.59 -4.91 -10.65
CA VAL A 57 0.66 -5.52 -11.08
C VAL A 57 0.71 -7.01 -10.64
N PHE A 58 0.12 -7.32 -9.46
CA PHE A 58 -0.02 -8.72 -8.96
C PHE A 58 -0.95 -9.54 -9.87
N ASP A 59 -2.04 -8.91 -10.37
CA ASP A 59 -3.01 -9.55 -11.28
C ASP A 59 -2.35 -9.81 -12.64
N ALA A 60 -1.43 -8.89 -13.03
CA ALA A 60 -0.62 -9.03 -14.24
C ALA A 60 0.34 -10.23 -14.14
N GLU A 61 0.87 -10.44 -12.92
CA GLU A 61 1.78 -11.55 -12.59
C GLU A 61 1.01 -12.86 -12.35
N HIS A 62 -0.33 -12.75 -12.18
CA HIS A 62 -1.24 -13.89 -11.86
C HIS A 62 -0.98 -14.41 -10.43
N ASP A 63 -0.40 -13.53 -9.59
CA ASP A 63 -0.13 -13.79 -8.17
C ASP A 63 -1.36 -13.37 -7.33
N THR A 64 -2.15 -14.36 -6.93
CA THR A 64 -3.39 -14.14 -6.17
C THR A 64 -3.10 -13.79 -4.69
N ASP A 65 -1.96 -14.29 -4.16
CA ASP A 65 -1.56 -14.09 -2.76
C ASP A 65 -1.30 -12.60 -2.46
N GLY A 66 -0.54 -11.97 -3.36
CA GLY A 66 -0.25 -10.55 -3.27
C GLY A 66 -1.43 -9.68 -3.62
N ALA A 67 -2.29 -10.16 -4.54
CA ALA A 67 -3.57 -9.49 -4.86
C ALA A 67 -4.48 -9.42 -3.62
N ARG A 68 -4.47 -10.51 -2.82
CA ARG A 68 -5.20 -10.60 -1.53
C ARG A 68 -4.50 -9.77 -0.45
N ARG A 69 -3.16 -9.71 -0.50
CA ARG A 69 -2.31 -8.98 0.46
C ARG A 69 -2.69 -7.47 0.42
N ALA A 70 -2.80 -6.95 -0.82
CA ALA A 70 -3.24 -5.58 -1.09
C ALA A 70 -4.72 -5.40 -0.72
N ALA A 71 -5.54 -6.44 -0.99
CA ALA A 71 -7.00 -6.41 -0.75
C ALA A 71 -7.37 -6.43 0.76
N LYS A 72 -6.50 -7.01 1.61
CA LYS A 72 -6.70 -7.04 3.09
C LYS A 72 -6.38 -5.67 3.68
N SER A 73 -5.31 -5.04 3.16
CA SER A 73 -4.91 -3.67 3.51
C SER A 73 -5.92 -2.63 2.96
N LEU A 74 -6.55 -2.97 1.81
CA LEU A 74 -7.66 -2.20 1.21
C LEU A 74 -8.91 -2.31 2.08
N SER A 75 -9.20 -3.54 2.54
CA SER A 75 -10.40 -3.82 3.35
C SER A 75 -10.39 -2.99 4.63
N GLU A 76 -9.20 -2.88 5.27
CA GLU A 76 -8.98 -1.95 6.40
C GLU A 76 -9.11 -0.49 5.97
N ALA A 77 -8.49 -0.17 4.82
CA ALA A 77 -8.38 1.20 4.31
C ALA A 77 -9.76 1.84 4.15
N TYR A 78 -10.70 1.09 3.53
CA TYR A 78 -12.08 1.53 3.29
C TYR A 78 -12.87 1.70 4.61
N GLN A 79 -12.55 0.86 5.63
CA GLN A 79 -13.12 0.97 7.00
C GLN A 79 -12.76 2.32 7.65
N LYS A 80 -11.49 2.71 7.50
CA LYS A 80 -10.93 3.95 8.08
C LYS A 80 -11.46 5.18 7.31
N VAL A 81 -11.60 5.01 5.97
CA VAL A 81 -12.09 6.04 5.03
C VAL A 81 -13.55 6.45 5.34
N GLU A 82 -14.44 5.45 5.34
CA GLU A 82 -15.89 5.66 5.53
C GLU A 82 -16.17 6.15 6.97
N GLY A 83 -15.46 5.57 7.95
CA GLY A 83 -15.53 6.03 9.34
C GLY A 83 -15.54 4.89 10.34
N SER A 84 -16.74 4.39 10.62
CA SER A 84 -16.98 3.34 11.64
C SER A 84 -16.61 1.94 11.09
N GLY A 85 -15.30 1.67 11.08
CA GLY A 85 -14.77 0.34 10.77
C GLY A 85 -14.23 -0.36 12.00
N ASP A 86 -13.75 -1.59 11.84
CA ASP A 86 -13.12 -2.36 12.94
C ASP A 86 -11.72 -1.82 13.24
N LYS A 87 -11.15 -2.23 14.38
CA LYS A 87 -9.76 -1.88 14.77
C LYS A 87 -8.77 -2.89 14.14
N GLY A 88 -8.86 -3.02 12.81
CA GLY A 88 -8.02 -3.94 12.05
C GLY A 88 -6.56 -3.53 12.08
N LYS A 89 -5.68 -4.52 12.16
CA LYS A 89 -4.22 -4.36 12.15
C LYS A 89 -3.58 -5.74 11.88
N ILE A 90 -3.74 -6.21 10.63
CA ILE A 90 -3.24 -7.52 10.16
C ILE A 90 -1.69 -7.62 10.33
N PHE A 91 -1.04 -6.45 10.43
CA PHE A 91 0.42 -6.35 10.63
C PHE A 91 0.75 -6.44 12.13
N GLN A 92 1.07 -7.64 12.59
CA GLN A 92 1.67 -7.89 13.90
C GLN A 92 3.19 -7.97 13.70
N LYS A 93 3.91 -6.88 14.07
CA LYS A 93 5.36 -6.81 13.88
C LYS A 93 6.08 -7.82 14.81
N GLU A 94 6.51 -8.94 14.20
CA GLU A 94 7.22 -10.05 14.88
C GLU A 94 8.74 -9.74 14.86
N GLY A 95 9.47 -10.16 15.91
CA GLY A 95 10.91 -9.88 16.07
C GLY A 95 11.78 -10.48 14.97
N GLU A 96 11.52 -11.78 14.66
CA GLU A 96 12.18 -12.53 13.56
C GLU A 96 13.71 -12.69 13.77
N SER A 97 14.50 -11.69 13.36
CA SER A 97 15.97 -11.76 13.48
C SER A 97 16.42 -11.13 14.81
N ILE A 98 16.39 -11.94 15.89
CA ILE A 98 16.85 -11.52 17.21
C ILE A 98 18.20 -12.20 17.52
N LEU A 99 19.23 -11.38 17.74
CA LEU A 99 20.62 -11.83 17.92
C LEU A 99 20.78 -12.47 19.33
N GLU A 100 20.44 -13.77 19.42
CA GLU A 100 20.50 -14.56 20.66
C GLU A 100 21.59 -15.66 20.52
N GLY A 1 14.45 6.61 13.82
CA GLY A 1 15.45 6.62 12.73
C GLY A 1 14.80 6.36 11.38
N GLY A 2 14.27 7.42 10.75
CA GLY A 2 13.59 7.32 9.46
C GLY A 2 12.09 7.12 9.61
N SER A 3 11.32 8.18 9.32
CA SER A 3 9.85 8.16 9.38
C SER A 3 9.26 7.25 8.27
N PRO A 4 7.94 6.86 8.36
CA PRO A 4 7.20 6.19 7.25
C PRO A 4 7.44 6.88 5.87
N ASP A 5 7.55 8.22 5.90
CA ASP A 5 7.85 9.04 4.71
C ASP A 5 9.23 8.69 4.12
N GLU A 6 10.25 8.59 5.00
CA GLU A 6 11.63 8.27 4.59
C GLU A 6 11.75 6.78 4.18
N ASN A 7 10.88 5.92 4.76
CA ASN A 7 10.85 4.48 4.44
C ASN A 7 10.38 4.28 2.99
N ILE A 8 9.41 5.11 2.58
CA ILE A 8 8.92 5.20 1.19
C ILE A 8 10.09 5.46 0.21
N ALA A 9 11.04 6.31 0.65
CA ALA A 9 12.24 6.66 -0.14
C ALA A 9 13.10 5.40 -0.43
N LYS A 10 13.19 4.48 0.55
CA LYS A 10 13.84 3.15 0.36
C LYS A 10 13.09 2.34 -0.69
N PHE A 11 11.75 2.31 -0.53
CA PHE A 11 10.83 1.50 -1.36
C PHE A 11 10.73 2.04 -2.80
N GLU A 12 11.08 3.33 -2.98
CA GLU A 12 11.22 3.97 -4.30
C GLU A 12 12.36 3.32 -5.10
N LYS A 13 13.49 3.04 -4.42
CA LYS A 13 14.62 2.29 -5.02
C LYS A 13 14.16 0.85 -5.33
N ALA A 14 13.33 0.29 -4.43
CA ALA A 14 12.77 -1.05 -4.60
C ALA A 14 11.84 -1.12 -5.84
N TYR A 15 11.06 -0.05 -6.06
CA TYR A 15 10.06 0.01 -7.15
C TYR A 15 10.72 0.19 -8.52
N LYS A 16 11.63 1.17 -8.60
CA LYS A 16 12.28 1.57 -9.86
C LYS A 16 13.33 0.55 -10.32
N LYS A 17 14.00 -0.11 -9.34
CA LYS A 17 14.96 -1.19 -9.63
C LYS A 17 14.22 -2.49 -9.95
N ALA A 18 13.01 -2.66 -9.39
CA ALA A 18 12.08 -3.74 -9.76
C ALA A 18 11.67 -3.58 -11.25
N GLU A 19 11.45 -2.31 -11.63
CA GLU A 19 10.99 -1.90 -12.96
C GLU A 19 12.07 -2.14 -14.04
N GLU A 20 13.35 -1.80 -13.74
CA GLU A 20 14.47 -1.99 -14.70
C GLU A 20 14.75 -3.49 -14.92
N LEU A 21 14.46 -4.31 -13.88
CA LEU A 21 14.55 -5.78 -13.94
C LEU A 21 13.27 -6.40 -14.54
N ASN A 22 12.23 -5.56 -14.72
CA ASN A 22 10.95 -5.90 -15.38
C ASN A 22 10.12 -6.93 -14.54
N GLN A 23 10.42 -6.99 -13.24
CA GLN A 23 9.79 -7.95 -12.31
C GLN A 23 8.63 -7.24 -11.59
N GLY A 24 7.40 -7.53 -12.06
CA GLY A 24 6.20 -6.93 -11.54
C GLY A 24 5.93 -7.27 -10.08
N GLU A 25 6.29 -8.51 -9.70
CA GLU A 25 6.11 -9.02 -8.31
C GLU A 25 6.76 -8.09 -7.27
N LEU A 26 7.96 -7.59 -7.60
CA LEU A 26 8.74 -6.69 -6.75
C LEU A 26 8.11 -5.27 -6.72
N MET A 27 7.58 -4.83 -7.88
CA MET A 27 6.90 -3.52 -8.01
C MET A 27 5.61 -3.49 -7.17
N GLY A 28 4.86 -4.61 -7.20
CA GLY A 28 3.64 -4.78 -6.43
C GLY A 28 3.93 -4.77 -4.93
N ARG A 29 5.00 -5.48 -4.54
CA ARG A 29 5.52 -5.47 -3.15
C ARG A 29 5.82 -4.04 -2.69
N ALA A 30 6.49 -3.28 -3.59
CA ALA A 30 6.95 -1.90 -3.33
C ALA A 30 5.75 -0.95 -3.08
N LEU A 31 4.76 -1.00 -3.99
CA LEU A 31 3.56 -0.14 -3.96
C LEU A 31 2.72 -0.41 -2.70
N TYR A 32 2.50 -1.70 -2.43
CA TYR A 32 1.80 -2.17 -1.23
C TYR A 32 2.47 -1.62 0.04
N ASN A 33 3.80 -1.74 0.06
CA ASN A 33 4.64 -1.42 1.23
C ASN A 33 4.66 0.11 1.49
N ILE A 34 4.67 0.89 0.39
CA ILE A 34 4.55 2.37 0.43
C ILE A 34 3.14 2.77 0.88
N GLY A 35 2.14 1.98 0.44
CA GLY A 35 0.73 2.21 0.77
C GLY A 35 0.48 2.09 2.27
N LEU A 36 1.16 1.14 2.92
CA LEU A 36 1.08 0.94 4.38
C LEU A 36 1.61 2.19 5.11
N GLU A 37 2.67 2.79 4.55
CA GLU A 37 3.32 3.98 5.12
C GLU A 37 2.44 5.22 4.91
N LYS A 38 1.76 5.29 3.76
CA LYS A 38 0.80 6.37 3.46
C LYS A 38 -0.41 6.27 4.40
N ASN A 39 -0.89 5.04 4.62
CA ASN A 39 -2.11 4.74 5.39
C ASN A 39 -1.94 5.24 6.84
N LYS A 40 -0.77 4.96 7.44
CA LYS A 40 -0.43 5.37 8.83
C LYS A 40 -0.05 6.88 8.90
N MET A 41 0.36 7.47 7.75
CA MET A 41 0.63 8.93 7.63
C MET A 41 -0.67 9.74 7.42
N GLY A 42 -1.83 9.04 7.44
CA GLY A 42 -3.15 9.68 7.25
C GLY A 42 -3.56 9.78 5.79
N LYS A 43 -2.61 9.44 4.89
CA LYS A 43 -2.80 9.47 3.44
C LYS A 43 -3.43 8.14 2.96
N VAL A 44 -4.61 7.83 3.50
CA VAL A 44 -5.31 6.56 3.28
C VAL A 44 -5.86 6.47 1.85
N LYS A 45 -6.20 7.62 1.27
CA LYS A 45 -6.75 7.72 -0.10
C LYS A 45 -5.64 7.42 -1.13
N GLU A 46 -4.42 7.95 -0.85
CA GLU A 46 -3.20 7.62 -1.60
C GLU A 46 -2.86 6.13 -1.43
N ALA A 47 -3.00 5.65 -0.17
CA ALA A 47 -2.69 4.26 0.21
C ALA A 47 -3.53 3.26 -0.59
N ILE A 48 -4.84 3.55 -0.71
CA ILE A 48 -5.80 2.77 -1.52
C ILE A 48 -5.28 2.61 -2.94
N GLU A 49 -4.89 3.74 -3.56
CA GLU A 49 -4.38 3.79 -4.94
C GLU A 49 -3.10 2.95 -5.11
N TYR A 50 -2.27 2.93 -4.06
CA TYR A 50 -1.04 2.08 -4.03
C TYR A 50 -1.39 0.59 -3.95
N PHE A 51 -2.40 0.24 -3.14
CA PHE A 51 -2.85 -1.16 -2.98
C PHE A 51 -3.57 -1.64 -4.24
N LEU A 52 -4.22 -0.68 -4.95
CA LEU A 52 -4.95 -0.95 -6.19
C LEU A 52 -3.96 -1.25 -7.32
N ARG A 53 -2.90 -0.43 -7.40
CA ARG A 53 -1.80 -0.61 -8.35
C ARG A 53 -1.07 -1.93 -8.04
N ALA A 54 -0.72 -2.12 -6.75
CA ALA A 54 -0.01 -3.31 -6.25
C ALA A 54 -0.77 -4.59 -6.62
N LYS A 55 -2.07 -4.58 -6.32
CA LYS A 55 -2.97 -5.72 -6.55
C LYS A 55 -3.12 -5.99 -8.04
N LYS A 56 -3.27 -4.91 -8.83
CA LYS A 56 -3.42 -4.97 -10.30
C LYS A 56 -2.18 -5.59 -10.96
N VAL A 57 -1.02 -5.27 -10.40
CA VAL A 57 0.27 -5.82 -10.83
C VAL A 57 0.38 -7.31 -10.39
N PHE A 58 -0.10 -7.63 -9.17
CA PHE A 58 -0.15 -9.03 -8.65
C PHE A 58 -1.10 -9.89 -9.50
N ASP A 59 -2.16 -9.26 -10.01
CA ASP A 59 -3.14 -9.90 -10.92
C ASP A 59 -2.45 -10.24 -12.25
N ALA A 60 -1.60 -9.30 -12.72
CA ALA A 60 -0.79 -9.46 -13.94
C ALA A 60 0.33 -10.50 -13.75
N GLU A 61 0.78 -10.67 -12.48
CA GLU A 61 1.77 -11.71 -12.09
C GLU A 61 1.09 -13.07 -11.92
N HIS A 62 -0.26 -13.08 -11.89
CA HIS A 62 -1.08 -14.28 -11.62
C HIS A 62 -0.85 -14.81 -10.19
N ASP A 63 -0.41 -13.89 -9.31
CA ASP A 63 -0.20 -14.12 -7.88
C ASP A 63 -1.46 -13.69 -7.12
N THR A 64 -2.28 -14.68 -6.76
CA THR A 64 -3.53 -14.46 -6.03
C THR A 64 -3.24 -14.08 -4.55
N ASP A 65 -2.13 -14.63 -4.01
CA ASP A 65 -1.73 -14.46 -2.59
C ASP A 65 -1.50 -12.96 -2.26
N GLY A 66 -0.71 -12.29 -3.10
CA GLY A 66 -0.38 -10.88 -2.94
C GLY A 66 -1.56 -9.97 -3.27
N ALA A 67 -2.36 -10.38 -4.28
CA ALA A 67 -3.58 -9.64 -4.68
C ALA A 67 -4.60 -9.59 -3.51
N ARG A 68 -4.71 -10.73 -2.80
CA ARG A 68 -5.61 -10.89 -1.64
C ARG A 68 -5.05 -10.17 -0.40
N ARG A 69 -3.71 -10.11 -0.30
CA ARG A 69 -3.01 -9.38 0.78
C ARG A 69 -3.23 -7.86 0.63
N ALA A 70 -3.22 -7.40 -0.64
CA ALA A 70 -3.47 -6.00 -1.01
C ALA A 70 -4.97 -5.67 -0.81
N ALA A 71 -5.83 -6.66 -1.09
CA ALA A 71 -7.29 -6.57 -0.88
C ALA A 71 -7.65 -6.52 0.63
N LYS A 72 -6.86 -7.23 1.45
CA LYS A 72 -7.02 -7.27 2.92
C LYS A 72 -6.70 -5.88 3.51
N SER A 73 -5.59 -5.31 3.03
CA SER A 73 -5.14 -3.97 3.45
C SER A 73 -6.12 -2.89 2.93
N LEU A 74 -6.69 -3.15 1.73
CA LEU A 74 -7.76 -2.32 1.14
C LEU A 74 -9.02 -2.36 2.02
N SER A 75 -9.33 -3.53 2.57
CA SER A 75 -10.53 -3.74 3.42
C SER A 75 -10.45 -2.83 4.66
N GLU A 76 -9.23 -2.66 5.20
CA GLU A 76 -8.95 -1.75 6.33
C GLU A 76 -8.97 -0.28 5.88
N ALA A 77 -8.39 -0.04 4.68
CA ALA A 77 -8.27 1.31 4.09
C ALA A 77 -9.65 1.91 3.76
N TYR A 78 -10.58 1.05 3.29
CA TYR A 78 -11.94 1.48 2.90
C TYR A 78 -12.76 1.84 4.15
N GLN A 79 -12.49 1.19 5.29
CA GLN A 79 -13.15 1.50 6.59
C GLN A 79 -12.90 2.96 7.01
N LYS A 80 -11.67 3.42 6.69
CA LYS A 80 -11.17 4.76 7.04
C LYS A 80 -11.64 5.83 6.03
N VAL A 81 -12.29 5.37 4.94
CA VAL A 81 -12.75 6.24 3.85
C VAL A 81 -14.29 6.14 3.72
N GLU A 82 -14.77 5.04 3.10
CA GLU A 82 -16.19 4.81 2.76
C GLU A 82 -16.85 6.06 2.13
N GLY A 83 -16.36 6.42 0.93
CA GLY A 83 -16.94 7.49 0.14
C GLY A 83 -18.08 6.96 -0.72
N SER A 84 -19.04 7.84 -1.06
CA SER A 84 -20.22 7.47 -1.85
C SER A 84 -19.90 7.45 -3.37
N GLY A 85 -18.91 6.61 -3.74
CA GLY A 85 -18.51 6.40 -5.13
C GLY A 85 -19.53 5.59 -5.91
N ASP A 86 -20.36 4.82 -5.18
CA ASP A 86 -21.46 4.02 -5.74
C ASP A 86 -22.55 4.92 -6.34
N LYS A 87 -22.76 6.09 -5.70
CA LYS A 87 -23.68 7.13 -6.20
C LYS A 87 -23.10 7.82 -7.45
N GLY A 88 -21.80 8.14 -7.37
CA GLY A 88 -21.10 8.89 -8.42
C GLY A 88 -21.37 10.40 -8.31
N LYS A 89 -22.62 10.76 -8.59
CA LYS A 89 -23.16 12.12 -8.48
C LYS A 89 -24.23 12.13 -7.35
N ILE A 90 -24.54 13.32 -6.85
CA ILE A 90 -25.45 13.49 -5.69
C ILE A 90 -26.86 13.95 -6.12
N PHE A 91 -27.11 13.96 -7.45
CA PHE A 91 -28.34 14.47 -8.06
C PHE A 91 -28.46 16.00 -7.82
N GLN A 92 -27.89 16.78 -8.75
CA GLN A 92 -27.97 18.24 -8.73
C GLN A 92 -29.33 18.71 -9.29
N LYS A 93 -30.11 19.40 -8.43
CA LYS A 93 -31.33 20.11 -8.82
C LYS A 93 -31.12 21.63 -8.58
N GLU A 94 -30.32 21.91 -7.54
CA GLU A 94 -29.90 23.28 -7.15
C GLU A 94 -28.48 23.51 -7.66
N GLY A 95 -28.26 24.64 -8.36
CA GLY A 95 -26.97 24.96 -8.98
C GLY A 95 -25.85 25.16 -7.96
N GLU A 96 -24.89 24.22 -7.92
CA GLU A 96 -23.70 24.26 -7.03
C GLU A 96 -24.11 24.17 -5.54
N SER A 97 -24.54 25.30 -4.97
CA SER A 97 -24.93 25.43 -3.55
C SER A 97 -25.79 26.69 -3.34
N ILE A 98 -26.13 27.38 -4.46
CA ILE A 98 -26.89 28.63 -4.46
C ILE A 98 -28.35 28.36 -4.90
N LEU A 99 -29.23 29.38 -4.70
CA LEU A 99 -30.67 29.27 -5.04
C LEU A 99 -31.01 30.24 -6.19
N GLU A 100 -32.33 30.38 -6.46
CA GLU A 100 -32.87 31.22 -7.56
C GLU A 100 -32.30 30.79 -8.94
N GLY A 1 15.39 4.48 10.87
CA GLY A 1 14.16 5.02 11.49
C GLY A 1 13.64 6.23 10.75
N GLY A 2 12.98 7.14 11.50
CA GLY A 2 12.40 8.37 10.95
C GLY A 2 10.94 8.20 10.57
N SER A 3 10.41 9.19 9.84
CA SER A 3 9.03 9.20 9.36
C SER A 3 8.84 8.16 8.22
N PRO A 4 7.65 7.47 8.14
CA PRO A 4 7.35 6.44 7.10
C PRO A 4 7.61 6.89 5.62
N ASP A 5 7.48 8.20 5.34
CA ASP A 5 7.64 8.74 3.96
C ASP A 5 9.11 8.67 3.47
N GLU A 6 10.05 8.64 4.43
CA GLU A 6 11.49 8.44 4.14
C GLU A 6 11.75 6.98 3.78
N ASN A 7 11.02 6.07 4.47
CA ASN A 7 11.05 4.62 4.18
C ASN A 7 10.44 4.35 2.78
N ILE A 8 9.43 5.17 2.41
CA ILE A 8 8.78 5.17 1.07
C ILE A 8 9.78 5.48 -0.05
N ALA A 9 10.67 6.47 0.19
CA ALA A 9 11.71 6.88 -0.78
C ALA A 9 12.64 5.68 -1.12
N LYS A 10 12.82 4.79 -0.13
CA LYS A 10 13.58 3.54 -0.28
C LYS A 10 12.77 2.50 -1.07
N PHE A 11 11.46 2.36 -0.75
CA PHE A 11 10.52 1.43 -1.44
C PHE A 11 10.24 1.88 -2.88
N GLU A 12 10.40 3.19 -3.12
CA GLU A 12 10.20 3.84 -4.42
C GLU A 12 11.41 3.53 -5.31
N LYS A 13 12.61 3.59 -4.70
CA LYS A 13 13.88 3.21 -5.34
C LYS A 13 13.92 1.68 -5.57
N ALA A 14 13.28 0.93 -4.66
CA ALA A 14 13.13 -0.53 -4.75
C ALA A 14 12.09 -0.90 -5.81
N TYR A 15 11.11 0.01 -6.04
CA TYR A 15 10.09 -0.13 -7.09
C TYR A 15 10.73 0.06 -8.48
N LYS A 16 11.56 1.12 -8.58
CA LYS A 16 12.31 1.45 -9.79
C LYS A 16 13.36 0.36 -10.12
N LYS A 17 13.95 -0.23 -9.06
CA LYS A 17 14.93 -1.33 -9.16
C LYS A 17 14.22 -2.60 -9.68
N ALA A 18 13.05 -2.88 -9.09
CA ALA A 18 12.16 -3.98 -9.48
C ALA A 18 11.69 -3.83 -10.95
N GLU A 19 11.50 -2.55 -11.35
CA GLU A 19 10.99 -2.16 -12.68
C GLU A 19 12.09 -2.38 -13.75
N GLU A 20 13.37 -2.13 -13.35
CA GLU A 20 14.56 -2.41 -14.21
C GLU A 20 14.68 -3.91 -14.49
N LEU A 21 14.36 -4.71 -13.46
CA LEU A 21 14.35 -6.17 -13.55
C LEU A 21 13.08 -6.69 -14.26
N ASN A 22 12.08 -5.79 -14.39
CA ASN A 22 10.75 -6.07 -15.02
C ASN A 22 10.01 -7.17 -14.22
N GLN A 23 10.36 -7.30 -12.93
CA GLN A 23 9.80 -8.30 -12.01
C GLN A 23 8.67 -7.66 -11.20
N GLY A 24 7.42 -7.94 -11.64
CA GLY A 24 6.23 -7.28 -11.11
C GLY A 24 5.85 -7.72 -9.70
N GLU A 25 6.28 -8.92 -9.26
CA GLU A 25 6.08 -9.39 -7.89
C GLU A 25 6.75 -8.42 -6.90
N LEU A 26 8.01 -8.07 -7.22
CA LEU A 26 8.81 -7.07 -6.50
C LEU A 26 8.15 -5.68 -6.58
N MET A 27 7.70 -5.29 -7.79
CA MET A 27 7.06 -3.97 -8.05
C MET A 27 5.76 -3.79 -7.25
N GLY A 28 4.99 -4.88 -7.18
CA GLY A 28 3.71 -4.88 -6.49
C GLY A 28 3.90 -4.79 -4.99
N ARG A 29 4.90 -5.53 -4.46
CA ARG A 29 5.28 -5.51 -3.03
C ARG A 29 5.84 -4.14 -2.65
N ALA A 30 6.50 -3.47 -3.61
CA ALA A 30 7.04 -2.11 -3.43
C ALA A 30 5.90 -1.10 -3.22
N LEU A 31 4.89 -1.15 -4.13
CA LEU A 31 3.68 -0.29 -4.08
C LEU A 31 2.81 -0.61 -2.86
N TYR A 32 2.79 -1.90 -2.49
CA TYR A 32 2.02 -2.40 -1.34
C TYR A 32 2.62 -1.81 -0.05
N ASN A 33 3.96 -1.82 0.04
CA ASN A 33 4.71 -1.28 1.20
C ASN A 33 4.54 0.24 1.28
N ILE A 34 4.68 0.94 0.13
CA ILE A 34 4.45 2.40 0.03
C ILE A 34 3.03 2.74 0.53
N GLY A 35 2.06 1.90 0.14
CA GLY A 35 0.67 2.03 0.54
C GLY A 35 0.48 1.88 2.04
N LEU A 36 1.09 0.83 2.63
CA LEU A 36 1.02 0.55 4.08
C LEU A 36 1.60 1.73 4.88
N GLU A 37 2.67 2.34 4.33
CA GLU A 37 3.31 3.52 4.91
C GLU A 37 2.37 4.73 4.86
N LYS A 38 1.73 4.99 3.67
CA LYS A 38 0.76 6.11 3.51
C LYS A 38 -0.41 5.96 4.52
N ASN A 39 -0.83 4.70 4.73
CA ASN A 39 -1.95 4.33 5.61
C ASN A 39 -1.62 4.67 7.08
N LYS A 40 -0.39 4.31 7.52
CA LYS A 40 0.11 4.60 8.89
C LYS A 40 0.54 6.08 9.03
N MET A 41 0.76 6.80 7.89
CA MET A 41 1.01 8.27 7.89
C MET A 41 -0.30 9.04 8.16
N GLY A 42 -1.44 8.38 7.88
CA GLY A 42 -2.76 9.02 7.98
C GLY A 42 -3.36 9.29 6.61
N LYS A 43 -2.51 9.29 5.55
CA LYS A 43 -2.96 9.52 4.16
C LYS A 43 -3.37 8.17 3.53
N VAL A 44 -4.44 7.60 4.11
CA VAL A 44 -5.05 6.32 3.72
C VAL A 44 -5.61 6.40 2.28
N LYS A 45 -5.94 7.63 1.85
CA LYS A 45 -6.50 7.93 0.53
C LYS A 45 -5.49 7.64 -0.60
N GLU A 46 -4.20 7.99 -0.34
CA GLU A 46 -3.09 7.67 -1.27
C GLU A 46 -2.77 6.18 -1.24
N ALA A 47 -2.85 5.59 -0.02
CA ALA A 47 -2.61 4.16 0.24
C ALA A 47 -3.48 3.28 -0.64
N ILE A 48 -4.75 3.70 -0.79
CA ILE A 48 -5.76 3.05 -1.66
C ILE A 48 -5.22 2.89 -3.10
N GLU A 49 -4.76 4.00 -3.70
CA GLU A 49 -4.25 4.04 -5.09
C GLU A 49 -3.01 3.13 -5.27
N TYR A 50 -2.18 3.03 -4.22
CA TYR A 50 -0.99 2.16 -4.21
C TYR A 50 -1.33 0.67 -4.09
N PHE A 51 -2.42 0.34 -3.34
CA PHE A 51 -2.91 -1.05 -3.22
C PHE A 51 -3.66 -1.47 -4.49
N LEU A 52 -4.27 -0.48 -5.18
CA LEU A 52 -5.03 -0.69 -6.45
C LEU A 52 -4.03 -1.05 -7.56
N ARG A 53 -2.92 -0.28 -7.60
CA ARG A 53 -1.80 -0.52 -8.52
C ARG A 53 -1.11 -1.85 -8.18
N ALA A 54 -0.81 -2.05 -6.87
CA ALA A 54 -0.11 -3.26 -6.37
C ALA A 54 -0.84 -4.54 -6.80
N LYS A 55 -2.17 -4.56 -6.54
CA LYS A 55 -3.06 -5.72 -6.82
C LYS A 55 -3.13 -6.02 -8.33
N LYS A 56 -3.08 -4.95 -9.14
CA LYS A 56 -3.14 -5.03 -10.62
C LYS A 56 -1.83 -5.62 -11.19
N VAL A 57 -0.70 -5.22 -10.59
CA VAL A 57 0.63 -5.72 -10.96
C VAL A 57 0.75 -7.20 -10.51
N PHE A 58 0.18 -7.52 -9.33
CA PHE A 58 0.09 -8.90 -8.80
C PHE A 58 -0.85 -9.77 -9.66
N ASP A 59 -1.87 -9.15 -10.26
CA ASP A 59 -2.80 -9.83 -11.19
C ASP A 59 -2.04 -10.22 -12.46
N ALA A 60 -1.15 -9.32 -12.92
CA ALA A 60 -0.25 -9.57 -14.06
C ALA A 60 0.70 -10.74 -13.76
N GLU A 61 1.18 -10.80 -12.50
CA GLU A 61 2.04 -11.89 -12.01
C GLU A 61 1.26 -13.17 -11.72
N HIS A 62 -0.08 -13.01 -11.62
CA HIS A 62 -1.00 -14.08 -11.21
C HIS A 62 -0.67 -14.57 -9.79
N ASP A 63 -0.06 -13.66 -8.99
CA ASP A 63 0.27 -13.90 -7.58
C ASP A 63 -0.97 -13.62 -6.73
N THR A 64 -1.64 -14.72 -6.32
CA THR A 64 -2.88 -14.66 -5.53
C THR A 64 -2.64 -14.11 -4.12
N ASP A 65 -1.42 -14.33 -3.58
CA ASP A 65 -1.05 -13.91 -2.22
C ASP A 65 -1.14 -12.38 -2.08
N GLY A 66 -0.35 -11.68 -2.92
CA GLY A 66 -0.23 -10.23 -2.86
C GLY A 66 -1.47 -9.51 -3.35
N ALA A 67 -2.19 -10.11 -4.32
CA ALA A 67 -3.44 -9.55 -4.84
C ALA A 67 -4.51 -9.50 -3.74
N ARG A 68 -4.61 -10.58 -2.96
CA ARG A 68 -5.52 -10.69 -1.80
C ARG A 68 -5.03 -9.84 -0.61
N ARG A 69 -3.69 -9.67 -0.49
CA ARG A 69 -3.06 -8.78 0.51
C ARG A 69 -3.53 -7.32 0.31
N ALA A 70 -3.44 -6.88 -0.96
CA ALA A 70 -3.81 -5.52 -1.38
C ALA A 70 -5.33 -5.32 -1.30
N ALA A 71 -6.10 -6.39 -1.60
CA ALA A 71 -7.58 -6.38 -1.49
C ALA A 71 -8.05 -6.25 -0.03
N LYS A 72 -7.35 -6.97 0.88
CA LYS A 72 -7.63 -6.98 2.33
C LYS A 72 -7.30 -5.60 2.92
N SER A 73 -6.11 -5.09 2.56
CA SER A 73 -5.59 -3.82 3.07
C SER A 73 -6.41 -2.63 2.52
N LEU A 74 -6.96 -2.81 1.29
CA LEU A 74 -7.96 -1.89 0.70
C LEU A 74 -9.24 -1.89 1.52
N SER A 75 -9.72 -3.09 1.90
CA SER A 75 -10.97 -3.24 2.68
C SER A 75 -10.85 -2.50 4.02
N GLU A 76 -9.65 -2.58 4.65
CA GLU A 76 -9.35 -1.86 5.90
C GLU A 76 -9.26 -0.34 5.63
N ALA A 77 -8.67 0.00 4.46
CA ALA A 77 -8.47 1.40 4.03
C ALA A 77 -9.82 2.14 3.91
N TYR A 78 -10.79 1.51 3.20
CA TYR A 78 -12.12 2.08 2.99
C TYR A 78 -12.97 2.11 4.28
N GLN A 79 -12.66 1.20 5.25
CA GLN A 79 -13.30 1.21 6.59
C GLN A 79 -12.85 2.44 7.41
N LYS A 80 -11.62 2.93 7.13
CA LYS A 80 -11.06 4.12 7.79
C LYS A 80 -11.58 5.41 7.12
N VAL A 81 -11.59 5.42 5.77
CA VAL A 81 -12.03 6.56 4.94
C VAL A 81 -13.54 6.83 5.15
N GLU A 82 -14.32 5.73 5.18
CA GLU A 82 -15.78 5.76 5.36
C GLU A 82 -16.14 5.30 6.79
N GLY A 83 -15.28 5.65 7.77
CA GLY A 83 -15.51 5.34 9.18
C GLY A 83 -16.54 6.25 9.82
N SER A 84 -17.81 6.11 9.39
CA SER A 84 -18.93 6.94 9.86
C SER A 84 -19.35 6.50 11.27
N GLY A 85 -19.34 5.17 11.48
CA GLY A 85 -19.60 4.55 12.78
C GLY A 85 -18.31 4.06 13.43
N ASP A 86 -17.19 4.75 13.11
CA ASP A 86 -15.87 4.50 13.74
C ASP A 86 -15.78 5.30 15.08
N LYS A 87 -14.73 5.05 15.87
CA LYS A 87 -14.44 5.85 17.11
C LYS A 87 -14.13 7.32 16.77
N GLY A 88 -13.54 7.53 15.59
CA GLY A 88 -13.25 8.85 15.07
C GLY A 88 -11.86 9.33 15.48
N LYS A 89 -11.71 9.63 16.78
CA LYS A 89 -10.45 10.14 17.36
C LYS A 89 -9.96 9.18 18.44
N ILE A 90 -8.68 8.82 18.36
CA ILE A 90 -7.96 8.06 19.39
C ILE A 90 -6.59 8.73 19.62
N PHE A 91 -6.45 9.39 20.78
CA PHE A 91 -5.16 9.91 21.25
C PHE A 91 -4.38 8.73 21.86
N GLN A 92 -3.90 7.85 20.95
CA GLN A 92 -3.13 6.63 21.25
C GLN A 92 -2.04 6.45 20.18
N LYS A 93 -1.12 5.51 20.41
CA LYS A 93 -0.13 5.09 19.40
C LYS A 93 -0.23 3.57 19.25
N GLU A 94 -1.26 3.14 18.51
CA GLU A 94 -1.57 1.73 18.26
C GLU A 94 -1.14 1.39 16.81
N GLY A 95 -0.57 0.20 16.61
CA GLY A 95 0.04 -0.19 15.33
C GLY A 95 1.52 0.18 15.30
N GLU A 96 2.20 -0.16 16.41
CA GLU A 96 3.63 0.15 16.62
C GLU A 96 4.52 -0.73 15.74
N SER A 97 5.52 -0.11 15.09
CA SER A 97 6.53 -0.81 14.29
C SER A 97 7.49 -1.56 15.24
N ILE A 98 7.42 -2.91 15.26
CA ILE A 98 8.32 -3.77 16.06
C ILE A 98 9.76 -3.60 15.51
N LEU A 99 10.67 -3.12 16.38
CA LEU A 99 12.04 -2.73 16.00
C LEU A 99 12.91 -3.97 15.66
N GLU A 100 12.61 -5.10 16.33
CA GLU A 100 13.27 -6.40 16.08
C GLU A 100 12.49 -7.53 16.81
N GLY A 1 15.60 5.73 13.66
CA GLY A 1 14.78 5.41 12.46
C GLY A 1 14.51 6.65 11.61
N GLY A 2 13.52 6.54 10.71
CA GLY A 2 13.06 7.66 9.88
C GLY A 2 11.55 7.67 9.74
N SER A 3 10.99 8.78 9.23
CA SER A 3 9.55 8.94 9.01
C SER A 3 9.07 7.98 7.90
N PRO A 4 7.78 7.50 7.94
CA PRO A 4 7.21 6.64 6.87
C PRO A 4 7.41 7.23 5.46
N ASP A 5 7.40 8.57 5.39
CA ASP A 5 7.69 9.35 4.16
C ASP A 5 9.10 9.02 3.61
N GLU A 6 10.09 8.95 4.52
CA GLU A 6 11.48 8.60 4.17
C GLU A 6 11.62 7.14 3.75
N ASN A 7 10.87 6.24 4.43
CA ASN A 7 10.92 4.78 4.15
C ASN A 7 10.37 4.45 2.75
N ILE A 8 9.41 5.27 2.27
CA ILE A 8 8.82 5.19 0.91
C ILE A 8 9.92 5.19 -0.17
N ALA A 9 10.91 6.09 0.01
CA ALA A 9 12.03 6.28 -0.94
C ALA A 9 12.80 4.97 -1.19
N LYS A 10 13.00 4.21 -0.10
CA LYS A 10 13.71 2.91 -0.12
C LYS A 10 12.91 1.87 -0.93
N PHE A 11 11.57 1.89 -0.75
CA PHE A 11 10.65 1.00 -1.49
C PHE A 11 10.57 1.40 -2.97
N GLU A 12 10.79 2.71 -3.25
CA GLU A 12 10.81 3.25 -4.63
C GLU A 12 12.11 2.85 -5.35
N LYS A 13 13.22 2.74 -4.60
CA LYS A 13 14.50 2.27 -5.15
C LYS A 13 14.40 0.77 -5.48
N ALA A 14 13.68 0.05 -4.61
CA ALA A 14 13.35 -1.37 -4.81
C ALA A 14 12.34 -1.55 -5.96
N TYR A 15 11.49 -0.52 -6.18
CA TYR A 15 10.44 -0.49 -7.21
C TYR A 15 11.05 -0.29 -8.61
N LYS A 16 12.02 0.64 -8.71
CA LYS A 16 12.64 1.02 -10.00
C LYS A 16 13.65 -0.04 -10.45
N LYS A 17 14.33 -0.69 -9.49
CA LYS A 17 15.20 -1.84 -9.76
C LYS A 17 14.35 -3.04 -10.22
N ALA A 18 13.23 -3.26 -9.49
CA ALA A 18 12.21 -4.27 -9.85
C ALA A 18 11.72 -4.07 -11.30
N GLU A 19 11.45 -2.80 -11.64
CA GLU A 19 10.89 -2.35 -12.94
C GLU A 19 11.81 -2.73 -14.10
N GLU A 20 13.11 -2.41 -13.98
CA GLU A 20 14.10 -2.65 -15.05
C GLU A 20 14.44 -4.16 -15.17
N LEU A 21 14.15 -4.92 -14.10
CA LEU A 21 14.24 -6.40 -14.10
C LEU A 21 12.95 -7.04 -14.68
N ASN A 22 11.92 -6.19 -14.89
CA ASN A 22 10.57 -6.60 -15.38
C ASN A 22 9.84 -7.49 -14.33
N GLN A 23 10.30 -7.39 -13.07
CA GLN A 23 9.73 -8.16 -11.95
C GLN A 23 8.65 -7.33 -11.26
N GLY A 24 7.43 -7.48 -11.76
CA GLY A 24 6.28 -6.75 -11.26
C GLY A 24 5.86 -7.18 -9.86
N GLU A 25 6.24 -8.42 -9.45
CA GLU A 25 5.92 -8.95 -8.10
C GLU A 25 6.59 -8.07 -7.03
N LEU A 26 7.87 -7.71 -7.27
CA LEU A 26 8.64 -6.79 -6.43
C LEU A 26 8.01 -5.39 -6.44
N MET A 27 7.59 -4.93 -7.65
CA MET A 27 6.95 -3.60 -7.83
C MET A 27 5.63 -3.49 -7.07
N GLY A 28 4.88 -4.60 -7.02
CA GLY A 28 3.61 -4.67 -6.34
C GLY A 28 3.78 -4.56 -4.83
N ARG A 29 4.79 -5.30 -4.30
CA ARG A 29 5.13 -5.32 -2.86
C ARG A 29 5.65 -3.94 -2.43
N ALA A 30 6.36 -3.27 -3.36
CA ALA A 30 6.88 -1.92 -3.17
C ALA A 30 5.73 -0.93 -2.97
N LEU A 31 4.75 -0.95 -3.90
CA LEU A 31 3.55 -0.08 -3.85
C LEU A 31 2.69 -0.40 -2.62
N TYR A 32 2.65 -1.70 -2.25
CA TYR A 32 1.90 -2.18 -1.07
C TYR A 32 2.48 -1.55 0.22
N ASN A 33 3.82 -1.60 0.34
CA ASN A 33 4.55 -1.07 1.53
C ASN A 33 4.44 0.46 1.60
N ILE A 34 4.57 1.13 0.43
CA ILE A 34 4.38 2.60 0.31
C ILE A 34 2.94 2.97 0.76
N GLY A 35 1.98 2.13 0.36
CA GLY A 35 0.58 2.30 0.75
C GLY A 35 0.39 2.23 2.27
N LEU A 36 1.14 1.30 2.92
CA LEU A 36 1.13 1.14 4.39
C LEU A 36 1.69 2.40 5.08
N GLU A 37 2.71 3.03 4.45
CA GLU A 37 3.35 4.26 4.99
C GLU A 37 2.34 5.43 5.00
N LYS A 38 1.58 5.55 3.89
CA LYS A 38 0.47 6.54 3.74
C LYS A 38 -0.60 6.28 4.81
N ASN A 39 -0.94 4.99 4.99
CA ASN A 39 -1.99 4.53 5.90
C ASN A 39 -1.63 4.88 7.37
N LYS A 40 -0.32 4.80 7.70
CA LYS A 40 0.20 5.17 9.05
C LYS A 40 0.16 6.69 9.28
N MET A 41 0.30 7.46 8.19
CA MET A 41 0.20 8.94 8.22
C MET A 41 -1.27 9.40 8.21
N GLY A 42 -2.21 8.43 8.08
CA GLY A 42 -3.65 8.73 8.00
C GLY A 42 -4.09 9.18 6.62
N LYS A 43 -3.16 9.09 5.64
CA LYS A 43 -3.39 9.47 4.22
C LYS A 43 -3.91 8.24 3.48
N VAL A 44 -5.08 7.78 3.91
CA VAL A 44 -5.62 6.47 3.55
C VAL A 44 -6.11 6.43 2.08
N LYS A 45 -6.50 7.60 1.52
CA LYS A 45 -6.95 7.68 0.10
C LYS A 45 -5.80 7.32 -0.85
N GLU A 46 -4.59 7.83 -0.53
CA GLU A 46 -3.35 7.52 -1.28
C GLU A 46 -3.02 6.04 -1.16
N ALA A 47 -3.14 5.51 0.08
CA ALA A 47 -2.87 4.10 0.41
C ALA A 47 -3.70 3.16 -0.50
N ILE A 48 -4.98 3.52 -0.68
CA ILE A 48 -5.95 2.82 -1.55
C ILE A 48 -5.42 2.74 -3.00
N GLU A 49 -4.96 3.90 -3.52
CA GLU A 49 -4.43 4.02 -4.89
C GLU A 49 -3.29 3.01 -5.11
N TYR A 50 -2.36 2.97 -4.14
CA TYR A 50 -1.18 2.11 -4.17
C TYR A 50 -1.54 0.62 -4.12
N PHE A 51 -2.54 0.26 -3.29
CA PHE A 51 -3.00 -1.14 -3.14
C PHE A 51 -3.73 -1.63 -4.41
N LEU A 52 -4.38 -0.68 -5.12
CA LEU A 52 -5.13 -0.96 -6.37
C LEU A 52 -4.15 -1.21 -7.53
N ARG A 53 -3.10 -0.36 -7.60
CA ARG A 53 -2.04 -0.48 -8.61
C ARG A 53 -1.24 -1.76 -8.38
N ALA A 54 -0.87 -1.98 -7.09
CA ALA A 54 -0.13 -3.17 -6.64
C ALA A 54 -0.88 -4.44 -7.04
N LYS A 55 -2.21 -4.43 -6.83
CA LYS A 55 -3.10 -5.57 -7.11
C LYS A 55 -3.08 -5.95 -8.61
N LYS A 56 -3.05 -4.93 -9.49
CA LYS A 56 -2.97 -5.12 -10.96
C LYS A 56 -1.59 -5.68 -11.37
N VAL A 57 -0.52 -5.09 -10.81
CA VAL A 57 0.87 -5.46 -11.10
C VAL A 57 1.17 -6.90 -10.58
N PHE A 58 0.51 -7.27 -9.46
CA PHE A 58 0.52 -8.63 -8.90
C PHE A 58 -0.20 -9.61 -9.84
N ASP A 59 -1.38 -9.20 -10.34
CA ASP A 59 -2.22 -10.01 -11.26
C ASP A 59 -1.47 -10.39 -12.54
N ALA A 60 -0.71 -9.42 -13.06
CA ALA A 60 0.17 -9.60 -14.23
C ALA A 60 1.21 -10.71 -13.98
N GLU A 61 1.72 -10.74 -12.74
CA GLU A 61 2.73 -11.72 -12.28
C GLU A 61 2.09 -13.01 -11.79
N HIS A 62 0.74 -13.01 -11.70
CA HIS A 62 -0.07 -14.12 -11.16
C HIS A 62 0.22 -14.35 -9.66
N ASP A 63 0.70 -13.28 -9.00
CA ASP A 63 0.92 -13.22 -7.55
C ASP A 63 -0.42 -12.86 -6.89
N THR A 64 -1.36 -13.84 -6.92
CA THR A 64 -2.77 -13.61 -6.61
C THR A 64 -3.02 -13.39 -5.10
N ASP A 65 -2.21 -14.05 -4.24
CA ASP A 65 -2.32 -13.89 -2.77
C ASP A 65 -1.80 -12.52 -2.33
N GLY A 66 -0.81 -11.98 -3.04
CA GLY A 66 -0.32 -10.62 -2.81
C GLY A 66 -1.38 -9.59 -3.21
N ALA A 67 -2.03 -9.84 -4.37
CA ALA A 67 -3.17 -9.04 -4.86
C ALA A 67 -4.35 -9.09 -3.87
N ARG A 68 -4.54 -10.27 -3.28
CA ARG A 68 -5.56 -10.58 -2.29
C ARG A 68 -5.25 -9.89 -0.94
N ARG A 69 -3.95 -9.75 -0.63
CA ARG A 69 -3.47 -9.10 0.62
C ARG A 69 -3.61 -7.58 0.47
N ALA A 70 -3.38 -7.07 -0.76
CA ALA A 70 -3.58 -5.67 -1.11
C ALA A 70 -5.07 -5.32 -0.98
N ALA A 71 -5.92 -6.27 -1.42
CA ALA A 71 -7.39 -6.18 -1.36
C ALA A 71 -7.92 -6.31 0.09
N LYS A 72 -7.18 -7.09 0.91
CA LYS A 72 -7.50 -7.29 2.34
C LYS A 72 -7.13 -6.03 3.15
N SER A 73 -6.01 -5.40 2.76
CA SER A 73 -5.54 -4.14 3.35
C SER A 73 -6.46 -3.00 2.90
N LEU A 74 -7.02 -3.13 1.68
CA LEU A 74 -8.01 -2.19 1.11
C LEU A 74 -9.29 -2.16 1.94
N SER A 75 -9.88 -3.35 2.21
CA SER A 75 -11.15 -3.47 2.96
C SER A 75 -11.02 -2.87 4.37
N GLU A 76 -9.86 -3.09 5.00
CA GLU A 76 -9.50 -2.51 6.29
C GLU A 76 -9.30 -0.97 6.19
N ALA A 77 -8.77 -0.51 5.04
CA ALA A 77 -8.46 0.91 4.78
C ALA A 77 -9.74 1.74 4.54
N TYR A 78 -10.71 1.15 3.81
CA TYR A 78 -11.98 1.81 3.45
C TYR A 78 -12.81 2.22 4.69
N GLN A 79 -12.66 1.43 5.78
CA GLN A 79 -13.33 1.71 7.08
C GLN A 79 -12.87 3.07 7.65
N LYS A 80 -11.58 3.38 7.42
CA LYS A 80 -10.92 4.61 7.92
C LYS A 80 -11.39 5.83 7.09
N VAL A 81 -11.64 5.60 5.78
CA VAL A 81 -12.09 6.64 4.82
C VAL A 81 -13.53 7.08 5.13
N GLU A 82 -14.34 6.12 5.59
CA GLU A 82 -15.75 6.34 5.97
C GLU A 82 -15.88 6.87 7.42
N GLY A 83 -14.71 7.11 8.06
CA GLY A 83 -14.66 7.71 9.40
C GLY A 83 -14.81 6.65 10.49
N SER A 84 -16.06 6.30 10.78
CA SER A 84 -16.38 5.25 11.76
C SER A 84 -16.12 3.86 11.15
N GLY A 85 -15.09 3.19 11.65
CA GLY A 85 -14.73 1.84 11.21
C GLY A 85 -14.04 1.07 12.33
N ASP A 86 -13.21 0.07 11.96
CA ASP A 86 -12.43 -0.73 12.93
C ASP A 86 -11.28 0.13 13.50
N LYS A 87 -10.88 -0.11 14.76
CA LYS A 87 -9.79 0.67 15.41
C LYS A 87 -8.41 0.25 14.86
N GLY A 88 -8.32 -0.96 14.29
CA GLY A 88 -7.10 -1.47 13.68
C GLY A 88 -6.22 -2.19 14.67
N LYS A 89 -6.78 -3.23 15.34
CA LYS A 89 -6.00 -4.12 16.23
C LYS A 89 -5.32 -5.16 15.35
N ILE A 90 -4.20 -4.75 14.74
CA ILE A 90 -3.43 -5.57 13.79
C ILE A 90 -2.00 -5.77 14.36
N PHE A 91 -1.64 -7.04 14.63
CA PHE A 91 -0.27 -7.42 14.99
C PHE A 91 0.64 -7.22 13.75
N GLN A 92 1.92 -6.88 13.98
CA GLN A 92 2.90 -6.63 12.92
C GLN A 92 3.62 -7.95 12.57
N LYS A 93 3.21 -8.59 11.46
CA LYS A 93 3.82 -9.84 10.97
C LYS A 93 5.03 -9.49 10.08
N GLU A 94 6.24 -9.89 10.52
CA GLU A 94 7.48 -9.70 9.74
C GLU A 94 7.57 -10.76 8.61
N GLY A 95 7.93 -10.32 7.40
CA GLY A 95 8.03 -11.21 6.25
C GLY A 95 8.35 -10.48 4.96
N GLU A 96 8.00 -11.11 3.83
CA GLU A 96 8.26 -10.59 2.46
C GLU A 96 6.99 -10.74 1.59
N SER A 97 6.10 -11.67 2.02
CA SER A 97 4.74 -11.84 1.48
C SER A 97 4.75 -12.41 0.03
N ILE A 98 5.77 -13.21 -0.29
CA ILE A 98 5.86 -13.91 -1.59
C ILE A 98 5.08 -15.23 -1.56
N LEU A 99 4.82 -15.79 -2.75
CA LEU A 99 4.12 -17.08 -2.90
C LEU A 99 4.76 -17.88 -4.03
N GLU A 100 4.70 -19.22 -3.92
CA GLU A 100 5.02 -20.15 -5.02
C GLU A 100 4.71 -21.58 -4.54
N GLY A 1 15.03 9.90 13.63
CA GLY A 1 14.31 9.93 12.33
C GLY A 1 14.10 8.54 11.76
N GLY A 2 13.10 8.39 10.90
CA GLY A 2 12.76 7.11 10.27
C GLY A 2 11.29 7.07 9.90
N SER A 3 10.81 8.21 9.40
CA SER A 3 9.41 8.42 9.01
C SER A 3 8.97 7.43 7.90
N PRO A 4 7.66 7.05 7.85
CA PRO A 4 7.10 6.20 6.76
C PRO A 4 7.33 6.80 5.36
N ASP A 5 7.42 8.14 5.29
CA ASP A 5 7.76 8.89 4.06
C ASP A 5 9.14 8.48 3.49
N GLU A 6 10.12 8.29 4.40
CA GLU A 6 11.51 7.89 4.07
C GLU A 6 11.56 6.43 3.57
N ASN A 7 10.67 5.59 4.15
CA ASN A 7 10.48 4.20 3.72
C ASN A 7 9.91 4.14 2.29
N ILE A 8 8.93 5.01 1.98
CA ILE A 8 8.32 5.13 0.65
C ILE A 8 9.39 5.47 -0.41
N ALA A 9 10.23 6.48 -0.11
CA ALA A 9 11.34 6.92 -0.99
C ALA A 9 12.31 5.76 -1.31
N LYS A 10 12.49 4.87 -0.32
CA LYS A 10 13.33 3.66 -0.44
C LYS A 10 12.64 2.57 -1.28
N PHE A 11 11.30 2.43 -1.14
CA PHE A 11 10.51 1.45 -1.92
C PHE A 11 10.43 1.87 -3.41
N GLU A 12 10.47 3.19 -3.66
CA GLU A 12 10.49 3.76 -5.02
C GLU A 12 11.83 3.50 -5.70
N LYS A 13 12.92 3.53 -4.91
CA LYS A 13 14.28 3.28 -5.41
C LYS A 13 14.46 1.78 -5.76
N ALA A 14 13.88 0.92 -4.90
CA ALA A 14 13.87 -0.54 -5.09
C ALA A 14 12.89 -0.96 -6.19
N TYR A 15 11.85 -0.13 -6.39
CA TYR A 15 10.81 -0.33 -7.41
C TYR A 15 11.42 -0.37 -8.81
N LYS A 16 12.27 0.63 -9.11
CA LYS A 16 12.89 0.79 -10.43
C LYS A 16 13.96 -0.29 -10.71
N LYS A 17 14.62 -0.76 -9.63
CA LYS A 17 15.55 -1.90 -9.69
C LYS A 17 14.79 -3.16 -10.14
N ALA A 18 13.60 -3.36 -9.56
CA ALA A 18 12.72 -4.48 -9.92
C ALA A 18 12.08 -4.27 -11.32
N GLU A 19 11.87 -2.99 -11.71
CA GLU A 19 11.19 -2.60 -12.97
C GLU A 19 12.06 -2.95 -14.19
N GLU A 20 13.37 -2.68 -14.08
CA GLU A 20 14.35 -2.92 -15.16
C GLU A 20 14.63 -4.43 -15.33
N LEU A 21 14.49 -5.17 -14.22
CA LEU A 21 14.60 -6.65 -14.20
C LEU A 21 13.24 -7.31 -14.56
N ASN A 22 12.20 -6.46 -14.72
CA ASN A 22 10.82 -6.87 -15.11
C ASN A 22 10.16 -7.75 -14.03
N GLN A 23 10.68 -7.64 -12.80
CA GLN A 23 10.15 -8.32 -11.60
C GLN A 23 8.99 -7.49 -11.04
N GLY A 24 7.82 -7.64 -11.70
CA GLY A 24 6.63 -6.87 -11.34
C GLY A 24 6.11 -7.18 -9.94
N GLU A 25 6.35 -8.42 -9.48
CA GLU A 25 5.95 -8.90 -8.15
C GLU A 25 6.55 -8.02 -7.04
N LEU A 26 7.84 -7.69 -7.19
CA LEU A 26 8.60 -6.88 -6.23
C LEU A 26 8.22 -5.40 -6.32
N MET A 27 7.80 -4.98 -7.53
CA MET A 27 7.23 -3.64 -7.76
C MET A 27 5.86 -3.50 -7.06
N GLY A 28 5.08 -4.61 -7.08
CA GLY A 28 3.80 -4.66 -6.40
C GLY A 28 3.97 -4.62 -4.90
N ARG A 29 4.99 -5.36 -4.40
CA ARG A 29 5.40 -5.36 -2.99
C ARG A 29 5.82 -3.95 -2.55
N ALA A 30 6.51 -3.22 -3.44
CA ALA A 30 6.98 -1.86 -3.17
C ALA A 30 5.80 -0.90 -2.97
N LEU A 31 4.86 -0.88 -3.95
CA LEU A 31 3.67 0.00 -3.92
C LEU A 31 2.73 -0.38 -2.78
N TYR A 32 2.67 -1.68 -2.47
CA TYR A 32 1.88 -2.21 -1.36
C TYR A 32 2.39 -1.65 -0.02
N ASN A 33 3.71 -1.74 0.15
CA ASN A 33 4.40 -1.28 1.37
C ASN A 33 4.32 0.25 1.50
N ILE A 34 4.33 0.97 0.36
CA ILE A 34 4.10 2.43 0.32
C ILE A 34 2.68 2.75 0.81
N GLY A 35 1.71 1.93 0.33
CA GLY A 35 0.32 2.07 0.73
C GLY A 35 0.11 1.83 2.21
N LEU A 36 0.89 0.86 2.77
CA LEU A 36 0.91 0.58 4.22
C LEU A 36 1.42 1.81 4.98
N GLU A 37 2.51 2.43 4.48
CA GLU A 37 3.11 3.63 5.10
C GLU A 37 2.17 4.85 5.03
N LYS A 38 1.42 4.98 3.92
CA LYS A 38 0.40 6.02 3.76
C LYS A 38 -0.73 5.84 4.81
N ASN A 39 -1.15 4.58 4.97
CA ASN A 39 -2.20 4.17 5.93
C ASN A 39 -1.75 4.51 7.38
N LYS A 40 -0.46 4.25 7.67
CA LYS A 40 0.16 4.53 8.99
C LYS A 40 0.11 6.03 9.33
N MET A 41 0.35 6.86 8.30
CA MET A 41 0.41 8.33 8.43
C MET A 41 -1.00 8.96 8.35
N GLY A 42 -2.04 8.14 8.10
CA GLY A 42 -3.41 8.63 8.00
C GLY A 42 -3.78 9.18 6.63
N LYS A 43 -2.86 9.02 5.65
CA LYS A 43 -3.13 9.34 4.23
C LYS A 43 -3.80 8.10 3.60
N VAL A 44 -5.02 7.82 4.08
CA VAL A 44 -5.73 6.56 3.82
C VAL A 44 -6.27 6.47 2.38
N LYS A 45 -6.55 7.64 1.77
CA LYS A 45 -6.97 7.69 0.35
C LYS A 45 -5.79 7.31 -0.56
N GLU A 46 -4.59 7.86 -0.24
CA GLU A 46 -3.35 7.58 -0.98
C GLU A 46 -2.90 6.13 -0.76
N ALA A 47 -3.27 5.58 0.43
CA ALA A 47 -3.05 4.17 0.75
C ALA A 47 -3.78 3.27 -0.25
N ILE A 48 -5.07 3.59 -0.49
CA ILE A 48 -5.95 2.88 -1.44
C ILE A 48 -5.35 2.89 -2.85
N GLU A 49 -4.94 4.08 -3.31
CA GLU A 49 -4.41 4.29 -4.66
C GLU A 49 -3.19 3.38 -4.91
N TYR A 50 -2.29 3.31 -3.92
CA TYR A 50 -1.09 2.47 -3.99
C TYR A 50 -1.39 0.96 -3.83
N PHE A 51 -2.43 0.61 -3.05
CA PHE A 51 -2.87 -0.80 -2.89
C PHE A 51 -3.50 -1.32 -4.19
N LEU A 52 -4.17 -0.41 -4.93
CA LEU A 52 -4.84 -0.72 -6.20
C LEU A 52 -3.79 -0.96 -7.29
N ARG A 53 -2.78 -0.07 -7.34
CA ARG A 53 -1.63 -0.18 -8.25
C ARG A 53 -0.82 -1.44 -7.96
N ALA A 54 -0.58 -1.70 -6.65
CA ALA A 54 0.15 -2.88 -6.18
C ALA A 54 -0.54 -4.17 -6.62
N LYS A 55 -1.87 -4.21 -6.36
CA LYS A 55 -2.73 -5.37 -6.64
C LYS A 55 -2.83 -5.61 -8.15
N LYS A 56 -2.87 -4.49 -8.91
CA LYS A 56 -2.98 -4.49 -10.38
C LYS A 56 -1.77 -5.18 -11.03
N VAL A 57 -0.57 -4.89 -10.48
CA VAL A 57 0.68 -5.50 -10.94
C VAL A 57 0.76 -6.98 -10.48
N PHE A 58 0.27 -7.26 -9.25
CA PHE A 58 0.15 -8.64 -8.71
C PHE A 58 -0.76 -9.53 -9.61
N ASP A 59 -1.83 -8.91 -10.15
CA ASP A 59 -2.78 -9.60 -11.06
C ASP A 59 -2.09 -10.01 -12.37
N ALA A 60 -1.19 -9.12 -12.87
CA ALA A 60 -0.41 -9.33 -14.09
C ALA A 60 0.65 -10.44 -13.88
N GLU A 61 1.23 -10.46 -12.67
CA GLU A 61 2.22 -11.48 -12.26
C GLU A 61 1.53 -12.83 -11.92
N HIS A 62 0.19 -12.77 -11.76
CA HIS A 62 -0.65 -13.89 -11.31
C HIS A 62 -0.37 -14.26 -9.83
N ASP A 63 0.22 -13.30 -9.07
CA ASP A 63 0.43 -13.43 -7.64
C ASP A 63 -0.89 -13.11 -6.92
N THR A 64 -1.77 -14.12 -6.89
CA THR A 64 -3.09 -14.03 -6.26
C THR A 64 -2.97 -13.85 -4.74
N ASP A 65 -1.91 -14.41 -4.14
CA ASP A 65 -1.67 -14.33 -2.69
C ASP A 65 -1.39 -12.88 -2.26
N GLY A 66 -0.45 -12.23 -2.99
CA GLY A 66 -0.13 -10.83 -2.75
C GLY A 66 -1.29 -9.89 -3.05
N ALA A 67 -2.08 -10.23 -4.10
CA ALA A 67 -3.23 -9.42 -4.52
C ALA A 67 -4.36 -9.42 -3.47
N ARG A 68 -4.63 -10.60 -2.88
CA ARG A 68 -5.65 -10.74 -1.81
C ARG A 68 -5.21 -9.98 -0.55
N ARG A 69 -3.89 -9.96 -0.30
CA ARG A 69 -3.27 -9.26 0.84
C ARG A 69 -3.37 -7.73 0.64
N ALA A 70 -3.25 -7.29 -0.63
CA ALA A 70 -3.39 -5.86 -1.02
C ALA A 70 -4.85 -5.41 -0.88
N ALA A 71 -5.77 -6.32 -1.27
CA ALA A 71 -7.22 -6.10 -1.18
C ALA A 71 -7.71 -6.18 0.27
N LYS A 72 -6.98 -6.94 1.12
CA LYS A 72 -7.29 -7.08 2.55
C LYS A 72 -6.95 -5.75 3.27
N SER A 73 -5.79 -5.18 2.92
CA SER A 73 -5.34 -3.86 3.42
C SER A 73 -6.24 -2.73 2.88
N LEU A 74 -6.78 -2.93 1.67
CA LEU A 74 -7.82 -2.07 1.09
C LEU A 74 -9.07 -2.07 1.98
N SER A 75 -9.50 -3.26 2.43
CA SER A 75 -10.69 -3.42 3.30
C SER A 75 -10.56 -2.59 4.59
N GLU A 76 -9.32 -2.52 5.11
CA GLU A 76 -8.98 -1.71 6.29
C GLU A 76 -9.05 -0.22 5.96
N ALA A 77 -8.54 0.15 4.79
CA ALA A 77 -8.48 1.54 4.33
C ALA A 77 -9.88 2.12 4.04
N TYR A 78 -10.75 1.31 3.45
CA TYR A 78 -12.14 1.70 3.12
C TYR A 78 -12.97 2.00 4.40
N GLN A 79 -12.55 1.43 5.54
CA GLN A 79 -13.18 1.70 6.86
C GLN A 79 -13.09 3.20 7.23
N LYS A 80 -11.90 3.79 7.01
CA LYS A 80 -11.64 5.20 7.36
C LYS A 80 -12.21 6.16 6.28
N VAL A 81 -12.16 5.73 5.01
CA VAL A 81 -12.57 6.53 3.85
C VAL A 81 -14.11 6.62 3.75
N GLU A 82 -14.77 5.45 3.79
CA GLU A 82 -16.25 5.35 3.73
C GLU A 82 -16.87 5.57 5.12
N GLY A 83 -16.01 5.83 6.15
CA GLY A 83 -16.45 6.11 7.51
C GLY A 83 -17.25 7.40 7.63
N SER A 84 -18.53 7.32 7.27
CA SER A 84 -19.45 8.47 7.23
C SER A 84 -20.29 8.53 8.52
N GLY A 85 -19.60 8.80 9.63
CA GLY A 85 -20.24 8.99 10.94
C GLY A 85 -20.86 10.37 11.09
N ASP A 86 -20.19 11.38 10.50
CA ASP A 86 -20.68 12.77 10.52
C ASP A 86 -21.62 13.01 9.33
N LYS A 87 -21.21 12.51 8.14
CA LYS A 87 -21.91 12.70 6.84
C LYS A 87 -21.96 14.18 6.44
N GLY A 88 -21.17 14.55 5.41
CA GLY A 88 -21.15 15.92 4.90
C GLY A 88 -22.50 16.37 4.37
N LYS A 89 -23.08 17.41 5.02
CA LYS A 89 -24.42 17.93 4.66
C LYS A 89 -24.45 18.42 3.19
N ILE A 90 -25.07 17.59 2.31
CA ILE A 90 -25.09 17.78 0.85
C ILE A 90 -23.63 18.00 0.35
N PHE A 91 -22.79 17.00 0.70
CA PHE A 91 -21.40 16.90 0.21
C PHE A 91 -21.46 16.33 -1.22
N GLN A 92 -20.81 17.06 -2.16
CA GLN A 92 -20.81 16.74 -3.59
C GLN A 92 -22.21 16.96 -4.22
N LYS A 93 -22.31 17.95 -5.10
CA LYS A 93 -23.56 18.30 -5.80
C LYS A 93 -23.38 18.12 -7.32
N GLU A 94 -22.19 17.58 -7.71
CA GLU A 94 -21.76 17.39 -9.12
C GLU A 94 -21.28 18.71 -9.78
N GLY A 95 -21.85 19.87 -9.35
CA GLY A 95 -21.48 21.17 -9.89
C GLY A 95 -21.97 21.40 -11.31
N GLU A 96 -21.17 20.96 -12.27
CA GLU A 96 -21.51 21.00 -13.71
C GLU A 96 -22.52 19.88 -14.05
N SER A 97 -22.40 18.74 -13.33
CA SER A 97 -23.27 17.55 -13.51
C SER A 97 -23.04 16.85 -14.87
N ILE A 98 -23.64 15.67 -15.04
CA ILE A 98 -23.45 14.82 -16.23
C ILE A 98 -24.22 15.44 -17.43
N LEU A 99 -23.49 16.28 -18.21
CA LEU A 99 -23.98 16.93 -19.43
C LEU A 99 -25.16 17.88 -19.10
N GLU A 100 -24.83 19.11 -18.66
CA GLU A 100 -25.83 20.13 -18.28
C GLU A 100 -26.47 20.75 -19.54
N GLY A 1 14.67 6.25 13.76
CA GLY A 1 15.01 6.08 12.32
C GLY A 1 14.07 5.11 11.62
N GLY A 2 13.05 5.67 10.92
CA GLY A 2 12.08 4.88 10.20
C GLY A 2 10.81 5.67 9.88
N SER A 3 11.00 6.92 9.41
CA SER A 3 9.89 7.80 8.99
C SER A 3 9.23 7.26 7.70
N PRO A 4 7.86 7.20 7.64
CA PRO A 4 7.13 6.53 6.54
C PRO A 4 7.50 7.01 5.12
N ASP A 5 7.84 8.31 4.99
CA ASP A 5 8.25 8.92 3.71
C ASP A 5 9.63 8.42 3.27
N GLU A 6 10.53 8.24 4.25
CA GLU A 6 11.89 7.71 4.01
C GLU A 6 11.83 6.21 3.71
N ASN A 7 10.79 5.55 4.25
CA ASN A 7 10.48 4.15 3.97
C ASN A 7 9.93 4.02 2.54
N ILE A 8 9.06 4.99 2.13
CA ILE A 8 8.52 5.10 0.76
C ILE A 8 9.67 5.23 -0.25
N ALA A 9 10.63 6.12 0.06
CA ALA A 9 11.84 6.36 -0.75
C ALA A 9 12.67 5.07 -0.90
N LYS A 10 12.73 4.27 0.19
CA LYS A 10 13.42 2.97 0.22
C LYS A 10 12.72 1.94 -0.70
N PHE A 11 11.37 1.92 -0.66
CA PHE A 11 10.54 1.02 -1.48
C PHE A 11 10.56 1.47 -2.96
N GLU A 12 10.79 2.78 -3.19
CA GLU A 12 10.92 3.38 -4.54
C GLU A 12 12.23 2.93 -5.23
N LYS A 13 13.27 2.64 -4.42
CA LYS A 13 14.54 2.09 -4.92
C LYS A 13 14.30 0.66 -5.41
N ALA A 14 13.61 -0.13 -4.55
CA ALA A 14 13.22 -1.52 -4.85
C ALA A 14 12.20 -1.58 -5.99
N TYR A 15 11.40 -0.50 -6.14
CA TYR A 15 10.37 -0.37 -7.20
C TYR A 15 11.01 -0.20 -8.57
N LYS A 16 11.88 0.82 -8.67
CA LYS A 16 12.49 1.23 -9.96
C LYS A 16 13.63 0.30 -10.37
N LYS A 17 14.27 -0.38 -9.39
CA LYS A 17 15.25 -1.43 -9.67
C LYS A 17 14.52 -2.66 -10.22
N ALA A 18 13.37 -2.99 -9.62
CA ALA A 18 12.51 -4.11 -10.10
C ALA A 18 11.87 -3.78 -11.46
N GLU A 19 11.62 -2.49 -11.72
CA GLU A 19 11.14 -1.99 -13.03
C GLU A 19 12.21 -2.23 -14.10
N GLU A 20 13.44 -1.84 -13.74
CA GLU A 20 14.64 -2.00 -14.56
C GLU A 20 14.89 -3.49 -14.87
N LEU A 21 14.67 -4.35 -13.86
CA LEU A 21 14.85 -5.81 -13.98
C LEU A 21 13.61 -6.48 -14.61
N ASN A 22 12.49 -5.72 -14.77
CA ASN A 22 11.21 -6.22 -15.32
C ASN A 22 10.56 -7.29 -14.40
N GLN A 23 10.91 -7.19 -13.10
CA GLN A 23 10.33 -7.98 -12.01
C GLN A 23 9.03 -7.28 -11.56
N GLY A 24 7.89 -7.70 -12.14
CA GLY A 24 6.60 -7.06 -11.87
C GLY A 24 6.17 -7.21 -10.41
N GLU A 25 6.19 -8.46 -9.91
CA GLU A 25 5.79 -8.82 -8.53
C GLU A 25 6.52 -7.98 -7.47
N LEU A 26 7.84 -7.75 -7.69
CA LEU A 26 8.67 -6.95 -6.77
C LEU A 26 8.28 -5.46 -6.79
N MET A 27 7.83 -4.97 -7.96
CA MET A 27 7.27 -3.60 -8.09
C MET A 27 5.93 -3.48 -7.32
N GLY A 28 5.10 -4.55 -7.44
CA GLY A 28 3.80 -4.61 -6.77
C GLY A 28 3.93 -4.54 -5.25
N ARG A 29 5.00 -5.20 -4.71
CA ARG A 29 5.32 -5.18 -3.26
C ARG A 29 5.55 -3.74 -2.80
N ALA A 30 6.36 -3.02 -3.59
CA ALA A 30 6.78 -1.64 -3.31
C ALA A 30 5.56 -0.71 -3.20
N LEU A 31 4.63 -0.83 -4.16
CA LEU A 31 3.38 -0.04 -4.17
C LEU A 31 2.49 -0.35 -2.95
N TYR A 32 2.40 -1.64 -2.61
CA TYR A 32 1.66 -2.15 -1.44
C TYR A 32 2.23 -1.57 -0.14
N ASN A 33 3.56 -1.56 -0.04
CA ASN A 33 4.30 -1.15 1.17
C ASN A 33 4.26 0.37 1.35
N ILE A 34 4.37 1.11 0.24
CA ILE A 34 4.20 2.59 0.22
C ILE A 34 2.75 2.95 0.62
N GLY A 35 1.81 2.08 0.20
CA GLY A 35 0.43 2.17 0.62
C GLY A 35 0.27 2.03 2.13
N LEU A 36 1.03 1.08 2.72
CA LEU A 36 1.04 0.84 4.18
C LEU A 36 1.63 2.07 4.92
N GLU A 37 2.60 2.75 4.28
CA GLU A 37 3.22 3.97 4.85
C GLU A 37 2.21 5.13 4.88
N LYS A 38 1.41 5.25 3.80
CA LYS A 38 0.32 6.23 3.72
C LYS A 38 -0.78 5.89 4.75
N ASN A 39 -1.05 4.58 4.89
CA ASN A 39 -2.13 4.01 5.71
C ASN A 39 -1.89 4.32 7.22
N LYS A 40 -0.62 4.20 7.65
CA LYS A 40 -0.24 4.45 9.06
C LYS A 40 -0.20 5.96 9.41
N MET A 41 -0.07 6.82 8.37
CA MET A 41 0.00 8.29 8.53
C MET A 41 -1.39 8.94 8.50
N GLY A 42 -2.44 8.13 8.29
CA GLY A 42 -3.80 8.65 8.13
C GLY A 42 -4.06 9.19 6.73
N LYS A 43 -3.05 9.05 5.84
CA LYS A 43 -3.15 9.44 4.42
C LYS A 43 -3.59 8.20 3.62
N VAL A 44 -4.67 7.59 4.11
CA VAL A 44 -5.22 6.32 3.63
C VAL A 44 -5.88 6.51 2.24
N LYS A 45 -6.23 7.78 1.98
CA LYS A 45 -6.87 8.23 0.74
C LYS A 45 -5.92 7.98 -0.46
N GLU A 46 -4.60 8.17 -0.22
CA GLU A 46 -3.51 7.86 -1.19
C GLU A 46 -3.23 6.34 -1.19
N ALA A 47 -3.27 5.75 0.03
CA ALA A 47 -2.96 4.32 0.28
C ALA A 47 -3.82 3.37 -0.58
N ILE A 48 -5.11 3.73 -0.73
CA ILE A 48 -6.08 3.00 -1.57
C ILE A 48 -5.54 2.82 -3.00
N GLU A 49 -5.13 3.94 -3.61
CA GLU A 49 -4.60 3.98 -4.98
C GLU A 49 -3.34 3.12 -5.12
N TYR A 50 -2.49 3.12 -4.07
CA TYR A 50 -1.26 2.33 -4.03
C TYR A 50 -1.56 0.82 -3.94
N PHE A 51 -2.61 0.45 -3.17
CA PHE A 51 -3.06 -0.96 -3.05
C PHE A 51 -3.78 -1.40 -4.34
N LEU A 52 -4.40 -0.43 -5.04
CA LEU A 52 -5.11 -0.67 -6.32
C LEU A 52 -4.10 -1.01 -7.43
N ARG A 53 -3.01 -0.22 -7.47
CA ARG A 53 -1.90 -0.44 -8.41
C ARG A 53 -1.21 -1.77 -8.08
N ALA A 54 -0.89 -1.96 -6.78
CA ALA A 54 -0.20 -3.16 -6.27
C ALA A 54 -0.94 -4.43 -6.64
N LYS A 55 -2.26 -4.45 -6.36
CA LYS A 55 -3.13 -5.61 -6.62
C LYS A 55 -3.21 -5.91 -8.12
N LYS A 56 -3.23 -4.84 -8.95
CA LYS A 56 -3.28 -4.96 -10.41
C LYS A 56 -2.00 -5.60 -10.97
N VAL A 57 -0.85 -5.24 -10.38
CA VAL A 57 0.46 -5.76 -10.77
C VAL A 57 0.57 -7.24 -10.37
N PHE A 58 0.20 -7.53 -9.11
CA PHE A 58 0.13 -8.92 -8.57
C PHE A 58 -0.88 -9.78 -9.35
N ASP A 59 -1.93 -9.14 -9.90
CA ASP A 59 -2.96 -9.81 -10.72
C ASP A 59 -2.35 -10.29 -12.05
N ALA A 60 -1.54 -9.41 -12.66
CA ALA A 60 -0.85 -9.70 -13.93
C ALA A 60 0.25 -10.78 -13.74
N GLU A 61 0.93 -10.72 -12.58
CA GLU A 61 1.97 -11.69 -12.19
C GLU A 61 1.33 -12.99 -11.69
N HIS A 62 0.00 -12.94 -11.40
CA HIS A 62 -0.77 -14.05 -10.84
C HIS A 62 -0.22 -14.48 -9.46
N ASP A 63 0.37 -13.50 -8.73
CA ASP A 63 0.87 -13.66 -7.37
C ASP A 63 -0.31 -13.52 -6.40
N THR A 64 -0.80 -14.66 -5.89
CA THR A 64 -2.02 -14.73 -5.08
C THR A 64 -1.89 -14.00 -3.73
N ASP A 65 -0.73 -14.17 -3.06
CA ASP A 65 -0.53 -13.70 -1.69
C ASP A 65 -0.57 -12.17 -1.59
N GLY A 66 0.17 -11.51 -2.49
CA GLY A 66 0.23 -10.06 -2.52
C GLY A 66 -1.09 -9.42 -2.96
N ALA A 67 -1.74 -10.04 -3.97
CA ALA A 67 -3.01 -9.55 -4.52
C ALA A 67 -4.14 -9.57 -3.48
N ARG A 68 -4.20 -10.68 -2.72
CA ARG A 68 -5.21 -10.87 -1.66
C ARG A 68 -4.97 -9.90 -0.48
N ARG A 69 -3.69 -9.71 -0.09
CA ARG A 69 -3.33 -8.80 1.02
C ARG A 69 -3.54 -7.33 0.63
N ALA A 70 -3.36 -7.00 -0.66
CA ALA A 70 -3.60 -5.64 -1.18
C ALA A 70 -5.08 -5.29 -1.08
N ALA A 71 -5.94 -6.27 -1.40
CA ALA A 71 -7.40 -6.13 -1.32
C ALA A 71 -7.91 -6.18 0.14
N LYS A 72 -7.17 -6.88 1.01
CA LYS A 72 -7.52 -7.01 2.44
C LYS A 72 -7.18 -5.70 3.17
N SER A 73 -6.03 -5.12 2.80
CA SER A 73 -5.60 -3.79 3.26
C SER A 73 -6.51 -2.69 2.70
N LEU A 74 -7.07 -2.93 1.48
CA LEU A 74 -8.11 -2.08 0.87
C LEU A 74 -9.41 -2.11 1.69
N SER A 75 -9.81 -3.32 2.13
CA SER A 75 -11.02 -3.54 2.93
C SER A 75 -10.99 -2.68 4.23
N GLU A 76 -9.80 -2.64 4.87
CA GLU A 76 -9.55 -1.81 6.05
C GLU A 76 -9.43 -0.31 5.67
N ALA A 77 -8.81 -0.06 4.49
CA ALA A 77 -8.52 1.31 3.99
C ALA A 77 -9.81 2.10 3.71
N TYR A 78 -10.79 1.40 3.14
CA TYR A 78 -12.12 1.95 2.82
C TYR A 78 -12.90 2.31 4.10
N GLN A 79 -12.58 1.63 5.22
CA GLN A 79 -13.21 1.90 6.53
C GLN A 79 -12.62 3.18 7.17
N LYS A 80 -11.34 3.45 6.89
CA LYS A 80 -10.63 4.65 7.38
C LYS A 80 -11.00 5.89 6.55
N VAL A 81 -11.43 5.65 5.30
CA VAL A 81 -11.87 6.69 4.36
C VAL A 81 -13.40 6.88 4.47
N GLU A 82 -14.20 5.88 4.03
CA GLU A 82 -15.66 5.87 4.30
C GLU A 82 -15.91 5.74 5.83
N GLY A 83 -16.21 6.87 6.46
CA GLY A 83 -16.35 6.96 7.90
C GLY A 83 -15.92 8.32 8.40
N SER A 84 -16.06 8.56 9.71
CA SER A 84 -15.61 9.79 10.36
C SER A 84 -14.06 9.85 10.37
N GLY A 85 -13.50 10.63 9.44
CA GLY A 85 -12.06 10.77 9.27
C GLY A 85 -11.68 10.93 7.81
N ASP A 86 -12.40 11.80 7.10
CA ASP A 86 -12.23 11.99 5.65
C ASP A 86 -12.82 13.32 5.22
N LYS A 87 -11.97 14.35 5.10
CA LYS A 87 -12.36 15.68 4.63
C LYS A 87 -11.93 15.85 3.16
N GLY A 88 -12.89 16.13 2.27
CA GLY A 88 -12.65 16.23 0.83
C GLY A 88 -12.16 17.62 0.40
N LYS A 89 -11.20 18.18 1.17
CA LYS A 89 -10.57 19.46 0.85
C LYS A 89 -9.21 19.18 0.18
N ILE A 90 -9.28 18.85 -1.11
CA ILE A 90 -8.11 18.65 -1.96
C ILE A 90 -7.67 20.03 -2.49
N PHE A 91 -6.44 20.45 -2.14
CA PHE A 91 -5.85 21.70 -2.65
C PHE A 91 -5.60 21.59 -4.16
N GLN A 92 -5.38 22.73 -4.83
CA GLN A 92 -5.33 22.82 -6.30
C GLN A 92 -3.93 22.41 -6.85
N LYS A 93 -3.26 21.44 -6.18
CA LYS A 93 -1.88 21.00 -6.49
C LYS A 93 -0.92 22.18 -6.30
N GLU A 94 -1.00 22.75 -5.09
CA GLU A 94 -0.29 23.98 -4.68
C GLU A 94 1.24 23.74 -4.67
N GLY A 95 1.98 24.68 -5.27
CA GLY A 95 3.44 24.60 -5.33
C GLY A 95 3.95 23.86 -6.56
N GLU A 96 3.09 23.72 -7.61
CA GLU A 96 3.51 23.09 -8.89
C GLU A 96 4.47 24.05 -9.65
N SER A 97 5.25 23.49 -10.60
CA SER A 97 6.18 24.28 -11.42
C SER A 97 6.61 23.48 -12.66
N ILE A 98 6.88 24.22 -13.75
CA ILE A 98 7.37 23.64 -15.01
C ILE A 98 8.89 23.38 -14.95
N LEU A 99 9.37 22.48 -15.80
CA LEU A 99 10.79 22.13 -15.91
C LEU A 99 11.45 23.04 -16.95
N GLU A 100 12.35 23.93 -16.47
CA GLU A 100 13.08 24.90 -17.31
C GLU A 100 14.42 24.27 -17.77
N GLY A 1 16.80 8.09 9.44
CA GLY A 1 15.56 8.84 9.12
C GLY A 1 14.61 8.88 10.32
N GLY A 2 13.34 8.50 10.09
CA GLY A 2 12.33 8.43 11.14
C GLY A 2 10.92 8.54 10.59
N SER A 3 10.74 9.44 9.60
CA SER A 3 9.46 9.66 8.92
C SER A 3 9.15 8.54 7.89
N PRO A 4 7.86 8.09 7.78
CA PRO A 4 7.43 7.08 6.78
C PRO A 4 7.73 7.48 5.31
N ASP A 5 7.69 8.81 5.04
CA ASP A 5 7.98 9.40 3.71
C ASP A 5 9.42 9.07 3.23
N GLU A 6 10.35 9.00 4.20
CA GLU A 6 11.77 8.65 3.94
C GLU A 6 11.89 7.16 3.57
N ASN A 7 11.10 6.30 4.25
CA ASN A 7 11.02 4.85 3.92
C ASN A 7 10.45 4.63 2.51
N ILE A 8 9.48 5.49 2.13
CA ILE A 8 8.84 5.48 0.80
C ILE A 8 9.86 5.71 -0.32
N ALA A 9 10.79 6.67 -0.10
CA ALA A 9 11.88 6.97 -1.07
C ALA A 9 12.73 5.71 -1.34
N LYS A 10 12.93 4.90 -0.29
CA LYS A 10 13.66 3.63 -0.38
C LYS A 10 12.84 2.58 -1.17
N PHE A 11 11.51 2.55 -0.92
CA PHE A 11 10.60 1.58 -1.58
C PHE A 11 10.36 1.95 -3.05
N GLU A 12 10.47 3.25 -3.38
CA GLU A 12 10.37 3.75 -4.76
C GLU A 12 11.67 3.42 -5.53
N LYS A 13 12.80 3.45 -4.81
CA LYS A 13 14.11 3.09 -5.37
C LYS A 13 14.16 1.57 -5.61
N ALA A 14 13.53 0.81 -4.71
CA ALA A 14 13.37 -0.64 -4.83
C ALA A 14 12.34 -0.99 -5.93
N TYR A 15 11.36 -0.10 -6.11
CA TYR A 15 10.32 -0.19 -7.15
C TYR A 15 10.92 0.05 -8.55
N LYS A 16 11.85 1.02 -8.61
CA LYS A 16 12.59 1.35 -9.83
C LYS A 16 13.51 0.18 -10.22
N LYS A 17 14.25 -0.36 -9.22
CA LYS A 17 15.12 -1.53 -9.40
C LYS A 17 14.30 -2.74 -9.90
N ALA A 18 13.14 -2.94 -9.26
CA ALA A 18 12.17 -3.99 -9.58
C ALA A 18 11.74 -3.92 -11.08
N GLU A 19 11.46 -2.67 -11.53
CA GLU A 19 10.99 -2.37 -12.91
C GLU A 19 12.11 -2.66 -13.92
N GLU A 20 13.36 -2.30 -13.54
CA GLU A 20 14.57 -2.53 -14.37
C GLU A 20 14.83 -4.04 -14.53
N LEU A 21 14.51 -4.81 -13.48
CA LEU A 21 14.68 -6.28 -13.46
C LEU A 21 13.49 -6.98 -14.18
N ASN A 22 12.42 -6.19 -14.47
CA ASN A 22 11.18 -6.67 -15.14
C ASN A 22 10.45 -7.71 -14.24
N GLN A 23 10.63 -7.55 -12.91
CA GLN A 23 10.06 -8.45 -11.89
C GLN A 23 8.89 -7.74 -11.20
N GLY A 24 7.68 -8.00 -11.73
CA GLY A 24 6.47 -7.32 -11.31
C GLY A 24 6.11 -7.59 -9.84
N GLU A 25 6.40 -8.80 -9.35
CA GLU A 25 6.11 -9.21 -7.95
C GLU A 25 6.79 -8.25 -6.95
N LEU A 26 7.99 -7.75 -7.33
CA LEU A 26 8.74 -6.77 -6.55
C LEU A 26 8.12 -5.36 -6.66
N MET A 27 7.61 -5.02 -7.87
CA MET A 27 7.04 -3.69 -8.15
C MET A 27 5.75 -3.45 -7.36
N GLY A 28 4.80 -4.38 -7.51
CA GLY A 28 3.55 -4.33 -6.77
C GLY A 28 3.76 -4.38 -5.27
N ARG A 29 4.74 -5.19 -4.84
CA ARG A 29 5.11 -5.34 -3.41
C ARG A 29 5.64 -4.01 -2.86
N ALA A 30 6.41 -3.30 -3.69
CA ALA A 30 7.00 -2.01 -3.35
C ALA A 30 5.92 -0.94 -3.11
N LEU A 31 4.93 -0.91 -4.01
CA LEU A 31 3.76 -0.01 -3.91
C LEU A 31 2.92 -0.35 -2.68
N TYR A 32 2.81 -1.65 -2.38
CA TYR A 32 2.10 -2.16 -1.20
C TYR A 32 2.79 -1.65 0.08
N ASN A 33 4.14 -1.64 0.09
CA ASN A 33 4.96 -1.12 1.23
C ASN A 33 4.72 0.39 1.43
N ILE A 34 4.70 1.14 0.30
CA ILE A 34 4.44 2.60 0.29
C ILE A 34 3.03 2.90 0.83
N GLY A 35 2.08 2.02 0.46
CA GLY A 35 0.71 2.11 0.92
C GLY A 35 0.59 1.97 2.43
N LEU A 36 1.43 1.08 3.00
CA LEU A 36 1.50 0.85 4.46
C LEU A 36 2.09 2.07 5.19
N GLU A 37 3.02 2.79 4.52
CA GLU A 37 3.63 4.02 5.06
C GLU A 37 2.63 5.19 5.04
N LYS A 38 1.80 5.24 3.99
CA LYS A 38 0.68 6.21 3.88
C LYS A 38 -0.39 5.90 4.96
N ASN A 39 -0.63 4.60 5.16
CA ASN A 39 -1.64 4.06 6.10
C ASN A 39 -1.32 4.50 7.55
N LYS A 40 -0.03 4.38 7.94
CA LYS A 40 0.43 4.73 9.31
C LYS A 40 0.47 6.26 9.53
N MET A 41 0.45 7.03 8.43
CA MET A 41 0.37 8.52 8.48
C MET A 41 -1.08 9.01 8.47
N GLY A 42 -2.03 8.07 8.28
CA GLY A 42 -3.46 8.42 8.17
C GLY A 42 -3.85 8.91 6.79
N LYS A 43 -2.89 8.85 5.84
CA LYS A 43 -3.10 9.21 4.42
C LYS A 43 -3.66 7.98 3.68
N VAL A 44 -4.84 7.53 4.14
CA VAL A 44 -5.55 6.35 3.63
C VAL A 44 -5.98 6.57 2.16
N LYS A 45 -6.17 7.86 1.81
CA LYS A 45 -6.45 8.32 0.43
C LYS A 45 -5.44 7.74 -0.57
N GLU A 46 -4.16 8.00 -0.28
CA GLU A 46 -3.06 7.56 -1.13
C GLU A 46 -2.79 6.06 -0.98
N ALA A 47 -2.93 5.55 0.27
CA ALA A 47 -2.68 4.13 0.63
C ALA A 47 -3.47 3.19 -0.29
N ILE A 48 -4.77 3.55 -0.49
CA ILE A 48 -5.68 2.86 -1.41
C ILE A 48 -5.10 2.78 -2.84
N GLU A 49 -4.67 3.96 -3.36
CA GLU A 49 -4.14 4.10 -4.74
C GLU A 49 -2.99 3.11 -4.98
N TYR A 50 -2.09 3.03 -3.98
CA TYR A 50 -0.92 2.16 -4.02
C TYR A 50 -1.30 0.67 -3.95
N PHE A 51 -2.30 0.32 -3.11
CA PHE A 51 -2.78 -1.07 -2.97
C PHE A 51 -3.53 -1.54 -4.23
N LEU A 52 -4.14 -0.58 -4.95
CA LEU A 52 -4.88 -0.84 -6.20
C LEU A 52 -3.91 -1.14 -7.34
N ARG A 53 -2.85 -0.31 -7.43
CA ARG A 53 -1.77 -0.49 -8.41
C ARG A 53 -0.94 -1.73 -8.08
N ALA A 54 -0.76 -2.00 -6.76
CA ALA A 54 0.00 -3.14 -6.25
C ALA A 54 -0.67 -4.45 -6.67
N LYS A 55 -1.98 -4.51 -6.39
CA LYS A 55 -2.83 -5.65 -6.71
C LYS A 55 -2.83 -5.93 -8.22
N LYS A 56 -2.91 -4.84 -9.00
CA LYS A 56 -2.99 -4.87 -10.48
C LYS A 56 -1.78 -5.61 -11.07
N VAL A 57 -0.60 -5.37 -10.48
CA VAL A 57 0.67 -5.98 -10.91
C VAL A 57 0.74 -7.45 -10.47
N PHE A 58 0.22 -7.75 -9.26
CA PHE A 58 0.13 -9.13 -8.74
C PHE A 58 -0.84 -9.98 -9.59
N ASP A 59 -1.85 -9.32 -10.20
CA ASP A 59 -2.78 -9.95 -11.14
C ASP A 59 -2.04 -10.35 -12.44
N ALA A 60 -1.09 -9.49 -12.87
CA ALA A 60 -0.24 -9.71 -14.06
C ALA A 60 0.80 -10.82 -13.80
N GLU A 61 1.25 -10.91 -12.53
CA GLU A 61 2.16 -11.97 -12.05
C GLU A 61 1.41 -13.28 -11.80
N HIS A 62 0.07 -13.19 -11.74
CA HIS A 62 -0.84 -14.29 -11.42
C HIS A 62 -0.72 -14.73 -9.94
N ASP A 63 -0.16 -13.83 -9.09
CA ASP A 63 -0.17 -13.98 -7.62
C ASP A 63 -1.50 -13.45 -7.09
N THR A 64 -2.54 -14.30 -7.15
CA THR A 64 -3.86 -13.95 -6.61
C THR A 64 -3.79 -13.78 -5.07
N ASP A 65 -2.83 -14.49 -4.44
CA ASP A 65 -2.60 -14.45 -2.98
C ASP A 65 -2.12 -13.04 -2.56
N GLY A 66 -1.11 -12.54 -3.28
CA GLY A 66 -0.58 -11.19 -3.07
C GLY A 66 -1.58 -10.09 -3.41
N ALA A 67 -2.41 -10.37 -4.41
CA ALA A 67 -3.46 -9.47 -4.89
C ALA A 67 -4.62 -9.37 -3.88
N ARG A 68 -4.96 -10.51 -3.24
CA ARG A 68 -6.02 -10.60 -2.21
C ARG A 68 -5.54 -9.95 -0.90
N ARG A 69 -4.22 -10.02 -0.67
CA ARG A 69 -3.55 -9.37 0.47
C ARG A 69 -3.64 -7.84 0.34
N ALA A 70 -3.41 -7.34 -0.89
CA ALA A 70 -3.54 -5.91 -1.22
C ALA A 70 -5.01 -5.47 -1.12
N ALA A 71 -5.91 -6.36 -1.56
CA ALA A 71 -7.38 -6.16 -1.49
C ALA A 71 -7.88 -6.21 -0.03
N LYS A 72 -7.16 -6.96 0.83
CA LYS A 72 -7.46 -7.04 2.27
C LYS A 72 -7.10 -5.72 2.96
N SER A 73 -5.92 -5.18 2.62
CA SER A 73 -5.45 -3.88 3.12
C SER A 73 -6.40 -2.75 2.68
N LEU A 74 -6.98 -2.89 1.48
CA LEU A 74 -8.05 -2.02 0.95
C LEU A 74 -9.33 -2.17 1.80
N SER A 75 -9.69 -3.41 2.13
CA SER A 75 -10.92 -3.75 2.88
C SER A 75 -10.91 -3.09 4.28
N GLU A 76 -9.71 -2.98 4.88
CA GLU A 76 -9.49 -2.31 6.17
C GLU A 76 -9.53 -0.76 5.99
N ALA A 77 -8.95 -0.30 4.86
CA ALA A 77 -8.74 1.12 4.57
C ALA A 77 -10.06 1.87 4.29
N TYR A 78 -10.93 1.25 3.45
CA TYR A 78 -12.21 1.86 2.97
C TYR A 78 -13.18 2.18 4.13
N GLN A 79 -13.10 1.38 5.21
CA GLN A 79 -13.90 1.57 6.44
C GLN A 79 -13.56 2.95 7.07
N LYS A 80 -12.25 3.25 7.08
CA LYS A 80 -11.67 4.44 7.71
C LYS A 80 -11.91 5.70 6.86
N VAL A 81 -12.03 5.51 5.53
CA VAL A 81 -12.35 6.60 4.57
C VAL A 81 -13.74 7.19 4.85
N GLU A 82 -14.65 6.30 5.28
CA GLU A 82 -16.02 6.67 5.66
C GLU A 82 -16.04 7.19 7.11
N GLY A 83 -15.41 8.36 7.34
CA GLY A 83 -15.35 8.99 8.67
C GLY A 83 -16.57 9.87 8.95
N SER A 84 -17.76 9.38 8.54
CA SER A 84 -19.03 10.11 8.65
C SER A 84 -19.56 10.09 10.10
N GLY A 85 -20.47 11.02 10.41
CA GLY A 85 -21.01 11.20 11.76
C GLY A 85 -20.07 12.03 12.61
N ASP A 86 -18.84 11.51 12.79
CA ASP A 86 -17.73 12.24 13.42
C ASP A 86 -17.31 13.40 12.51
N LYS A 87 -17.60 14.64 12.95
CA LYS A 87 -17.21 15.85 12.23
C LYS A 87 -15.74 16.19 12.57
N GLY A 88 -14.86 16.07 11.56
CA GLY A 88 -13.46 16.42 11.70
C GLY A 88 -13.27 17.93 11.74
N LYS A 89 -12.56 18.40 12.79
CA LYS A 89 -12.34 19.84 13.00
C LYS A 89 -11.27 20.35 12.02
N ILE A 90 -11.72 21.18 11.08
CA ILE A 90 -10.86 21.85 10.07
C ILE A 90 -10.10 23.06 10.68
N PHE A 91 -10.22 23.22 12.00
CA PHE A 91 -9.45 24.22 12.78
C PHE A 91 -7.96 23.78 12.84
N GLN A 92 -7.20 24.25 11.85
CA GLN A 92 -5.77 23.91 11.65
C GLN A 92 -4.87 25.15 11.86
N LYS A 93 -5.42 26.17 12.54
CA LYS A 93 -4.77 27.49 12.74
C LYS A 93 -4.63 28.20 11.38
N GLU A 94 -5.70 28.87 10.94
CA GLU A 94 -5.76 29.58 9.65
C GLU A 94 -4.97 30.90 9.75
N GLY A 95 -3.64 30.80 9.64
CA GLY A 95 -2.74 31.94 9.80
C GLY A 95 -2.76 32.90 8.61
N GLU A 96 -3.24 34.13 8.86
CA GLU A 96 -3.35 35.19 7.84
C GLU A 96 -2.46 36.39 8.21
N SER A 97 -1.41 36.14 9.00
CA SER A 97 -0.48 37.19 9.48
C SER A 97 0.56 37.61 8.41
N ILE A 98 0.40 37.12 7.16
CA ILE A 98 1.29 37.47 6.04
C ILE A 98 0.58 38.41 5.04
N LEU A 99 1.37 39.29 4.41
CA LEU A 99 0.92 40.14 3.29
C LEU A 99 1.38 39.57 1.94
N GLU A 100 2.22 38.50 2.00
CA GLU A 100 2.70 37.75 0.82
C GLU A 100 1.57 36.88 0.23
N GLY A 1 14.19 2.96 12.20
CA GLY A 1 13.72 3.22 10.82
C GLY A 1 13.85 4.69 10.45
N GLY A 2 12.72 5.34 10.14
CA GLY A 2 12.70 6.76 9.84
C GLY A 2 11.29 7.26 9.55
N SER A 3 11.18 8.50 9.06
CA SER A 3 9.90 9.11 8.67
C SER A 3 9.21 8.26 7.57
N PRO A 4 7.86 8.00 7.63
CA PRO A 4 7.16 7.08 6.69
C PRO A 4 7.37 7.39 5.18
N ASP A 5 7.31 8.69 4.82
CA ASP A 5 7.53 9.13 3.40
C ASP A 5 9.01 9.05 3.00
N GLU A 6 9.90 9.12 4.00
CA GLU A 6 11.35 8.87 3.81
C GLU A 6 11.58 7.36 3.55
N ASN A 7 10.83 6.51 4.27
CA ASN A 7 10.87 5.04 4.10
C ASN A 7 10.38 4.65 2.69
N ILE A 8 9.38 5.42 2.19
CA ILE A 8 8.85 5.31 0.83
C ILE A 8 9.94 5.61 -0.21
N ALA A 9 10.70 6.70 0.02
CA ALA A 9 11.81 7.11 -0.87
C ALA A 9 12.87 5.98 -0.98
N LYS A 10 13.01 5.20 0.10
CA LYS A 10 13.87 4.02 0.16
C LYS A 10 13.23 2.82 -0.60
N PHE A 11 11.89 2.66 -0.45
CA PHE A 11 11.11 1.59 -1.13
C PHE A 11 11.12 1.79 -2.66
N GLU A 12 11.16 3.08 -3.07
CA GLU A 12 11.18 3.47 -4.49
C GLU A 12 12.50 3.07 -5.15
N LYS A 13 13.59 2.98 -4.36
CA LYS A 13 14.91 2.54 -4.85
C LYS A 13 14.84 1.07 -5.30
N ALA A 14 14.25 0.23 -4.41
CA ALA A 14 14.03 -1.20 -4.67
C ALA A 14 12.99 -1.40 -5.79
N TYR A 15 12.01 -0.47 -5.85
CA TYR A 15 10.91 -0.48 -6.84
C TYR A 15 11.41 -0.16 -8.26
N LYS A 16 12.33 0.82 -8.39
CA LYS A 16 12.88 1.21 -9.71
C LYS A 16 13.82 0.12 -10.23
N LYS A 17 14.49 -0.58 -9.29
CA LYS A 17 15.36 -1.71 -9.62
C LYS A 17 14.49 -2.92 -10.02
N ALA A 18 13.30 -3.01 -9.41
CA ALA A 18 12.28 -4.00 -9.74
C ALA A 18 11.68 -3.72 -11.15
N GLU A 19 11.46 -2.42 -11.42
CA GLU A 19 10.72 -1.92 -12.59
C GLU A 19 11.58 -1.97 -13.87
N GLU A 20 12.89 -1.70 -13.72
CA GLU A 20 13.84 -1.75 -14.85
C GLU A 20 13.99 -3.20 -15.37
N LEU A 21 13.88 -4.18 -14.45
CA LEU A 21 13.91 -5.61 -14.78
C LEU A 21 12.48 -6.14 -15.06
N ASN A 22 11.48 -5.29 -14.73
CA ASN A 22 10.04 -5.50 -15.00
C ASN A 22 9.47 -6.68 -14.17
N GLN A 23 10.16 -7.02 -13.07
CA GLN A 23 9.77 -8.12 -12.19
C GLN A 23 8.63 -7.65 -11.26
N GLY A 24 7.40 -8.01 -11.66
CA GLY A 24 6.18 -7.54 -11.01
C GLY A 24 6.00 -8.03 -9.58
N GLU A 25 6.58 -9.22 -9.27
CA GLU A 25 6.53 -9.79 -7.91
C GLU A 25 7.13 -8.80 -6.88
N LEU A 26 8.20 -8.11 -7.31
CA LEU A 26 8.92 -7.12 -6.52
C LEU A 26 8.13 -5.80 -6.43
N MET A 27 7.65 -5.32 -7.60
CA MET A 27 6.98 -4.01 -7.73
C MET A 27 5.66 -3.94 -6.95
N GLY A 28 4.93 -5.07 -6.96
CA GLY A 28 3.66 -5.17 -6.22
C GLY A 28 3.87 -5.03 -4.72
N ARG A 29 4.91 -5.70 -4.20
CA ARG A 29 5.31 -5.63 -2.78
C ARG A 29 5.72 -4.19 -2.41
N ALA A 30 6.47 -3.54 -3.32
CA ALA A 30 7.00 -2.19 -3.12
C ALA A 30 5.87 -1.16 -2.98
N LEU A 31 4.94 -1.16 -3.95
CA LEU A 31 3.78 -0.25 -3.99
C LEU A 31 2.81 -0.53 -2.82
N TYR A 32 2.75 -1.82 -2.41
CA TYR A 32 1.96 -2.26 -1.26
C TYR A 32 2.49 -1.61 0.04
N ASN A 33 3.82 -1.64 0.23
CA ASN A 33 4.48 -1.07 1.43
C ASN A 33 4.41 0.47 1.44
N ILE A 34 4.50 1.09 0.24
CA ILE A 34 4.31 2.55 0.07
C ILE A 34 2.90 2.93 0.56
N GLY A 35 1.91 2.08 0.15
CA GLY A 35 0.53 2.23 0.57
C GLY A 35 0.37 2.16 2.09
N LEU A 36 1.04 1.15 2.71
CA LEU A 36 1.00 0.93 4.18
C LEU A 36 1.49 2.16 4.97
N GLU A 37 2.51 2.86 4.40
CA GLU A 37 3.09 4.06 5.03
C GLU A 37 2.04 5.19 5.07
N LYS A 38 1.37 5.43 3.92
CA LYS A 38 0.26 6.42 3.83
C LYS A 38 -0.89 6.03 4.78
N ASN A 39 -1.19 4.72 4.81
CA ASN A 39 -2.35 4.14 5.51
C ASN A 39 -2.28 4.39 7.03
N LYS A 40 -1.08 4.14 7.61
CA LYS A 40 -0.84 4.30 9.06
C LYS A 40 -0.75 5.79 9.46
N MET A 41 -0.35 6.66 8.49
CA MET A 41 -0.26 8.12 8.73
C MET A 41 -1.65 8.80 8.73
N GLY A 42 -2.65 8.11 8.17
CA GLY A 42 -3.98 8.68 7.99
C GLY A 42 -4.15 9.29 6.60
N LYS A 43 -3.11 9.17 5.77
CA LYS A 43 -3.13 9.62 4.35
C LYS A 43 -3.65 8.46 3.49
N VAL A 44 -4.79 7.93 3.90
CA VAL A 44 -5.31 6.63 3.46
C VAL A 44 -5.83 6.68 2.01
N LYS A 45 -6.20 7.90 1.56
CA LYS A 45 -6.65 8.14 0.17
C LYS A 45 -5.58 7.66 -0.84
N GLU A 46 -4.33 8.10 -0.64
CA GLU A 46 -3.18 7.70 -1.48
C GLU A 46 -2.88 6.21 -1.31
N ALA A 47 -3.02 5.71 -0.06
CA ALA A 47 -2.75 4.30 0.31
C ALA A 47 -3.56 3.33 -0.56
N ILE A 48 -4.87 3.64 -0.70
CA ILE A 48 -5.82 2.90 -1.55
C ILE A 48 -5.29 2.76 -2.98
N GLU A 49 -4.85 3.90 -3.56
CA GLU A 49 -4.37 3.99 -4.95
C GLU A 49 -3.15 3.08 -5.17
N TYR A 50 -2.26 3.01 -4.15
CA TYR A 50 -1.05 2.17 -4.19
C TYR A 50 -1.37 0.67 -4.02
N PHE A 51 -2.40 0.34 -3.21
CA PHE A 51 -2.87 -1.06 -3.06
C PHE A 51 -3.56 -1.53 -4.35
N LEU A 52 -4.16 -0.57 -5.09
CA LEU A 52 -4.81 -0.82 -6.38
C LEU A 52 -3.76 -1.17 -7.45
N ARG A 53 -2.64 -0.39 -7.45
CA ARG A 53 -1.49 -0.65 -8.32
C ARG A 53 -0.90 -2.03 -7.99
N ALA A 54 -0.64 -2.24 -6.68
CA ALA A 54 -0.02 -3.46 -6.15
C ALA A 54 -0.79 -4.71 -6.57
N LYS A 55 -2.13 -4.64 -6.40
CA LYS A 55 -3.05 -5.73 -6.75
C LYS A 55 -3.00 -6.04 -8.26
N LYS A 56 -2.94 -4.98 -9.08
CA LYS A 56 -2.82 -5.08 -10.55
C LYS A 56 -1.49 -5.75 -10.96
N VAL A 57 -0.41 -5.37 -10.28
CA VAL A 57 0.95 -5.84 -10.60
C VAL A 57 1.10 -7.34 -10.18
N PHE A 58 0.44 -7.70 -9.05
CA PHE A 58 0.33 -9.11 -8.61
C PHE A 58 -0.57 -9.91 -9.58
N ASP A 59 -1.63 -9.26 -10.10
CA ASP A 59 -2.59 -9.88 -11.04
C ASP A 59 -1.87 -10.27 -12.34
N ALA A 60 -1.00 -9.36 -12.81
CA ALA A 60 -0.16 -9.56 -14.00
C ALA A 60 0.79 -10.76 -13.83
N GLU A 61 1.29 -10.93 -12.59
CA GLU A 61 2.16 -12.06 -12.21
C GLU A 61 1.37 -13.31 -11.81
N HIS A 62 0.02 -13.20 -11.80
CA HIS A 62 -0.90 -14.27 -11.38
C HIS A 62 -0.64 -14.71 -9.93
N ASP A 63 -0.08 -13.78 -9.12
CA ASP A 63 0.19 -13.98 -7.71
C ASP A 63 -1.12 -13.76 -6.95
N THR A 64 -1.85 -14.87 -6.76
CA THR A 64 -3.18 -14.86 -6.15
C THR A 64 -3.15 -14.30 -4.71
N ASP A 65 -2.10 -14.68 -3.95
CA ASP A 65 -1.92 -14.25 -2.55
C ASP A 65 -1.92 -12.73 -2.44
N GLY A 66 -0.98 -12.09 -3.16
CA GLY A 66 -0.78 -10.65 -3.09
C GLY A 66 -1.94 -9.84 -3.66
N ALA A 67 -2.65 -10.40 -4.66
CA ALA A 67 -3.84 -9.77 -5.25
C ALA A 67 -4.97 -9.66 -4.20
N ARG A 68 -5.17 -10.76 -3.45
CA ARG A 68 -6.17 -10.84 -2.37
C ARG A 68 -5.70 -10.04 -1.13
N ARG A 69 -4.38 -10.00 -0.91
CA ARG A 69 -3.75 -9.36 0.26
C ARG A 69 -3.75 -7.83 0.13
N ALA A 70 -3.62 -7.33 -1.11
CA ALA A 70 -3.75 -5.90 -1.43
C ALA A 70 -5.20 -5.45 -1.27
N ALA A 71 -6.14 -6.34 -1.65
CA ALA A 71 -7.59 -6.12 -1.49
C ALA A 71 -8.02 -6.23 -0.01
N LYS A 72 -7.26 -7.03 0.77
CA LYS A 72 -7.46 -7.16 2.22
C LYS A 72 -7.09 -5.84 2.93
N SER A 73 -5.91 -5.30 2.55
CA SER A 73 -5.40 -4.04 3.10
C SER A 73 -6.27 -2.86 2.62
N LEU A 74 -6.88 -3.01 1.41
CA LEU A 74 -7.87 -2.06 0.86
C LEU A 74 -9.10 -1.95 1.77
N SER A 75 -9.60 -3.10 2.27
CA SER A 75 -10.79 -3.11 3.17
C SER A 75 -10.48 -2.34 4.47
N GLU A 76 -9.27 -2.60 5.02
CA GLU A 76 -8.75 -1.91 6.21
C GLU A 76 -8.58 -0.39 5.95
N ALA A 77 -8.26 -0.05 4.69
CA ALA A 77 -8.11 1.33 4.23
C ALA A 77 -9.46 2.06 4.16
N TYR A 78 -10.47 1.39 3.57
CA TYR A 78 -11.81 1.95 3.37
C TYR A 78 -12.54 2.18 4.71
N GLN A 79 -12.15 1.43 5.76
CA GLN A 79 -12.65 1.66 7.14
C GLN A 79 -12.31 3.07 7.64
N LYS A 80 -11.09 3.51 7.28
CA LYS A 80 -10.51 4.77 7.76
C LYS A 80 -11.06 5.97 6.95
N VAL A 81 -11.34 5.72 5.66
CA VAL A 81 -11.84 6.75 4.73
C VAL A 81 -13.35 7.00 4.94
N GLU A 82 -14.17 5.93 4.77
CA GLU A 82 -15.64 6.02 4.86
C GLU A 82 -16.09 6.34 6.29
N GLY A 83 -17.13 7.17 6.41
CA GLY A 83 -17.70 7.52 7.72
C GLY A 83 -18.65 6.45 8.23
N SER A 84 -18.08 5.26 8.53
CA SER A 84 -18.83 4.12 9.09
C SER A 84 -18.92 4.32 10.62
N GLY A 85 -20.06 4.88 11.07
CA GLY A 85 -20.24 5.29 12.47
C GLY A 85 -19.66 6.68 12.72
N ASP A 86 -20.14 7.37 13.76
CA ASP A 86 -19.63 8.70 14.16
C ASP A 86 -18.18 8.54 14.70
N LYS A 87 -17.22 9.08 13.94
CA LYS A 87 -15.80 9.09 14.31
C LYS A 87 -15.35 10.54 14.52
N GLY A 88 -14.70 10.81 15.67
CA GLY A 88 -14.27 12.17 16.02
C GLY A 88 -12.92 12.52 15.43
N LYS A 89 -12.81 12.45 14.09
CA LYS A 89 -11.57 12.77 13.38
C LYS A 89 -11.30 14.29 13.48
N ILE A 90 -10.35 14.63 14.34
CA ILE A 90 -10.04 16.00 14.75
C ILE A 90 -9.17 16.73 13.69
N PHE A 91 -9.71 17.85 13.17
CA PHE A 91 -9.04 18.73 12.20
C PHE A 91 -8.68 20.08 12.87
N GLN A 92 -7.44 20.57 12.64
CA GLN A 92 -6.92 21.86 13.20
C GLN A 92 -6.94 21.86 14.75
N LYS A 93 -6.98 20.65 15.31
CA LYS A 93 -7.05 20.37 16.73
C LYS A 93 -6.45 18.99 16.94
N GLU A 94 -5.27 18.92 17.59
CA GLU A 94 -4.64 17.64 17.94
C GLU A 94 -5.23 17.06 19.23
N GLY A 95 -6.02 17.90 19.95
CA GLY A 95 -6.76 17.46 21.13
C GLY A 95 -5.92 17.48 22.40
N GLU A 96 -6.53 17.92 23.50
CA GLU A 96 -5.92 17.83 24.84
C GLU A 96 -5.92 16.34 25.27
N SER A 97 -4.74 15.80 25.59
CA SER A 97 -4.56 14.38 25.93
C SER A 97 -5.33 14.02 27.22
N ILE A 98 -6.56 13.52 27.05
CA ILE A 98 -7.42 13.06 28.16
C ILE A 98 -7.78 11.57 27.94
N LEU A 99 -8.18 10.89 29.04
CA LEU A 99 -8.53 9.45 29.04
C LEU A 99 -7.28 8.60 28.74
N GLU A 100 -6.55 8.20 29.80
CA GLU A 100 -5.31 7.40 29.69
C GLU A 100 -5.67 5.95 29.29
N GLY A 1 14.57 2.64 9.07
CA GLY A 1 14.67 3.84 9.95
C GLY A 1 14.14 5.10 9.29
N GLY A 2 14.23 6.23 9.99
CA GLY A 2 13.72 7.52 9.49
C GLY A 2 12.20 7.62 9.57
N SER A 3 11.62 8.55 8.79
CA SER A 3 10.17 8.76 8.73
C SER A 3 9.49 7.69 7.83
N PRO A 4 8.14 7.46 7.96
CA PRO A 4 7.38 6.64 6.98
C PRO A 4 7.52 7.17 5.53
N ASP A 5 7.66 8.50 5.43
CA ASP A 5 7.91 9.21 4.16
C ASP A 5 9.31 8.86 3.59
N GLU A 6 10.30 8.73 4.49
CA GLU A 6 11.69 8.36 4.14
C GLU A 6 11.70 6.91 3.61
N ASN A 7 10.86 6.06 4.26
CA ASN A 7 10.62 4.66 3.87
C ASN A 7 10.02 4.58 2.46
N ILE A 8 9.01 5.45 2.18
CA ILE A 8 8.34 5.53 0.86
C ILE A 8 9.35 5.71 -0.28
N ALA A 9 10.26 6.69 -0.10
CA ALA A 9 11.31 7.02 -1.09
C ALA A 9 12.31 5.86 -1.25
N LYS A 10 12.56 5.11 -0.16
CA LYS A 10 13.45 3.95 -0.13
C LYS A 10 12.82 2.76 -0.92
N PHE A 11 11.50 2.59 -0.76
CA PHE A 11 10.71 1.55 -1.45
C PHE A 11 10.46 1.94 -2.92
N GLU A 12 10.47 3.27 -3.18
CA GLU A 12 10.29 3.82 -4.53
C GLU A 12 11.57 3.59 -5.34
N LYS A 13 12.74 3.73 -4.69
CA LYS A 13 14.04 3.38 -5.29
C LYS A 13 14.07 1.86 -5.56
N ALA A 14 13.62 1.08 -4.56
CA ALA A 14 13.52 -0.38 -4.65
C ALA A 14 12.53 -0.81 -5.76
N TYR A 15 11.53 0.06 -6.02
CA TYR A 15 10.57 -0.13 -7.13
C TYR A 15 11.26 0.06 -8.48
N LYS A 16 12.13 1.09 -8.57
CA LYS A 16 12.87 1.41 -9.80
C LYS A 16 13.90 0.32 -10.13
N LYS A 17 14.53 -0.24 -9.07
CA LYS A 17 15.45 -1.38 -9.20
C LYS A 17 14.69 -2.65 -9.64
N ALA A 18 13.52 -2.84 -9.01
CA ALA A 18 12.57 -3.90 -9.34
C ALA A 18 12.10 -3.80 -10.80
N GLU A 19 11.97 -2.54 -11.28
CA GLU A 19 11.51 -2.19 -12.64
C GLU A 19 12.60 -2.50 -13.68
N GLU A 20 13.88 -2.39 -13.26
CA GLU A 20 15.03 -2.78 -14.10
C GLU A 20 15.08 -4.30 -14.28
N LEU A 21 14.72 -5.02 -13.21
CA LEU A 21 14.60 -6.48 -13.21
C LEU A 21 13.24 -6.92 -13.79
N ASN A 22 12.30 -5.94 -13.92
CA ASN A 22 10.95 -6.12 -14.49
C ASN A 22 10.11 -7.16 -13.69
N GLN A 23 10.51 -7.37 -12.42
CA GLN A 23 9.88 -8.37 -11.55
C GLN A 23 8.63 -7.79 -10.87
N GLY A 24 7.45 -8.29 -11.29
CA GLY A 24 6.16 -7.86 -10.77
C GLY A 24 5.96 -8.13 -9.29
N GLU A 25 6.65 -9.17 -8.78
CA GLU A 25 6.70 -9.49 -7.34
C GLU A 25 7.26 -8.29 -6.55
N LEU A 26 8.45 -7.85 -6.98
CA LEU A 26 9.20 -6.77 -6.32
C LEU A 26 8.48 -5.41 -6.47
N MET A 27 7.98 -5.12 -7.69
CA MET A 27 7.32 -3.82 -8.00
C MET A 27 5.98 -3.69 -7.27
N GLY A 28 5.21 -4.79 -7.25
CA GLY A 28 3.93 -4.85 -6.55
C GLY A 28 4.09 -4.65 -5.05
N ARG A 29 5.08 -5.37 -4.47
CA ARG A 29 5.43 -5.26 -3.03
C ARG A 29 5.91 -3.83 -2.68
N ALA A 30 6.63 -3.20 -3.62
CA ALA A 30 7.16 -1.83 -3.46
C ALA A 30 6.02 -0.82 -3.26
N LEU A 31 5.02 -0.87 -4.17
CA LEU A 31 3.83 0.01 -4.13
C LEU A 31 2.97 -0.29 -2.89
N TYR A 32 2.95 -1.58 -2.49
CA TYR A 32 2.22 -2.05 -1.31
C TYR A 32 2.82 -1.45 -0.03
N ASN A 33 4.16 -1.48 0.09
CA ASN A 33 4.90 -0.96 1.27
C ASN A 33 4.76 0.57 1.38
N ILE A 34 4.83 1.26 0.23
CA ILE A 34 4.60 2.72 0.15
C ILE A 34 3.18 3.06 0.65
N GLY A 35 2.21 2.20 0.27
CA GLY A 35 0.83 2.33 0.71
C GLY A 35 0.67 2.18 2.22
N LEU A 36 1.43 1.23 2.80
CA LEU A 36 1.42 0.97 4.27
C LEU A 36 1.92 2.20 5.05
N GLU A 37 2.95 2.86 4.50
CA GLU A 37 3.55 4.06 5.11
C GLU A 37 2.59 5.25 5.02
N LYS A 38 1.88 5.37 3.88
CA LYS A 38 0.80 6.37 3.71
C LYS A 38 -0.32 6.12 4.74
N ASN A 39 -0.69 4.84 4.89
CA ASN A 39 -1.87 4.42 5.65
C ASN A 39 -1.67 4.67 7.16
N LYS A 40 -0.43 4.51 7.65
CA LYS A 40 -0.09 4.75 9.07
C LYS A 40 -0.06 6.26 9.38
N MET A 41 0.21 7.08 8.34
CA MET A 41 0.23 8.56 8.44
C MET A 41 -1.17 9.18 8.26
N GLY A 42 -2.20 8.33 8.12
CA GLY A 42 -3.59 8.78 7.91
C GLY A 42 -3.89 9.18 6.47
N LYS A 43 -2.89 9.01 5.59
CA LYS A 43 -2.98 9.28 4.15
C LYS A 43 -3.47 8.02 3.43
N VAL A 44 -4.59 7.50 3.93
CA VAL A 44 -5.21 6.25 3.47
C VAL A 44 -5.80 6.43 2.06
N LYS A 45 -6.12 7.70 1.73
CA LYS A 45 -6.70 8.11 0.45
C LYS A 45 -5.71 7.81 -0.70
N GLU A 46 -4.42 8.14 -0.44
CA GLU A 46 -3.29 7.83 -1.34
C GLU A 46 -2.95 6.33 -1.28
N ALA A 47 -3.01 5.77 -0.05
CA ALA A 47 -2.65 4.37 0.25
C ALA A 47 -3.49 3.38 -0.56
N ILE A 48 -4.81 3.70 -0.70
CA ILE A 48 -5.77 2.93 -1.50
C ILE A 48 -5.26 2.75 -2.94
N GLU A 49 -4.85 3.87 -3.56
CA GLU A 49 -4.37 3.87 -4.95
C GLU A 49 -3.08 3.03 -5.09
N TYR A 50 -2.20 3.12 -4.07
CA TYR A 50 -0.96 2.33 -4.01
C TYR A 50 -1.25 0.82 -3.89
N PHE A 51 -2.29 0.44 -3.13
CA PHE A 51 -2.72 -0.95 -2.98
C PHE A 51 -3.47 -1.43 -4.23
N LEU A 52 -4.12 -0.49 -4.93
CA LEU A 52 -4.86 -0.78 -6.19
C LEU A 52 -3.86 -1.16 -7.29
N ARG A 53 -2.75 -0.41 -7.34
CA ARG A 53 -1.66 -0.61 -8.30
C ARG A 53 -0.81 -1.84 -7.90
N ALA A 54 -0.59 -2.02 -6.59
CA ALA A 54 0.16 -3.19 -6.05
C ALA A 54 -0.59 -4.48 -6.40
N LYS A 55 -1.90 -4.48 -6.11
CA LYS A 55 -2.81 -5.59 -6.44
C LYS A 55 -2.83 -5.81 -7.95
N LYS A 56 -2.94 -4.71 -8.72
CA LYS A 56 -3.06 -4.74 -10.20
C LYS A 56 -1.91 -5.50 -10.86
N VAL A 57 -0.69 -5.32 -10.33
CA VAL A 57 0.51 -6.01 -10.83
C VAL A 57 0.34 -7.54 -10.60
N PHE A 58 0.10 -7.92 -9.34
CA PHE A 58 -0.08 -9.34 -8.94
C PHE A 58 -1.32 -9.98 -9.59
N ASP A 59 -2.34 -9.16 -9.85
CA ASP A 59 -3.65 -9.60 -10.35
C ASP A 59 -3.54 -9.94 -11.83
N ALA A 60 -2.72 -9.16 -12.56
CA ALA A 60 -2.41 -9.37 -13.98
C ALA A 60 -1.42 -10.54 -14.14
N GLU A 61 -0.53 -10.72 -13.14
CA GLU A 61 0.38 -11.89 -13.08
C GLU A 61 -0.36 -13.15 -12.59
N HIS A 62 -1.58 -12.92 -12.04
CA HIS A 62 -2.44 -13.96 -11.44
C HIS A 62 -1.77 -14.65 -10.23
N ASP A 63 -0.92 -13.87 -9.53
CA ASP A 63 -0.44 -14.21 -8.19
C ASP A 63 -1.53 -13.77 -7.20
N THR A 64 -2.40 -14.74 -6.85
CA THR A 64 -3.61 -14.50 -6.06
C THR A 64 -3.26 -14.02 -4.65
N ASP A 65 -2.18 -14.56 -4.06
CA ASP A 65 -1.77 -14.26 -2.67
C ASP A 65 -1.34 -12.80 -2.53
N GLY A 66 -0.59 -12.30 -3.53
CA GLY A 66 -0.14 -10.90 -3.56
C GLY A 66 -1.28 -9.94 -3.77
N ALA A 67 -2.20 -10.34 -4.66
CA ALA A 67 -3.44 -9.60 -4.92
C ALA A 67 -4.31 -9.54 -3.65
N ARG A 68 -4.28 -10.63 -2.84
CA ARG A 68 -5.00 -10.75 -1.56
C ARG A 68 -4.38 -9.87 -0.48
N ARG A 69 -3.05 -9.66 -0.52
CA ARG A 69 -2.33 -8.77 0.43
C ARG A 69 -2.93 -7.37 0.33
N ALA A 70 -2.95 -6.86 -0.91
CA ALA A 70 -3.37 -5.50 -1.23
C ALA A 70 -4.89 -5.34 -1.18
N ALA A 71 -5.65 -6.40 -1.55
CA ALA A 71 -7.14 -6.36 -1.55
C ALA A 71 -7.70 -6.44 -0.11
N LYS A 72 -7.02 -7.22 0.76
CA LYS A 72 -7.32 -7.27 2.21
C LYS A 72 -7.02 -5.91 2.83
N SER A 73 -5.84 -5.37 2.47
CA SER A 73 -5.36 -4.06 2.93
C SER A 73 -6.25 -2.93 2.39
N LEU A 74 -6.88 -3.15 1.21
CA LEU A 74 -7.86 -2.22 0.63
C LEU A 74 -9.16 -2.24 1.41
N SER A 75 -9.65 -3.45 1.71
CA SER A 75 -10.94 -3.66 2.40
C SER A 75 -10.95 -2.95 3.77
N GLU A 76 -9.84 -3.10 4.52
CA GLU A 76 -9.64 -2.45 5.83
C GLU A 76 -9.32 -0.94 5.66
N ALA A 77 -8.71 -0.55 4.52
CA ALA A 77 -8.39 0.86 4.19
C ALA A 77 -9.67 1.67 3.90
N TYR A 78 -10.62 1.04 3.17
CA TYR A 78 -11.91 1.64 2.85
C TYR A 78 -12.71 1.91 4.13
N GLN A 79 -12.64 0.99 5.09
CA GLN A 79 -13.30 1.11 6.41
C GLN A 79 -12.82 2.38 7.17
N LYS A 80 -11.56 2.79 6.93
CA LYS A 80 -10.97 4.02 7.50
C LYS A 80 -11.47 5.28 6.75
N VAL A 81 -11.80 5.12 5.46
CA VAL A 81 -12.22 6.22 4.56
C VAL A 81 -13.78 6.34 4.50
N GLU A 82 -14.49 5.28 4.92
CA GLU A 82 -15.97 5.23 4.87
C GLU A 82 -16.56 6.09 6.00
N GLY A 83 -17.05 7.27 5.63
CA GLY A 83 -17.70 8.21 6.54
C GLY A 83 -18.70 9.09 5.81
N SER A 84 -19.61 9.73 6.57
CA SER A 84 -20.72 10.51 6.02
C SER A 84 -20.23 11.65 5.09
N GLY A 85 -20.48 11.47 3.77
CA GLY A 85 -20.09 12.45 2.75
C GLY A 85 -19.56 11.77 1.50
N ASP A 86 -18.72 10.73 1.72
CA ASP A 86 -18.08 9.96 0.63
C ASP A 86 -18.49 8.48 0.70
N LYS A 87 -19.30 8.07 -0.27
CA LYS A 87 -19.73 6.67 -0.47
C LYS A 87 -19.05 6.10 -1.73
N GLY A 88 -18.94 6.95 -2.77
CA GLY A 88 -18.31 6.57 -4.03
C GLY A 88 -19.31 6.01 -5.05
N LYS A 89 -18.78 5.61 -6.22
CA LYS A 89 -19.59 5.10 -7.34
C LYS A 89 -19.59 3.57 -7.34
N ILE A 90 -20.76 2.97 -7.05
CA ILE A 90 -20.94 1.51 -7.01
C ILE A 90 -21.34 1.01 -8.42
N PHE A 91 -20.40 0.32 -9.08
CA PHE A 91 -20.61 -0.32 -10.39
C PHE A 91 -20.72 -1.84 -10.20
N GLN A 92 -21.89 -2.41 -10.53
CA GLN A 92 -22.14 -3.87 -10.45
C GLN A 92 -23.28 -4.23 -11.42
N LYS A 93 -22.91 -4.63 -12.65
CA LYS A 93 -23.87 -4.92 -13.73
C LYS A 93 -24.46 -6.34 -13.58
N GLU A 94 -25.68 -6.53 -14.11
CA GLU A 94 -26.37 -7.83 -14.14
C GLU A 94 -25.74 -8.71 -15.22
N GLY A 95 -25.28 -9.89 -14.84
CA GLY A 95 -24.61 -10.81 -15.77
C GLY A 95 -24.53 -12.20 -15.20
N GLU A 96 -25.70 -12.81 -15.01
CA GLU A 96 -25.85 -14.19 -14.53
C GLU A 96 -25.80 -15.16 -15.72
N SER A 97 -25.27 -16.38 -15.46
CA SER A 97 -25.10 -17.42 -16.50
C SER A 97 -26.48 -17.89 -17.03
N ILE A 98 -26.84 -17.39 -18.22
CA ILE A 98 -28.07 -17.82 -18.93
C ILE A 98 -27.92 -19.29 -19.38
N LEU A 99 -28.84 -20.15 -18.92
CA LEU A 99 -28.90 -21.56 -19.35
C LEU A 99 -29.54 -21.63 -20.75
N GLU A 100 -29.04 -22.54 -21.60
CA GLU A 100 -29.59 -22.74 -22.95
C GLU A 100 -30.82 -23.67 -22.85
N GLY A 1 13.81 0.79 9.74
CA GLY A 1 13.88 2.00 8.87
C GLY A 1 13.70 3.28 9.67
N GLY A 2 13.41 4.38 8.95
CA GLY A 2 13.20 5.70 9.56
C GLY A 2 11.72 5.99 9.75
N SER A 3 11.31 7.24 9.47
CA SER A 3 9.90 7.65 9.47
C SER A 3 9.14 6.90 8.36
N PRO A 4 7.78 6.68 8.47
CA PRO A 4 6.98 6.03 7.40
C PRO A 4 7.20 6.68 6.01
N ASP A 5 7.35 8.03 6.00
CA ASP A 5 7.60 8.82 4.78
C ASP A 5 9.00 8.52 4.19
N GLU A 6 10.00 8.33 5.06
CA GLU A 6 11.37 7.99 4.65
C GLU A 6 11.43 6.56 4.07
N ASN A 7 10.63 5.66 4.67
CA ASN A 7 10.52 4.25 4.27
C ASN A 7 9.91 4.13 2.87
N ILE A 8 8.93 5.02 2.55
CA ILE A 8 8.32 5.11 1.21
C ILE A 8 9.40 5.26 0.13
N ALA A 9 10.35 6.18 0.39
CA ALA A 9 11.46 6.49 -0.54
C ALA A 9 12.42 5.30 -0.71
N LYS A 10 12.55 4.47 0.33
CA LYS A 10 13.35 3.23 0.27
C LYS A 10 12.67 2.20 -0.65
N PHE A 11 11.34 2.04 -0.48
CA PHE A 11 10.51 1.13 -1.32
C PHE A 11 10.36 1.69 -2.75
N GLU A 12 10.49 3.02 -2.89
CA GLU A 12 10.42 3.75 -4.17
C GLU A 12 11.67 3.41 -5.00
N LYS A 13 12.84 3.38 -4.33
CA LYS A 13 14.12 2.99 -4.96
C LYS A 13 14.09 1.50 -5.35
N ALA A 14 13.47 0.68 -4.49
CA ALA A 14 13.30 -0.77 -4.76
C ALA A 14 12.29 -1.01 -5.90
N TYR A 15 11.32 -0.08 -6.05
CA TYR A 15 10.33 -0.10 -7.14
C TYR A 15 11.03 0.17 -8.47
N LYS A 16 11.88 1.22 -8.46
CA LYS A 16 12.62 1.66 -9.64
C LYS A 16 13.61 0.58 -10.11
N LYS A 17 14.30 -0.03 -9.14
CA LYS A 17 15.25 -1.13 -9.40
C LYS A 17 14.54 -2.30 -10.10
N ALA A 18 13.35 -2.64 -9.59
CA ALA A 18 12.50 -3.69 -10.15
C ALA A 18 12.00 -3.31 -11.56
N GLU A 19 11.62 -2.04 -11.73
CA GLU A 19 11.00 -1.52 -12.97
C GLU A 19 11.99 -1.61 -14.15
N GLU A 20 13.26 -1.27 -13.86
CA GLU A 20 14.33 -1.31 -14.87
C GLU A 20 14.65 -2.76 -15.29
N LEU A 21 14.44 -3.71 -14.36
CA LEU A 21 14.65 -5.17 -14.61
C LEU A 21 13.38 -5.83 -15.20
N ASN A 22 12.25 -5.08 -15.21
CA ASN A 22 10.91 -5.56 -15.66
C ASN A 22 10.32 -6.61 -14.70
N GLN A 23 10.71 -6.53 -13.41
CA GLN A 23 10.24 -7.44 -12.36
C GLN A 23 8.93 -6.92 -11.78
N GLY A 24 7.81 -7.48 -12.26
CA GLY A 24 6.47 -7.16 -11.76
C GLY A 24 6.36 -7.42 -10.27
N GLU A 25 6.83 -8.59 -9.81
CA GLU A 25 6.68 -9.05 -8.41
C GLU A 25 7.19 -8.00 -7.40
N LEU A 26 8.42 -7.50 -7.59
CA LEU A 26 9.05 -6.55 -6.67
C LEU A 26 8.40 -5.15 -6.78
N MET A 27 7.82 -4.81 -7.95
CA MET A 27 7.10 -3.53 -8.14
C MET A 27 5.79 -3.54 -7.35
N GLY A 28 5.05 -4.67 -7.42
CA GLY A 28 3.80 -4.84 -6.70
C GLY A 28 4.00 -4.79 -5.20
N ARG A 29 5.07 -5.47 -4.74
CA ARG A 29 5.51 -5.47 -3.33
C ARG A 29 5.84 -4.05 -2.88
N ALA A 30 6.59 -3.33 -3.73
CA ALA A 30 7.05 -1.96 -3.45
C ALA A 30 5.88 -1.00 -3.24
N LEU A 31 4.92 -1.00 -4.18
CA LEU A 31 3.71 -0.15 -4.12
C LEU A 31 2.83 -0.52 -2.93
N TYR A 32 2.79 -1.82 -2.60
CA TYR A 32 2.03 -2.33 -1.46
C TYR A 32 2.59 -1.74 -0.16
N ASN A 33 3.94 -1.83 0.01
CA ASN A 33 4.63 -1.32 1.20
C ASN A 33 4.54 0.21 1.30
N ILE A 34 4.64 0.90 0.14
CA ILE A 34 4.48 2.36 0.05
C ILE A 34 3.09 2.77 0.53
N GLY A 35 2.06 2.04 0.04
CA GLY A 35 0.67 2.27 0.40
C GLY A 35 0.43 2.07 1.89
N LEU A 36 1.11 1.06 2.46
CA LEU A 36 1.05 0.79 3.91
C LEU A 36 1.58 1.99 4.70
N GLU A 37 2.70 2.58 4.22
CA GLU A 37 3.36 3.72 4.89
C GLU A 37 2.55 5.04 4.72
N LYS A 38 1.78 5.14 3.62
CA LYS A 38 0.78 6.19 3.43
C LYS A 38 -0.31 6.06 4.52
N ASN A 39 -0.79 4.81 4.67
CA ASN A 39 -1.86 4.43 5.61
C ASN A 39 -1.42 4.66 7.08
N LYS A 40 -0.08 4.56 7.33
CA LYS A 40 0.51 4.85 8.66
C LYS A 40 0.38 6.34 9.02
N MET A 41 0.58 7.18 7.99
CA MET A 41 0.50 8.66 8.13
C MET A 41 -0.95 9.15 8.10
N GLY A 42 -1.90 8.21 7.91
CA GLY A 42 -3.31 8.52 7.78
C GLY A 42 -3.69 9.00 6.39
N LYS A 43 -2.72 8.97 5.46
CA LYS A 43 -2.93 9.34 4.04
C LYS A 43 -3.48 8.12 3.29
N VAL A 44 -4.71 7.79 3.65
CA VAL A 44 -5.38 6.54 3.24
C VAL A 44 -5.85 6.60 1.77
N LYS A 45 -6.08 7.82 1.26
CA LYS A 45 -6.57 8.04 -0.12
C LYS A 45 -5.47 7.67 -1.14
N GLU A 46 -4.21 8.02 -0.82
CA GLU A 46 -3.03 7.62 -1.60
C GLU A 46 -2.80 6.11 -1.45
N ALA A 47 -2.96 5.62 -0.19
CA ALA A 47 -2.76 4.21 0.17
C ALA A 47 -3.60 3.28 -0.72
N ILE A 48 -4.87 3.67 -0.92
CA ILE A 48 -5.83 3.01 -1.83
C ILE A 48 -5.23 2.86 -3.23
N GLU A 49 -4.73 3.97 -3.79
CA GLU A 49 -4.17 4.01 -5.16
C GLU A 49 -2.99 3.04 -5.33
N TYR A 50 -2.13 2.99 -4.31
CA TYR A 50 -0.95 2.12 -4.31
C TYR A 50 -1.35 0.65 -4.13
N PHE A 51 -2.41 0.37 -3.35
CA PHE A 51 -2.92 -1.00 -3.17
C PHE A 51 -3.65 -1.47 -4.44
N LEU A 52 -4.23 -0.50 -5.20
CA LEU A 52 -4.93 -0.79 -6.47
C LEU A 52 -3.90 -1.24 -7.52
N ARG A 53 -2.83 -0.45 -7.65
CA ARG A 53 -1.72 -0.72 -8.56
C ARG A 53 -1.01 -2.03 -8.17
N ALA A 54 -0.68 -2.16 -6.87
CA ALA A 54 0.05 -3.30 -6.31
C ALA A 54 -0.69 -4.62 -6.55
N LYS A 55 -2.00 -4.62 -6.19
CA LYS A 55 -2.89 -5.78 -6.35
C LYS A 55 -2.94 -6.24 -7.81
N LYS A 56 -3.10 -5.25 -8.72
CA LYS A 56 -3.22 -5.49 -10.15
C LYS A 56 -1.92 -6.08 -10.73
N VAL A 57 -0.77 -5.70 -10.14
CA VAL A 57 0.53 -6.26 -10.49
C VAL A 57 0.66 -7.71 -9.96
N PHE A 58 0.08 -7.99 -8.76
CA PHE A 58 0.03 -9.36 -8.20
C PHE A 58 -0.91 -10.26 -9.04
N ASP A 59 -1.95 -9.65 -9.65
CA ASP A 59 -2.85 -10.34 -10.59
C ASP A 59 -2.12 -10.66 -11.89
N ALA A 60 -1.19 -9.76 -12.29
CA ALA A 60 -0.33 -9.97 -13.46
C ALA A 60 0.70 -11.09 -13.20
N GLU A 61 1.13 -11.21 -11.93
CA GLU A 61 2.00 -12.31 -11.48
C GLU A 61 1.19 -13.61 -11.25
N HIS A 62 -0.16 -13.47 -11.19
CA HIS A 62 -1.12 -14.55 -10.87
C HIS A 62 -0.94 -15.07 -9.42
N ASP A 63 -0.32 -14.22 -8.58
CA ASP A 63 -0.09 -14.49 -7.14
C ASP A 63 -1.36 -14.13 -6.35
N THR A 64 -2.13 -15.15 -5.96
CA THR A 64 -3.43 -14.97 -5.31
C THR A 64 -3.29 -14.36 -3.90
N ASP A 65 -2.26 -14.78 -3.13
CA ASP A 65 -2.04 -14.35 -1.74
C ASP A 65 -1.87 -12.83 -1.64
N GLY A 66 -0.97 -12.30 -2.49
CA GLY A 66 -0.64 -10.88 -2.50
C GLY A 66 -1.78 -10.00 -2.99
N ALA A 67 -2.52 -10.50 -3.99
CA ALA A 67 -3.69 -9.78 -4.55
C ALA A 67 -4.79 -9.64 -3.49
N ARG A 68 -5.06 -10.73 -2.77
CA ARG A 68 -6.08 -10.79 -1.70
C ARG A 68 -5.63 -9.96 -0.49
N ARG A 69 -4.30 -9.90 -0.26
CA ARG A 69 -3.69 -9.19 0.87
C ARG A 69 -3.75 -7.67 0.63
N ALA A 70 -3.55 -7.25 -0.63
CA ALA A 70 -3.66 -5.85 -1.04
C ALA A 70 -5.13 -5.41 -1.11
N ALA A 71 -6.00 -6.37 -1.45
CA ALA A 71 -7.46 -6.19 -1.44
C ALA A 71 -8.00 -6.09 -0.01
N LYS A 72 -7.33 -6.76 0.94
CA LYS A 72 -7.66 -6.69 2.38
C LYS A 72 -7.27 -5.32 2.94
N SER A 73 -6.06 -4.88 2.58
CA SER A 73 -5.55 -3.56 2.97
C SER A 73 -6.41 -2.43 2.35
N LEU A 74 -7.02 -2.72 1.17
CA LEU A 74 -8.04 -1.85 0.54
C LEU A 74 -9.32 -1.81 1.39
N SER A 75 -9.79 -2.98 1.86
CA SER A 75 -11.01 -3.08 2.69
C SER A 75 -10.84 -2.23 3.97
N GLU A 76 -9.70 -2.44 4.66
CA GLU A 76 -9.31 -1.68 5.85
C GLU A 76 -9.16 -0.18 5.55
N ALA A 77 -8.64 0.13 4.35
CA ALA A 77 -8.42 1.50 3.90
C ALA A 77 -9.75 2.26 3.76
N TYR A 78 -10.73 1.63 3.10
CA TYR A 78 -12.06 2.23 2.87
C TYR A 78 -12.80 2.45 4.20
N GLN A 79 -12.54 1.57 5.18
CA GLN A 79 -13.08 1.70 6.55
C GLN A 79 -12.45 2.91 7.28
N LYS A 80 -11.18 3.24 6.93
CA LYS A 80 -10.45 4.39 7.49
C LYS A 80 -10.84 5.72 6.78
N VAL A 81 -11.27 5.60 5.51
CA VAL A 81 -11.85 6.73 4.74
C VAL A 81 -13.26 7.04 5.27
N GLU A 82 -14.03 5.97 5.48
CA GLU A 82 -15.44 6.05 5.88
C GLU A 82 -15.54 6.24 7.41
N GLY A 83 -16.71 6.74 7.87
CA GLY A 83 -16.99 6.91 9.29
C GLY A 83 -17.36 5.59 9.98
N SER A 84 -16.37 4.68 10.11
CA SER A 84 -16.53 3.36 10.78
C SER A 84 -15.35 3.07 11.73
N GLY A 85 -14.51 4.09 11.97
CA GLY A 85 -13.38 3.97 12.88
C GLY A 85 -13.82 3.84 14.33
N ASP A 86 -14.49 4.89 14.83
CA ASP A 86 -15.07 4.90 16.18
C ASP A 86 -16.16 6.00 16.23
N LYS A 87 -17.43 5.58 16.33
CA LYS A 87 -18.57 6.48 16.55
C LYS A 87 -18.74 6.69 18.06
N GLY A 88 -18.25 7.83 18.56
CA GLY A 88 -18.34 8.15 19.99
C GLY A 88 -17.52 9.36 20.36
N LYS A 89 -17.05 9.39 21.62
CA LYS A 89 -16.24 10.50 22.18
C LYS A 89 -14.84 9.98 22.56
N ILE A 90 -13.79 10.67 22.05
CA ILE A 90 -12.39 10.28 22.21
C ILE A 90 -11.67 11.24 23.18
N PHE A 91 -11.04 10.68 24.24
CA PHE A 91 -10.26 11.42 25.27
C PHE A 91 -11.12 12.51 25.94
N GLN A 92 -11.86 12.12 26.97
CA GLN A 92 -12.75 13.04 27.72
C GLN A 92 -12.10 13.44 29.04
N LYS A 93 -12.73 14.42 29.73
CA LYS A 93 -12.17 15.11 30.90
C LYS A 93 -12.60 14.39 32.19
N GLU A 94 -11.70 13.51 32.66
CA GLU A 94 -11.87 12.78 33.93
C GLU A 94 -11.60 13.70 35.14
N GLY A 95 -12.16 13.33 36.31
CA GLY A 95 -11.87 14.01 37.58
C GLY A 95 -10.50 13.59 38.13
N GLU A 96 -9.44 14.17 37.55
CA GLU A 96 -8.05 13.92 37.99
C GLU A 96 -7.70 14.81 39.19
N SER A 97 -7.02 14.21 40.17
CA SER A 97 -6.49 14.93 41.33
C SER A 97 -5.32 14.12 41.92
N ILE A 98 -4.23 14.02 41.13
CA ILE A 98 -3.02 13.27 41.54
C ILE A 98 -2.18 14.10 42.52
N LEU A 99 -1.61 13.41 43.49
CA LEU A 99 -0.81 14.00 44.58
C LEU A 99 0.29 13.01 44.96
N GLU A 100 1.31 13.47 45.71
CA GLU A 100 2.47 12.65 46.07
C GLU A 100 3.17 13.27 47.31
N GLY A 1 15.28 3.35 11.76
CA GLY A 1 13.91 3.76 11.37
C GLY A 1 13.73 5.26 11.38
N GLY A 2 13.73 5.88 10.18
CA GLY A 2 13.42 7.30 10.02
C GLY A 2 11.92 7.54 9.87
N SER A 3 11.54 8.60 9.14
CA SER A 3 10.12 8.90 8.86
C SER A 3 9.53 7.89 7.84
N PRO A 4 8.18 7.60 7.92
CA PRO A 4 7.47 6.81 6.88
C PRO A 4 7.63 7.40 5.46
N ASP A 5 7.74 8.74 5.39
CA ASP A 5 7.96 9.50 4.14
C ASP A 5 9.30 9.10 3.49
N GLU A 6 10.34 9.01 4.34
CA GLU A 6 11.70 8.62 3.93
C GLU A 6 11.74 7.12 3.58
N ASN A 7 10.92 6.32 4.29
CA ASN A 7 10.85 4.86 4.08
C ASN A 7 10.22 4.57 2.70
N ILE A 8 9.24 5.42 2.30
CA ILE A 8 8.64 5.43 0.95
C ILE A 8 9.72 5.63 -0.13
N ALA A 9 10.64 6.59 0.13
CA ALA A 9 11.74 6.93 -0.79
C ALA A 9 12.68 5.72 -1.06
N LYS A 10 12.79 4.83 -0.06
CA LYS A 10 13.54 3.55 -0.21
C LYS A 10 12.84 2.64 -1.23
N PHE A 11 11.48 2.57 -1.11
CA PHE A 11 10.63 1.76 -2.00
C PHE A 11 10.50 2.40 -3.41
N GLU A 12 10.69 3.73 -3.49
CA GLU A 12 10.76 4.48 -4.76
C GLU A 12 11.97 4.00 -5.57
N LYS A 13 13.12 3.93 -4.87
CA LYS A 13 14.37 3.40 -5.42
C LYS A 13 14.22 1.90 -5.77
N ALA A 14 13.56 1.15 -4.87
CA ALA A 14 13.34 -0.30 -5.02
C ALA A 14 12.36 -0.63 -6.17
N TYR A 15 11.43 0.29 -6.46
CA TYR A 15 10.39 0.13 -7.50
C TYR A 15 11.02 0.20 -8.89
N LYS A 16 11.91 1.19 -9.08
CA LYS A 16 12.65 1.40 -10.34
C LYS A 16 13.68 0.28 -10.56
N LYS A 17 14.33 -0.10 -9.45
CA LYS A 17 15.34 -1.17 -9.43
C LYS A 17 14.71 -2.52 -9.84
N ALA A 18 13.49 -2.76 -9.31
CA ALA A 18 12.70 -3.94 -9.64
C ALA A 18 12.25 -3.90 -11.11
N GLU A 19 11.76 -2.71 -11.56
CA GLU A 19 11.26 -2.50 -12.94
C GLU A 19 12.33 -2.82 -13.99
N GLU A 20 13.58 -2.40 -13.72
CA GLU A 20 14.74 -2.59 -14.60
C GLU A 20 14.93 -4.10 -14.92
N LEU A 21 14.77 -4.92 -13.88
CA LEU A 21 14.98 -6.37 -13.94
C LEU A 21 13.70 -7.13 -14.34
N ASN A 22 12.58 -6.37 -14.51
CA ASN A 22 11.23 -6.90 -14.87
C ASN A 22 10.63 -7.73 -13.71
N GLN A 23 11.05 -7.38 -12.47
CA GLN A 23 10.56 -7.97 -11.21
C GLN A 23 9.14 -7.46 -10.91
N GLY A 24 8.12 -8.19 -11.39
CA GLY A 24 6.73 -7.79 -11.21
C GLY A 24 6.31 -7.76 -9.74
N GLU A 25 6.44 -8.92 -9.07
CA GLU A 25 6.05 -9.10 -7.66
C GLU A 25 6.71 -8.05 -6.74
N LEU A 26 7.99 -7.73 -7.00
CA LEU A 26 8.77 -6.79 -6.18
C LEU A 26 8.35 -5.32 -6.40
N MET A 27 7.86 -5.01 -7.61
CA MET A 27 7.24 -3.69 -7.90
C MET A 27 5.90 -3.56 -7.15
N GLY A 28 5.12 -4.65 -7.19
CA GLY A 28 3.86 -4.73 -6.45
C GLY A 28 4.06 -4.60 -4.94
N ARG A 29 5.15 -5.21 -4.44
CA ARG A 29 5.55 -5.13 -3.03
C ARG A 29 5.95 -3.70 -2.66
N ALA A 30 6.70 -3.03 -3.57
CA ALA A 30 7.17 -1.64 -3.37
C ALA A 30 5.98 -0.69 -3.14
N LEU A 31 4.96 -0.79 -4.02
CA LEU A 31 3.73 0.02 -3.96
C LEU A 31 2.90 -0.33 -2.71
N TYR A 32 2.81 -1.64 -2.42
CA TYR A 32 2.07 -2.18 -1.26
C TYR A 32 2.62 -1.63 0.07
N ASN A 33 3.97 -1.55 0.15
CA ASN A 33 4.68 -1.07 1.35
C ASN A 33 4.45 0.43 1.54
N ILE A 34 4.56 1.21 0.43
CA ILE A 34 4.27 2.66 0.44
C ILE A 34 2.82 2.92 0.86
N GLY A 35 1.91 2.03 0.42
CA GLY A 35 0.51 2.08 0.80
C GLY A 35 0.32 1.95 2.31
N LEU A 36 1.04 0.99 2.92
CA LEU A 36 1.03 0.78 4.38
C LEU A 36 1.64 1.97 5.13
N GLU A 37 2.62 2.66 4.49
CA GLU A 37 3.26 3.85 5.06
C GLU A 37 2.31 5.06 5.02
N LYS A 38 1.46 5.13 3.97
CA LYS A 38 0.38 6.15 3.89
C LYS A 38 -0.72 5.86 4.90
N ASN A 39 -1.04 4.56 5.04
CA ASN A 39 -2.13 4.03 5.89
C ASN A 39 -1.84 4.34 7.38
N LYS A 40 -0.55 4.23 7.76
CA LYS A 40 -0.08 4.49 9.14
C LYS A 40 -0.01 6.03 9.40
N MET A 41 0.09 6.84 8.33
CA MET A 41 0.14 8.32 8.42
C MET A 41 -1.26 8.97 8.30
N GLY A 42 -2.30 8.14 8.14
CA GLY A 42 -3.68 8.63 7.98
C GLY A 42 -3.97 9.22 6.60
N LYS A 43 -3.03 8.99 5.67
CA LYS A 43 -3.13 9.38 4.25
C LYS A 43 -3.72 8.20 3.46
N VAL A 44 -4.90 7.76 3.93
CA VAL A 44 -5.48 6.46 3.58
C VAL A 44 -6.00 6.42 2.13
N LYS A 45 -6.36 7.61 1.58
CA LYS A 45 -6.83 7.72 0.18
C LYS A 45 -5.68 7.41 -0.79
N GLU A 46 -4.47 7.88 -0.44
CA GLU A 46 -3.24 7.56 -1.20
C GLU A 46 -2.93 6.06 -1.07
N ALA A 47 -3.09 5.54 0.17
CA ALA A 47 -2.83 4.12 0.51
C ALA A 47 -3.61 3.19 -0.41
N ILE A 48 -4.91 3.51 -0.60
CA ILE A 48 -5.83 2.80 -1.53
C ILE A 48 -5.22 2.70 -2.93
N GLU A 49 -4.77 3.86 -3.46
CA GLU A 49 -4.26 3.99 -4.84
C GLU A 49 -3.00 3.12 -5.04
N TYR A 50 -2.13 3.09 -4.02
CA TYR A 50 -0.90 2.27 -4.03
C TYR A 50 -1.24 0.76 -3.94
N PHE A 51 -2.26 0.41 -3.12
CA PHE A 51 -2.71 -1.00 -2.98
C PHE A 51 -3.43 -1.45 -4.26
N LEU A 52 -4.07 -0.52 -4.98
CA LEU A 52 -4.83 -0.81 -6.23
C LEU A 52 -3.84 -1.17 -7.34
N ARG A 53 -2.77 -0.36 -7.43
CA ARG A 53 -1.66 -0.55 -8.38
C ARG A 53 -0.92 -1.86 -8.03
N ALA A 54 -0.58 -2.02 -6.74
CA ALA A 54 0.13 -3.20 -6.21
C ALA A 54 -0.62 -4.50 -6.53
N LYS A 55 -1.94 -4.44 -6.27
CA LYS A 55 -2.88 -5.55 -6.48
C LYS A 55 -2.98 -5.90 -7.96
N LYS A 56 -2.96 -4.86 -8.82
CA LYS A 56 -3.02 -4.99 -10.28
C LYS A 56 -1.72 -5.62 -10.82
N VAL A 57 -0.59 -5.34 -10.15
CA VAL A 57 0.71 -5.92 -10.50
C VAL A 57 0.77 -7.41 -10.08
N PHE A 58 0.24 -7.73 -8.87
CA PHE A 58 0.13 -9.13 -8.38
C PHE A 58 -0.90 -9.93 -9.24
N ASP A 59 -1.88 -9.20 -9.78
CA ASP A 59 -2.90 -9.71 -10.71
C ASP A 59 -2.26 -10.02 -12.07
N ALA A 60 -1.32 -9.14 -12.48
CA ALA A 60 -0.51 -9.33 -13.69
C ALA A 60 0.42 -10.54 -13.53
N GLU A 61 0.92 -10.74 -12.28
CA GLU A 61 1.73 -11.92 -11.89
C GLU A 61 0.85 -13.18 -11.82
N HIS A 62 -0.49 -12.96 -11.87
CA HIS A 62 -1.51 -14.02 -11.82
C HIS A 62 -1.45 -14.80 -10.49
N ASP A 63 -0.94 -14.11 -9.46
CA ASP A 63 -0.95 -14.58 -8.07
C ASP A 63 -2.16 -13.93 -7.39
N THR A 64 -3.29 -14.67 -7.38
CA THR A 64 -4.56 -14.17 -6.81
C THR A 64 -4.41 -13.83 -5.33
N ASP A 65 -3.60 -14.62 -4.60
CA ASP A 65 -3.45 -14.50 -3.13
C ASP A 65 -2.69 -13.22 -2.75
N GLY A 66 -1.73 -12.81 -3.60
CA GLY A 66 -0.98 -11.56 -3.42
C GLY A 66 -1.87 -10.35 -3.65
N ALA A 67 -2.72 -10.46 -4.67
CA ALA A 67 -3.74 -9.44 -4.98
C ALA A 67 -4.80 -9.34 -3.85
N ARG A 68 -5.16 -10.51 -3.29
CA ARG A 68 -6.14 -10.63 -2.18
C ARG A 68 -5.56 -10.09 -0.86
N ARG A 69 -4.22 -10.17 -0.72
CA ARG A 69 -3.50 -9.63 0.45
C ARG A 69 -3.52 -8.07 0.38
N ALA A 70 -3.34 -7.54 -0.84
CA ALA A 70 -3.48 -6.09 -1.10
C ALA A 70 -4.96 -5.67 -0.94
N ALA A 71 -5.89 -6.60 -1.22
CA ALA A 71 -7.35 -6.40 -1.03
C ALA A 71 -7.73 -6.40 0.47
N LYS A 72 -6.93 -7.11 1.28
CA LYS A 72 -7.09 -7.10 2.75
C LYS A 72 -6.74 -5.71 3.29
N SER A 73 -5.57 -5.21 2.87
CA SER A 73 -5.09 -3.87 3.22
C SER A 73 -6.03 -2.77 2.67
N LEU A 74 -6.67 -3.07 1.51
CA LEU A 74 -7.68 -2.19 0.89
C LEU A 74 -8.95 -2.10 1.74
N SER A 75 -9.49 -3.24 2.18
CA SER A 75 -10.76 -3.28 2.95
C SER A 75 -10.60 -2.53 4.30
N GLU A 76 -9.40 -2.63 4.89
CA GLU A 76 -9.00 -1.87 6.09
C GLU A 76 -9.01 -0.35 5.78
N ALA A 77 -8.44 -0.01 4.60
CA ALA A 77 -8.33 1.37 4.11
C ALA A 77 -9.72 1.98 3.83
N TYR A 78 -10.63 1.17 3.27
CA TYR A 78 -12.01 1.58 2.94
C TYR A 78 -12.85 1.83 4.21
N GLN A 79 -12.44 1.24 5.34
CA GLN A 79 -13.07 1.49 6.64
C GLN A 79 -12.60 2.84 7.24
N LYS A 80 -11.36 3.24 6.94
CA LYS A 80 -10.78 4.51 7.43
C LYS A 80 -11.24 5.70 6.56
N VAL A 81 -11.59 5.41 5.29
CA VAL A 81 -12.18 6.40 4.37
C VAL A 81 -13.71 6.44 4.58
N GLU A 82 -14.34 5.26 4.61
CA GLU A 82 -15.78 5.10 4.85
C GLU A 82 -15.96 4.40 6.20
N GLY A 83 -16.28 5.17 7.24
CA GLY A 83 -16.45 4.65 8.60
C GLY A 83 -15.79 5.58 9.62
N SER A 84 -16.33 6.80 9.66
CA SER A 84 -15.78 7.94 10.44
C SER A 84 -15.73 7.65 11.96
N GLY A 85 -14.49 7.48 12.47
CA GLY A 85 -14.23 7.38 13.92
C GLY A 85 -14.75 6.10 14.55
N ASP A 86 -13.89 5.07 14.62
CA ASP A 86 -14.23 3.77 15.27
C ASP A 86 -14.54 4.00 16.76
N LYS A 87 -15.85 3.99 17.10
CA LYS A 87 -16.34 4.32 18.44
C LYS A 87 -15.79 3.33 19.49
N GLY A 88 -15.18 3.90 20.56
CA GLY A 88 -14.58 3.14 21.64
C GLY A 88 -13.07 3.28 21.65
N LYS A 89 -12.39 2.50 20.79
CA LYS A 89 -10.93 2.54 20.63
C LYS A 89 -10.47 1.84 19.34
N ILE A 90 -9.29 2.24 18.85
CA ILE A 90 -8.59 1.58 17.74
C ILE A 90 -7.35 0.87 18.33
N PHE A 91 -7.58 -0.31 18.92
CA PHE A 91 -6.50 -1.19 19.38
C PHE A 91 -6.13 -2.12 18.22
N GLN A 92 -5.14 -1.69 17.43
CA GLN A 92 -4.65 -2.43 16.25
C GLN A 92 -3.59 -3.47 16.66
N LYS A 93 -3.13 -4.23 15.66
CA LYS A 93 -2.03 -5.21 15.80
C LYS A 93 -0.68 -4.48 15.66
N GLU A 94 0.34 -5.04 16.32
CA GLU A 94 1.69 -4.46 16.41
C GLU A 94 2.38 -4.35 15.03
N GLY A 95 2.55 -3.09 14.56
CA GLY A 95 3.34 -2.78 13.36
C GLY A 95 2.54 -2.76 12.06
N GLU A 96 1.83 -3.88 11.77
CA GLU A 96 1.06 -4.14 10.52
C GLU A 96 2.01 -4.44 9.32
N SER A 97 2.99 -3.57 9.10
CA SER A 97 4.05 -3.74 8.08
C SER A 97 5.19 -4.65 8.61
N ILE A 98 4.82 -5.76 9.28
CA ILE A 98 5.76 -6.68 9.96
C ILE A 98 6.63 -5.87 10.97
N LEU A 99 5.99 -5.51 12.10
CA LEU A 99 6.57 -4.68 13.17
C LEU A 99 6.90 -3.26 12.67
N GLU A 100 7.67 -2.50 13.46
CA GLU A 100 8.10 -1.14 13.11
C GLU A 100 9.09 -1.16 11.91
N GLY A 1 16.63 7.78 7.53
CA GLY A 1 16.92 8.45 8.82
C GLY A 1 16.08 9.70 9.00
N GLY A 2 14.77 9.59 8.71
CA GLY A 2 13.83 10.70 8.82
C GLY A 2 12.42 10.21 9.05
N SER A 3 11.44 10.94 8.49
CA SER A 3 10.00 10.65 8.61
C SER A 3 9.63 9.30 7.92
N PRO A 4 8.44 8.67 8.22
CA PRO A 4 7.88 7.56 7.39
C PRO A 4 7.80 7.92 5.89
N ASP A 5 7.51 9.22 5.61
CA ASP A 5 7.55 9.81 4.26
C ASP A 5 8.94 9.62 3.59
N GLU A 6 9.98 9.88 4.39
CA GLU A 6 11.39 9.72 4.00
C GLU A 6 11.69 8.21 3.73
N ASN A 7 11.09 7.31 4.55
CA ASN A 7 11.20 5.84 4.37
C ASN A 7 10.47 5.38 3.11
N ILE A 8 9.38 6.08 2.73
CA ILE A 8 8.59 5.79 1.51
C ILE A 8 9.46 5.96 0.27
N ALA A 9 10.25 7.05 0.25
CA ALA A 9 11.20 7.37 -0.84
C ALA A 9 12.20 6.22 -1.09
N LYS A 10 12.54 5.51 0.00
CA LYS A 10 13.41 4.32 -0.04
C LYS A 10 12.72 3.15 -0.77
N PHE A 11 11.45 2.87 -0.37
CA PHE A 11 10.63 1.79 -0.98
C PHE A 11 10.37 2.07 -2.48
N GLU A 12 10.23 3.36 -2.81
CA GLU A 12 9.98 3.85 -4.18
C GLU A 12 11.23 3.65 -5.07
N LYS A 13 12.40 3.82 -4.46
CA LYS A 13 13.68 3.72 -5.16
C LYS A 13 14.05 2.25 -5.41
N ALA A 14 13.76 1.37 -4.40
CA ALA A 14 13.89 -0.10 -4.52
C ALA A 14 12.93 -0.63 -5.61
N TYR A 15 11.76 0.03 -5.68
CA TYR A 15 10.72 -0.23 -6.70
C TYR A 15 11.24 0.03 -8.12
N LYS A 16 12.12 1.05 -8.29
CA LYS A 16 12.65 1.42 -9.63
C LYS A 16 13.52 0.29 -10.20
N LYS A 17 14.22 -0.42 -9.29
CA LYS A 17 15.01 -1.62 -9.63
C LYS A 17 14.09 -2.81 -9.93
N ALA A 18 13.07 -2.99 -9.07
CA ALA A 18 12.02 -4.03 -9.23
C ALA A 18 11.34 -3.92 -10.61
N GLU A 19 11.08 -2.66 -11.00
CA GLU A 19 10.42 -2.28 -12.26
C GLU A 19 11.36 -2.50 -13.45
N GLU A 20 12.64 -2.13 -13.25
CA GLU A 20 13.71 -2.25 -14.26
C GLU A 20 13.90 -3.70 -14.72
N LEU A 21 13.81 -4.63 -13.75
CA LEU A 21 13.99 -6.07 -13.97
C LEU A 21 12.66 -6.75 -14.39
N ASN A 22 11.55 -5.97 -14.36
CA ASN A 22 10.18 -6.43 -14.74
C ASN A 22 9.68 -7.55 -13.81
N GLN A 23 10.03 -7.42 -12.52
CA GLN A 23 9.69 -8.42 -11.49
C GLN A 23 8.43 -7.93 -10.78
N GLY A 24 7.28 -8.29 -11.33
CA GLY A 24 5.99 -7.80 -10.86
C GLY A 24 5.64 -8.19 -9.43
N GLU A 25 6.29 -9.26 -8.90
CA GLU A 25 6.16 -9.60 -7.48
C GLU A 25 6.83 -8.49 -6.65
N LEU A 26 8.10 -8.15 -6.98
CA LEU A 26 8.89 -7.13 -6.30
C LEU A 26 8.25 -5.73 -6.43
N MET A 27 7.62 -5.49 -7.59
CA MET A 27 6.95 -4.21 -7.92
C MET A 27 5.69 -4.03 -7.05
N GLY A 28 4.85 -5.08 -7.03
CA GLY A 28 3.62 -5.08 -6.24
C GLY A 28 3.90 -5.00 -4.74
N ARG A 29 4.93 -5.74 -4.30
CA ARG A 29 5.38 -5.77 -2.88
C ARG A 29 5.89 -4.39 -2.44
N ALA A 30 6.62 -3.72 -3.36
CA ALA A 30 7.17 -2.37 -3.12
C ALA A 30 6.03 -1.36 -2.92
N LEU A 31 5.06 -1.36 -3.86
CA LEU A 31 3.88 -0.48 -3.83
C LEU A 31 3.00 -0.77 -2.61
N TYR A 32 2.96 -2.05 -2.21
CA TYR A 32 2.20 -2.52 -1.04
C TYR A 32 2.80 -1.92 0.25
N ASN A 33 4.16 -1.93 0.34
CA ASN A 33 4.91 -1.38 1.48
C ASN A 33 4.71 0.14 1.58
N ILE A 34 4.80 0.81 0.41
CA ILE A 34 4.55 2.27 0.27
C ILE A 34 3.15 2.61 0.80
N GLY A 35 2.17 1.77 0.40
CA GLY A 35 0.78 1.93 0.81
C GLY A 35 0.59 1.82 2.32
N LEU A 36 1.28 0.84 2.94
CA LEU A 36 1.24 0.60 4.40
C LEU A 36 1.83 1.81 5.16
N GLU A 37 2.84 2.42 4.56
CA GLU A 37 3.52 3.61 5.12
C GLU A 37 2.58 4.84 5.03
N LYS A 38 1.85 4.98 3.91
CA LYS A 38 0.81 6.02 3.74
C LYS A 38 -0.29 5.83 4.81
N ASN A 39 -0.66 4.57 5.01
CA ASN A 39 -1.75 4.12 5.90
C ASN A 39 -1.47 4.54 7.37
N LYS A 40 -0.21 4.30 7.83
CA LYS A 40 0.22 4.65 9.20
C LYS A 40 0.48 6.16 9.37
N MET A 41 0.77 6.87 8.26
CA MET A 41 0.90 8.34 8.24
C MET A 41 -0.49 9.02 8.30
N GLY A 42 -1.54 8.25 8.01
CA GLY A 42 -2.91 8.77 7.97
C GLY A 42 -3.35 9.17 6.56
N LYS A 43 -2.43 9.01 5.58
CA LYS A 43 -2.70 9.26 4.14
C LYS A 43 -3.28 8.01 3.49
N VAL A 44 -4.50 7.67 3.91
CA VAL A 44 -5.17 6.41 3.57
C VAL A 44 -5.63 6.40 2.09
N LYS A 45 -5.90 7.59 1.53
CA LYS A 45 -6.36 7.73 0.12
C LYS A 45 -5.22 7.35 -0.84
N GLU A 46 -3.99 7.78 -0.48
CA GLU A 46 -2.78 7.43 -1.24
C GLU A 46 -2.45 5.94 -1.06
N ALA A 47 -2.69 5.42 0.17
CA ALA A 47 -2.52 3.99 0.50
C ALA A 47 -3.34 3.12 -0.46
N ILE A 48 -4.61 3.53 -0.66
CA ILE A 48 -5.55 2.88 -1.59
C ILE A 48 -4.98 2.83 -3.02
N GLU A 49 -4.43 3.97 -3.49
CA GLU A 49 -3.84 4.08 -4.85
C GLU A 49 -2.76 3.01 -5.06
N TYR A 50 -1.85 2.91 -4.08
CA TYR A 50 -0.70 2.00 -4.14
C TYR A 50 -1.10 0.53 -4.00
N PHE A 51 -2.17 0.24 -3.23
CA PHE A 51 -2.69 -1.14 -3.09
C PHE A 51 -3.46 -1.57 -4.35
N LEU A 52 -4.09 -0.58 -5.04
CA LEU A 52 -4.83 -0.84 -6.30
C LEU A 52 -3.84 -1.20 -7.40
N ARG A 53 -2.76 -0.40 -7.45
CA ARG A 53 -1.63 -0.62 -8.36
C ARG A 53 -0.97 -1.96 -8.08
N ALA A 54 -0.63 -2.21 -6.80
CA ALA A 54 0.04 -3.44 -6.32
C ALA A 54 -0.74 -4.69 -6.75
N LYS A 55 -2.06 -4.64 -6.49
CA LYS A 55 -3.00 -5.73 -6.81
C LYS A 55 -3.04 -6.02 -8.31
N LYS A 56 -3.09 -4.93 -9.10
CA LYS A 56 -3.13 -5.00 -10.57
C LYS A 56 -1.84 -5.64 -11.13
N VAL A 57 -0.69 -5.30 -10.52
CA VAL A 57 0.61 -5.84 -10.92
C VAL A 57 0.70 -7.35 -10.59
N PHE A 58 0.20 -7.72 -9.38
CA PHE A 58 0.11 -9.13 -8.94
C PHE A 58 -0.87 -9.94 -9.82
N ASP A 59 -1.93 -9.28 -10.29
CA ASP A 59 -2.96 -9.90 -11.17
C ASP A 59 -2.35 -10.24 -12.53
N ALA A 60 -1.45 -9.34 -12.99
CA ALA A 60 -0.68 -9.53 -14.23
C ALA A 60 0.29 -10.73 -14.09
N GLU A 61 0.83 -10.90 -12.87
CA GLU A 61 1.70 -12.04 -12.49
C GLU A 61 0.89 -13.32 -12.30
N HIS A 62 -0.46 -13.18 -12.24
CA HIS A 62 -1.41 -14.29 -11.97
C HIS A 62 -1.21 -14.85 -10.55
N ASP A 63 -0.61 -14.01 -9.68
CA ASP A 63 -0.45 -14.29 -8.26
C ASP A 63 -1.74 -13.89 -7.54
N THR A 64 -2.57 -14.89 -7.26
CA THR A 64 -3.86 -14.72 -6.61
C THR A 64 -3.70 -14.21 -5.15
N ASP A 65 -2.71 -14.76 -4.44
CA ASP A 65 -2.48 -14.46 -3.00
C ASP A 65 -2.06 -13.01 -2.79
N GLY A 66 -1.15 -12.51 -3.64
CA GLY A 66 -0.66 -11.13 -3.56
C GLY A 66 -1.73 -10.11 -3.92
N ALA A 67 -2.56 -10.46 -4.90
CA ALA A 67 -3.72 -9.65 -5.31
C ALA A 67 -4.74 -9.56 -4.16
N ARG A 68 -4.89 -10.69 -3.43
CA ARG A 68 -5.76 -10.78 -2.23
C ARG A 68 -5.17 -9.99 -1.05
N ARG A 69 -3.81 -9.95 -0.99
CA ARG A 69 -3.05 -9.25 0.08
C ARG A 69 -3.33 -7.75 0.01
N ALA A 70 -3.20 -7.20 -1.20
CA ALA A 70 -3.46 -5.79 -1.50
C ALA A 70 -4.95 -5.47 -1.33
N ALA A 71 -5.82 -6.41 -1.76
CA ALA A 71 -7.30 -6.29 -1.65
C ALA A 71 -7.77 -6.32 -0.18
N LYS A 72 -7.02 -7.04 0.67
CA LYS A 72 -7.30 -7.18 2.10
C LYS A 72 -7.00 -5.85 2.83
N SER A 73 -5.80 -5.32 2.53
CA SER A 73 -5.32 -4.05 3.10
C SER A 73 -6.20 -2.88 2.58
N LEU A 74 -6.74 -3.04 1.36
CA LEU A 74 -7.75 -2.14 0.78
C LEU A 74 -9.05 -2.17 1.59
N SER A 75 -9.52 -3.38 1.93
CA SER A 75 -10.78 -3.57 2.69
C SER A 75 -10.73 -2.85 4.05
N GLU A 76 -9.51 -2.81 4.63
CA GLU A 76 -9.22 -2.10 5.88
C GLU A 76 -9.12 -0.58 5.63
N ALA A 77 -8.53 -0.20 4.47
CA ALA A 77 -8.30 1.20 4.08
C ALA A 77 -9.62 1.95 3.80
N TYR A 78 -10.57 1.25 3.17
CA TYR A 78 -11.90 1.82 2.81
C TYR A 78 -12.73 2.11 4.07
N GLN A 79 -12.47 1.38 5.17
CA GLN A 79 -13.10 1.64 6.48
C GLN A 79 -12.74 3.04 6.99
N LYS A 80 -11.44 3.36 6.86
CA LYS A 80 -10.85 4.61 7.39
C LYS A 80 -11.35 5.84 6.61
N VAL A 81 -11.49 5.66 5.28
CA VAL A 81 -11.99 6.68 4.34
C VAL A 81 -13.50 6.91 4.55
N GLU A 82 -14.24 5.81 4.66
CA GLU A 82 -15.71 5.80 4.76
C GLU A 82 -16.19 6.40 6.09
N GLY A 83 -15.47 6.08 7.19
CA GLY A 83 -15.88 6.43 8.54
C GLY A 83 -16.28 5.21 9.33
N SER A 84 -17.14 5.40 10.35
CA SER A 84 -17.55 4.36 11.33
C SER A 84 -16.33 3.94 12.19
N GLY A 85 -16.23 4.57 13.37
CA GLY A 85 -15.02 4.48 14.21
C GLY A 85 -14.09 5.68 13.99
N ASP A 86 -14.53 6.60 13.12
CA ASP A 86 -13.80 7.83 12.79
C ASP A 86 -13.79 8.81 13.98
N LYS A 87 -12.67 9.53 14.12
CA LYS A 87 -12.42 10.47 15.23
C LYS A 87 -11.23 11.38 14.84
N GLY A 88 -11.49 12.68 14.71
CA GLY A 88 -10.52 13.64 14.17
C GLY A 88 -9.62 14.25 15.23
N LYS A 89 -8.86 13.41 15.96
CA LYS A 89 -7.73 13.86 16.79
C LYS A 89 -6.44 13.49 16.07
N ILE A 90 -5.77 14.52 15.53
CA ILE A 90 -4.53 14.39 14.74
C ILE A 90 -3.28 14.44 15.64
N PHE A 91 -3.42 13.96 16.89
CA PHE A 91 -2.35 13.93 17.90
C PHE A 91 -1.10 13.19 17.36
N GLN A 92 -1.32 12.08 16.63
CA GLN A 92 -0.26 11.31 15.98
C GLN A 92 0.16 11.99 14.68
N LYS A 93 1.23 12.81 14.77
CA LYS A 93 1.97 13.27 13.60
C LYS A 93 3.35 12.60 13.62
N GLU A 94 3.43 11.41 13.02
CA GLU A 94 4.70 10.71 12.85
C GLU A 94 5.33 11.19 11.54
N GLY A 95 6.05 12.33 11.64
CA GLY A 95 6.70 12.96 10.51
C GLY A 95 7.15 14.37 10.87
N GLU A 96 8.42 14.51 11.32
CA GLU A 96 9.05 15.82 11.59
C GLU A 96 9.20 16.60 10.26
N SER A 97 9.06 17.93 10.34
CA SER A 97 9.17 18.82 9.18
C SER A 97 10.65 19.02 8.80
N ILE A 98 11.22 17.99 8.14
CA ILE A 98 12.59 17.99 7.64
C ILE A 98 12.57 17.75 6.12
N LEU A 99 13.08 18.76 5.40
CA LEU A 99 13.12 18.78 3.93
C LEU A 99 14.57 18.75 3.47
N GLU A 100 14.79 18.28 2.23
CA GLU A 100 16.14 18.17 1.63
C GLU A 100 16.69 19.59 1.31
N GLY A 1 13.67 8.73 13.63
CA GLY A 1 14.16 7.48 12.99
C GLY A 1 13.65 7.32 11.56
N GLY A 2 13.56 6.06 11.10
CA GLY A 2 13.09 5.73 9.75
C GLY A 2 11.60 5.99 9.57
N SER A 3 11.26 7.27 9.30
CA SER A 3 9.87 7.75 9.17
C SER A 3 9.23 7.24 7.86
N PRO A 4 7.90 6.88 7.87
CA PRO A 4 7.15 6.39 6.69
C PRO A 4 7.34 7.21 5.40
N ASP A 5 7.35 8.54 5.56
CA ASP A 5 7.57 9.48 4.45
C ASP A 5 8.92 9.22 3.75
N GLU A 6 9.96 9.06 4.58
CA GLU A 6 11.34 8.80 4.14
C GLU A 6 11.43 7.39 3.51
N ASN A 7 10.63 6.45 4.08
CA ASN A 7 10.55 5.04 3.63
C ASN A 7 9.90 4.92 2.25
N ILE A 8 8.95 5.84 1.94
CA ILE A 8 8.27 5.90 0.62
C ILE A 8 9.32 5.95 -0.51
N ALA A 9 10.29 6.90 -0.37
CA ALA A 9 11.38 7.08 -1.35
C ALA A 9 12.32 5.86 -1.41
N LYS A 10 12.52 5.19 -0.25
CA LYS A 10 13.34 3.96 -0.16
C LYS A 10 12.70 2.82 -0.96
N PHE A 11 11.36 2.72 -0.84
CA PHE A 11 10.56 1.70 -1.54
C PHE A 11 10.37 2.07 -3.02
N GLU A 12 10.46 3.38 -3.35
CA GLU A 12 10.42 3.86 -4.76
C GLU A 12 11.75 3.52 -5.47
N LYS A 13 12.86 3.52 -4.71
CA LYS A 13 14.19 3.12 -5.22
C LYS A 13 14.25 1.59 -5.34
N ALA A 14 13.60 0.89 -4.39
CA ALA A 14 13.42 -0.57 -4.44
C ALA A 14 12.46 -0.96 -5.57
N TYR A 15 11.52 -0.03 -5.89
CA TYR A 15 10.54 -0.20 -6.97
C TYR A 15 11.23 -0.12 -8.33
N LYS A 16 12.14 0.86 -8.47
CA LYS A 16 12.88 1.08 -9.72
C LYS A 16 13.94 0.00 -9.93
N LYS A 17 14.50 -0.52 -8.82
CA LYS A 17 15.44 -1.66 -8.86
C LYS A 17 14.68 -2.95 -9.25
N ALA A 18 13.39 -3.00 -8.88
CA ALA A 18 12.47 -4.08 -9.30
C ALA A 18 12.03 -3.90 -10.78
N GLU A 19 11.90 -2.61 -11.19
CA GLU A 19 11.36 -2.20 -12.51
C GLU A 19 12.38 -2.43 -13.64
N GLU A 20 13.69 -2.26 -13.33
CA GLU A 20 14.77 -2.52 -14.30
C GLU A 20 14.87 -4.04 -14.59
N LEU A 21 14.53 -4.84 -13.57
CA LEU A 21 14.44 -6.30 -13.67
C LEU A 21 13.13 -6.71 -14.36
N ASN A 22 12.17 -5.74 -14.42
CA ASN A 22 10.83 -5.90 -15.03
C ASN A 22 10.02 -7.00 -14.29
N GLN A 23 10.36 -7.20 -13.00
CA GLN A 23 9.81 -8.29 -12.18
C GLN A 23 8.67 -7.73 -11.33
N GLY A 24 7.44 -7.83 -11.88
CA GLY A 24 6.24 -7.34 -11.23
C GLY A 24 5.99 -7.88 -9.82
N GLU A 25 6.43 -9.12 -9.58
CA GLU A 25 6.30 -9.77 -8.26
C GLU A 25 7.05 -8.99 -7.17
N LEU A 26 8.15 -8.33 -7.56
CA LEU A 26 8.92 -7.39 -6.70
C LEU A 26 8.25 -5.99 -6.67
N MET A 27 7.81 -5.53 -7.85
CA MET A 27 7.28 -4.16 -8.08
C MET A 27 6.01 -3.89 -7.25
N GLY A 28 5.10 -4.89 -7.24
CA GLY A 28 3.85 -4.82 -6.49
C GLY A 28 4.07 -4.77 -4.98
N ARG A 29 5.16 -5.43 -4.51
CA ARG A 29 5.57 -5.40 -3.08
C ARG A 29 5.85 -3.95 -2.67
N ALA A 30 6.67 -3.28 -3.50
CA ALA A 30 7.15 -1.90 -3.26
C ALA A 30 5.97 -0.91 -3.15
N LEU A 31 5.00 -1.04 -4.08
CA LEU A 31 3.79 -0.19 -4.12
C LEU A 31 2.90 -0.46 -2.89
N TYR A 32 2.80 -1.73 -2.50
CA TYR A 32 2.04 -2.17 -1.31
C TYR A 32 2.69 -1.58 -0.03
N ASN A 33 4.04 -1.55 -0.01
CA ASN A 33 4.82 -0.99 1.11
C ASN A 33 4.55 0.50 1.28
N ILE A 34 4.63 1.24 0.15
CA ILE A 34 4.37 2.69 0.11
C ILE A 34 2.93 2.99 0.58
N GLY A 35 1.99 2.10 0.18
CA GLY A 35 0.61 2.19 0.62
C GLY A 35 0.47 2.12 2.14
N LEU A 36 1.22 1.19 2.76
CA LEU A 36 1.24 1.01 4.22
C LEU A 36 1.83 2.24 4.91
N GLU A 37 2.81 2.89 4.24
CA GLU A 37 3.47 4.12 4.75
C GLU A 37 2.46 5.30 4.75
N LYS A 38 1.71 5.44 3.64
CA LYS A 38 0.67 6.48 3.50
C LYS A 38 -0.41 6.30 4.60
N ASN A 39 -0.81 5.03 4.80
CA ASN A 39 -1.89 4.63 5.74
C ASN A 39 -1.49 4.97 7.19
N LYS A 40 -0.23 4.67 7.57
CA LYS A 40 0.29 4.91 8.93
C LYS A 40 0.57 6.43 9.16
N MET A 41 0.79 7.18 8.06
CA MET A 41 0.88 8.66 8.08
C MET A 41 -0.51 9.30 8.23
N GLY A 42 -1.56 8.50 7.99
CA GLY A 42 -2.95 8.94 8.09
C GLY A 42 -3.57 9.25 6.74
N LYS A 43 -2.71 9.36 5.69
CA LYS A 43 -3.14 9.66 4.32
C LYS A 43 -3.56 8.37 3.61
N VAL A 44 -4.71 7.83 4.06
CA VAL A 44 -5.28 6.56 3.60
C VAL A 44 -5.72 6.64 2.11
N LYS A 45 -6.00 7.87 1.64
CA LYS A 45 -6.38 8.14 0.23
C LYS A 45 -5.31 7.61 -0.75
N GLU A 46 -4.04 8.00 -0.53
CA GLU A 46 -2.91 7.55 -1.38
C GLU A 46 -2.62 6.06 -1.16
N ALA A 47 -2.85 5.59 0.09
CA ALA A 47 -2.67 4.17 0.47
C ALA A 47 -3.51 3.25 -0.43
N ILE A 48 -4.79 3.63 -0.59
CA ILE A 48 -5.76 2.96 -1.48
C ILE A 48 -5.22 2.85 -2.90
N GLU A 49 -4.76 3.99 -3.46
CA GLU A 49 -4.27 4.08 -4.84
C GLU A 49 -3.06 3.16 -5.06
N TYR A 50 -2.20 3.05 -4.03
CA TYR A 50 -1.01 2.18 -4.05
C TYR A 50 -1.35 0.69 -3.90
N PHE A 51 -2.44 0.37 -3.15
CA PHE A 51 -2.93 -1.03 -3.03
C PHE A 51 -3.65 -1.45 -4.32
N LEU A 52 -4.22 -0.46 -5.03
CA LEU A 52 -4.87 -0.65 -6.34
C LEU A 52 -3.80 -1.00 -7.39
N ARG A 53 -2.69 -0.23 -7.36
CA ARG A 53 -1.54 -0.44 -8.25
C ARG A 53 -0.82 -1.76 -7.94
N ALA A 54 -0.61 -2.02 -6.62
CA ALA A 54 0.04 -3.25 -6.13
C ALA A 54 -0.76 -4.48 -6.59
N LYS A 55 -2.10 -4.42 -6.38
CA LYS A 55 -3.03 -5.49 -6.76
C LYS A 55 -3.01 -5.71 -8.29
N LYS A 56 -2.95 -4.60 -9.06
CA LYS A 56 -2.90 -4.63 -10.54
C LYS A 56 -1.68 -5.42 -11.03
N VAL A 57 -0.53 -5.13 -10.41
CA VAL A 57 0.75 -5.72 -10.78
C VAL A 57 0.78 -7.22 -10.40
N PHE A 58 0.30 -7.56 -9.17
CA PHE A 58 0.16 -8.97 -8.70
C PHE A 58 -0.87 -9.76 -9.54
N ASP A 59 -1.88 -9.04 -10.05
CA ASP A 59 -2.96 -9.60 -10.91
C ASP A 59 -2.38 -10.02 -12.26
N ALA A 60 -1.44 -9.20 -12.74
CA ALA A 60 -0.68 -9.46 -13.97
C ALA A 60 0.33 -10.62 -13.77
N GLU A 61 0.87 -10.75 -12.53
CA GLU A 61 1.77 -11.87 -12.15
C GLU A 61 1.00 -13.18 -11.91
N HIS A 62 -0.35 -13.07 -11.78
CA HIS A 62 -1.23 -14.19 -11.39
C HIS A 62 -0.90 -14.71 -9.99
N ASP A 63 -0.37 -13.82 -9.14
CA ASP A 63 -0.03 -14.12 -7.73
C ASP A 63 -1.29 -13.88 -6.88
N THR A 64 -2.01 -14.98 -6.56
CA THR A 64 -3.31 -14.92 -5.87
C THR A 64 -3.19 -14.28 -4.48
N ASP A 65 -2.11 -14.62 -3.74
CA ASP A 65 -1.87 -14.12 -2.38
C ASP A 65 -1.56 -12.62 -2.37
N GLY A 66 -0.91 -12.14 -3.44
CA GLY A 66 -0.66 -10.71 -3.62
C GLY A 66 -1.96 -9.95 -3.88
N ALA A 67 -2.84 -10.53 -4.72
CA ALA A 67 -4.17 -9.97 -5.02
C ALA A 67 -5.09 -10.00 -3.77
N ARG A 68 -4.92 -11.06 -2.92
CA ARG A 68 -5.68 -11.23 -1.66
C ARG A 68 -5.34 -10.10 -0.67
N ARG A 69 -4.03 -9.94 -0.41
CA ARG A 69 -3.51 -9.03 0.63
C ARG A 69 -3.74 -7.56 0.27
N ALA A 70 -3.66 -7.25 -1.04
CA ALA A 70 -3.82 -5.88 -1.55
C ALA A 70 -5.29 -5.47 -1.47
N ALA A 71 -6.21 -6.38 -1.86
CA ALA A 71 -7.66 -6.17 -1.78
C ALA A 71 -8.15 -6.17 -0.31
N LYS A 72 -7.44 -6.93 0.56
CA LYS A 72 -7.79 -7.04 1.99
C LYS A 72 -7.34 -5.77 2.75
N SER A 73 -6.15 -5.28 2.38
CA SER A 73 -5.58 -4.04 2.94
C SER A 73 -6.40 -2.83 2.48
N LEU A 74 -6.96 -2.94 1.25
CA LEU A 74 -7.96 -2.01 0.72
C LEU A 74 -9.22 -2.01 1.60
N SER A 75 -9.70 -3.22 1.94
CA SER A 75 -10.92 -3.39 2.75
C SER A 75 -10.78 -2.76 4.15
N GLU A 76 -9.56 -2.86 4.72
CA GLU A 76 -9.19 -2.20 5.99
C GLU A 76 -9.17 -0.67 5.81
N ALA A 77 -8.59 -0.23 4.68
CA ALA A 77 -8.41 1.18 4.34
C ALA A 77 -9.77 1.90 4.15
N TYR A 78 -10.73 1.22 3.52
CA TYR A 78 -12.07 1.77 3.22
C TYR A 78 -12.93 1.90 4.50
N GLN A 79 -12.62 1.10 5.53
CA GLN A 79 -13.31 1.18 6.84
C GLN A 79 -12.82 2.39 7.65
N LYS A 80 -11.62 2.89 7.30
CA LYS A 80 -11.04 4.11 7.88
C LYS A 80 -11.62 5.35 7.18
N VAL A 81 -11.69 5.27 5.83
CA VAL A 81 -12.27 6.33 4.97
C VAL A 81 -13.80 6.41 5.21
N GLU A 82 -14.53 5.40 4.70
CA GLU A 82 -15.98 5.28 4.88
C GLU A 82 -16.29 4.68 6.27
N GLY A 83 -16.89 5.47 7.17
CA GLY A 83 -17.30 4.97 8.48
C GLY A 83 -18.65 4.25 8.42
N SER A 84 -18.76 3.24 7.54
CA SER A 84 -19.99 2.47 7.35
C SER A 84 -20.13 1.44 8.50
N GLY A 85 -21.10 1.68 9.38
CA GLY A 85 -21.28 0.86 10.59
C GLY A 85 -20.60 1.47 11.80
N ASP A 86 -19.26 1.71 11.65
CA ASP A 86 -18.38 2.33 12.68
C ASP A 86 -18.29 1.44 13.96
N LYS A 87 -18.68 0.16 13.82
CA LYS A 87 -18.79 -0.78 14.94
C LYS A 87 -18.44 -2.19 14.43
N GLY A 88 -17.14 -2.53 14.51
CA GLY A 88 -16.65 -3.85 14.09
C GLY A 88 -16.65 -4.82 15.25
N LYS A 89 -17.73 -5.61 15.37
CA LYS A 89 -17.90 -6.59 16.48
C LYS A 89 -16.97 -7.79 16.30
N ILE A 90 -15.76 -7.66 16.84
CA ILE A 90 -14.70 -8.67 16.74
C ILE A 90 -14.83 -9.74 17.84
N PHE A 91 -15.93 -10.50 17.77
CA PHE A 91 -16.20 -11.64 18.64
C PHE A 91 -15.71 -12.93 17.94
N GLN A 92 -14.51 -13.40 18.36
CA GLN A 92 -13.89 -14.67 17.91
C GLN A 92 -13.58 -14.68 16.39
N LYS A 93 -13.43 -13.48 15.78
CA LYS A 93 -13.05 -13.35 14.35
C LYS A 93 -11.57 -13.71 14.19
N GLU A 94 -11.32 -15.02 14.03
CA GLU A 94 -9.97 -15.57 13.83
C GLU A 94 -9.56 -15.41 12.37
N GLY A 95 -10.22 -16.21 11.48
CA GLY A 95 -9.94 -16.17 10.04
C GLY A 95 -8.47 -16.48 9.72
N GLU A 96 -7.91 -15.72 8.75
CA GLU A 96 -6.49 -15.80 8.34
C GLU A 96 -6.02 -17.26 8.16
N SER A 97 -6.71 -17.97 7.28
CA SER A 97 -6.50 -19.39 7.03
C SER A 97 -6.17 -19.59 5.55
N ILE A 98 -4.86 -19.57 5.25
CA ILE A 98 -4.33 -19.86 3.91
C ILE A 98 -4.31 -21.41 3.76
N LEU A 99 -5.38 -21.95 3.16
CA LEU A 99 -5.58 -23.42 3.00
C LEU A 99 -5.85 -23.79 1.52
N GLU A 100 -6.03 -25.11 1.27
CA GLU A 100 -6.38 -25.62 -0.06
C GLU A 100 -7.84 -25.26 -0.40
N GLY A 1 12.46 0.43 10.89
CA GLY A 1 13.16 1.45 10.07
C GLY A 1 12.91 2.84 10.62
N GLY A 2 13.14 3.87 9.76
CA GLY A 2 12.90 5.26 10.13
C GLY A 2 11.44 5.66 9.99
N SER A 3 11.21 6.95 9.69
CA SER A 3 9.87 7.49 9.43
C SER A 3 9.20 6.73 8.25
N PRO A 4 7.86 6.40 8.33
CA PRO A 4 7.14 5.70 7.21
C PRO A 4 7.28 6.44 5.86
N ASP A 5 7.35 7.78 5.93
CA ASP A 5 7.58 8.66 4.77
C ASP A 5 8.94 8.37 4.09
N GLU A 6 9.99 8.21 4.94
CA GLU A 6 11.35 7.84 4.49
C GLU A 6 11.33 6.47 3.81
N ASN A 7 10.65 5.50 4.46
CA ASN A 7 10.57 4.11 4.00
C ASN A 7 10.00 4.02 2.57
N ILE A 8 8.99 4.87 2.28
CA ILE A 8 8.37 5.04 0.94
C ILE A 8 9.43 5.30 -0.14
N ALA A 9 10.26 6.35 0.10
CA ALA A 9 11.28 6.81 -0.84
C ALA A 9 12.33 5.71 -1.12
N LYS A 10 12.62 4.90 -0.07
CA LYS A 10 13.63 3.82 -0.14
C LYS A 10 13.11 2.63 -0.99
N PHE A 11 11.83 2.28 -0.78
CA PHE A 11 11.14 1.23 -1.57
C PHE A 11 10.84 1.72 -3.00
N GLU A 12 10.77 3.05 -3.18
CA GLU A 12 10.53 3.70 -4.49
C GLU A 12 11.80 3.60 -5.38
N LYS A 13 12.99 3.68 -4.75
CA LYS A 13 14.29 3.45 -5.43
C LYS A 13 14.41 1.96 -5.82
N ALA A 14 13.96 1.08 -4.88
CA ALA A 14 13.90 -0.37 -5.08
C ALA A 14 12.87 -0.75 -6.14
N TYR A 15 11.83 0.09 -6.29
CA TYR A 15 10.77 -0.06 -7.32
C TYR A 15 11.34 0.19 -8.72
N LYS A 16 12.26 1.16 -8.85
CA LYS A 16 12.91 1.48 -10.13
C LYS A 16 13.85 0.34 -10.59
N LYS A 17 14.52 -0.28 -9.61
CA LYS A 17 15.40 -1.46 -9.82
C LYS A 17 14.54 -2.68 -10.20
N ALA A 18 13.38 -2.78 -9.51
CA ALA A 18 12.35 -3.79 -9.75
C ALA A 18 11.85 -3.73 -11.21
N GLU A 19 11.54 -2.48 -11.64
CA GLU A 19 11.01 -2.14 -12.97
C GLU A 19 12.04 -2.48 -14.06
N GLU A 20 13.31 -2.15 -13.77
CA GLU A 20 14.43 -2.29 -14.70
C GLU A 20 14.59 -3.74 -15.18
N LEU A 21 14.42 -4.68 -14.25
CA LEU A 21 14.60 -6.13 -14.51
C LEU A 21 13.26 -6.81 -14.87
N ASN A 22 12.20 -5.99 -15.11
CA ASN A 22 10.83 -6.45 -15.51
C ASN A 22 10.17 -7.28 -14.39
N GLN A 23 10.64 -7.08 -13.15
CA GLN A 23 10.18 -7.82 -11.96
C GLN A 23 8.90 -7.17 -11.41
N GLY A 24 7.76 -7.56 -11.98
CA GLY A 24 6.46 -7.10 -11.49
C GLY A 24 6.20 -7.55 -10.06
N GLU A 25 6.75 -8.73 -9.70
CA GLU A 25 6.69 -9.29 -8.34
C GLU A 25 7.22 -8.27 -7.32
N LEU A 26 8.44 -7.74 -7.60
CA LEU A 26 9.11 -6.75 -6.77
C LEU A 26 8.36 -5.38 -6.80
N MET A 27 7.84 -5.00 -8.00
CA MET A 27 7.12 -3.70 -8.18
C MET A 27 5.80 -3.68 -7.38
N GLY A 28 5.11 -4.83 -7.38
CA GLY A 28 3.84 -4.99 -6.67
C GLY A 28 4.05 -4.89 -5.17
N ARG A 29 5.09 -5.60 -4.67
CA ARG A 29 5.49 -5.56 -3.25
C ARG A 29 5.92 -4.13 -2.84
N ALA A 30 6.56 -3.42 -3.78
CA ALA A 30 7.07 -2.06 -3.57
C ALA A 30 5.89 -1.08 -3.37
N LEU A 31 4.94 -1.09 -4.32
CA LEU A 31 3.77 -0.17 -4.30
C LEU A 31 2.85 -0.48 -3.11
N TYR A 32 2.75 -1.77 -2.76
CA TYR A 32 1.94 -2.24 -1.62
C TYR A 32 2.56 -1.75 -0.29
N ASN A 33 3.89 -1.86 -0.19
CA ASN A 33 4.66 -1.49 1.02
C ASN A 33 4.58 0.03 1.25
N ILE A 34 4.81 0.77 0.16
CA ILE A 34 4.67 2.24 0.11
C ILE A 34 3.24 2.66 0.52
N GLY A 35 2.24 1.93 -0.01
CA GLY A 35 0.83 2.19 0.28
C GLY A 35 0.49 2.02 1.74
N LEU A 36 1.07 0.97 2.37
CA LEU A 36 0.95 0.74 3.81
C LEU A 36 1.48 1.95 4.60
N GLU A 37 2.67 2.42 4.20
CA GLU A 37 3.36 3.54 4.87
C GLU A 37 2.56 4.86 4.77
N LYS A 38 1.79 5.03 3.68
CA LYS A 38 0.81 6.14 3.56
C LYS A 38 -0.27 5.99 4.66
N ASN A 39 -0.80 4.77 4.78
CA ASN A 39 -1.90 4.41 5.72
C ASN A 39 -1.46 4.60 7.19
N LYS A 40 -0.15 4.37 7.47
CA LYS A 40 0.46 4.61 8.80
C LYS A 40 0.39 6.10 9.17
N MET A 41 0.63 6.97 8.17
CA MET A 41 0.71 8.44 8.35
C MET A 41 -0.67 9.12 8.22
N GLY A 42 -1.72 8.32 7.97
CA GLY A 42 -3.08 8.83 7.83
C GLY A 42 -3.41 9.30 6.43
N LYS A 43 -2.53 9.02 5.46
CA LYS A 43 -2.82 9.24 4.02
C LYS A 43 -3.50 7.98 3.47
N VAL A 44 -4.74 7.75 3.93
CA VAL A 44 -5.51 6.53 3.64
C VAL A 44 -6.06 6.52 2.19
N LYS A 45 -6.32 7.71 1.63
CA LYS A 45 -6.80 7.87 0.24
C LYS A 45 -5.67 7.47 -0.73
N GLU A 46 -4.44 7.89 -0.37
CA GLU A 46 -3.22 7.60 -1.16
C GLU A 46 -2.85 6.11 -1.01
N ALA A 47 -3.09 5.58 0.20
CA ALA A 47 -2.87 4.16 0.54
C ALA A 47 -3.66 3.27 -0.41
N ILE A 48 -4.98 3.58 -0.54
CA ILE A 48 -5.91 2.92 -1.48
C ILE A 48 -5.35 2.91 -2.92
N GLU A 49 -4.91 4.10 -3.37
CA GLU A 49 -4.39 4.34 -4.73
C GLU A 49 -3.20 3.40 -5.03
N TYR A 50 -2.28 3.29 -4.06
CA TYR A 50 -1.10 2.39 -4.14
C TYR A 50 -1.48 0.90 -4.02
N PHE A 51 -2.52 0.58 -3.22
CA PHE A 51 -2.98 -0.82 -3.04
C PHE A 51 -3.67 -1.33 -4.31
N LEU A 52 -4.28 -0.40 -5.06
CA LEU A 52 -4.97 -0.70 -6.32
C LEU A 52 -3.91 -0.99 -7.41
N ARG A 53 -2.85 -0.15 -7.45
CA ARG A 53 -1.71 -0.33 -8.37
C ARG A 53 -1.02 -1.68 -8.09
N ALA A 54 -0.65 -1.88 -6.81
CA ALA A 54 0.07 -3.05 -6.31
C ALA A 54 -0.66 -4.35 -6.63
N LYS A 55 -1.98 -4.36 -6.29
CA LYS A 55 -2.85 -5.53 -6.48
C LYS A 55 -2.89 -5.94 -7.95
N LYS A 56 -3.05 -4.94 -8.83
CA LYS A 56 -3.14 -5.16 -10.29
C LYS A 56 -1.81 -5.74 -10.83
N VAL A 57 -0.68 -5.29 -10.27
CA VAL A 57 0.65 -5.82 -10.65
C VAL A 57 0.79 -7.29 -10.16
N PHE A 58 0.27 -7.57 -8.95
CA PHE A 58 0.20 -8.95 -8.39
C PHE A 58 -0.70 -9.85 -9.26
N ASP A 59 -1.77 -9.27 -9.83
CA ASP A 59 -2.70 -10.00 -10.72
C ASP A 59 -2.02 -10.32 -12.06
N ALA A 60 -1.17 -9.40 -12.53
CA ALA A 60 -0.35 -9.58 -13.75
C ALA A 60 0.68 -10.70 -13.56
N GLU A 61 1.23 -10.79 -12.32
CA GLU A 61 2.19 -11.83 -11.92
C GLU A 61 1.47 -13.12 -11.50
N HIS A 62 0.13 -13.02 -11.32
CA HIS A 62 -0.75 -14.13 -10.85
C HIS A 62 -0.44 -14.54 -9.40
N ASP A 63 0.16 -13.60 -8.64
CA ASP A 63 0.45 -13.77 -7.21
C ASP A 63 -0.84 -13.50 -6.43
N THR A 64 -1.57 -14.59 -6.12
CA THR A 64 -2.87 -14.54 -5.46
C THR A 64 -2.77 -13.99 -4.02
N ASP A 65 -1.63 -14.27 -3.35
CA ASP A 65 -1.35 -13.86 -1.97
C ASP A 65 -1.42 -12.34 -1.81
N GLY A 66 -0.58 -11.63 -2.57
CA GLY A 66 -0.44 -10.18 -2.45
C GLY A 66 -1.64 -9.43 -2.94
N ALA A 67 -2.32 -9.98 -3.96
CA ALA A 67 -3.55 -9.37 -4.52
C ALA A 67 -4.70 -9.40 -3.48
N ARG A 68 -4.82 -10.55 -2.78
CA ARG A 68 -5.83 -10.75 -1.72
C ARG A 68 -5.46 -9.94 -0.46
N ARG A 69 -4.14 -9.78 -0.22
CA ARG A 69 -3.60 -9.04 0.94
C ARG A 69 -3.76 -7.53 0.73
N ALA A 70 -3.67 -7.10 -0.54
CA ALA A 70 -3.90 -5.71 -0.95
C ALA A 70 -5.40 -5.39 -0.84
N ALA A 71 -6.23 -6.37 -1.23
CA ALA A 71 -7.70 -6.30 -1.10
C ALA A 71 -8.14 -6.28 0.38
N LYS A 72 -7.33 -6.95 1.24
CA LYS A 72 -7.52 -6.94 2.71
C LYS A 72 -7.22 -5.53 3.27
N SER A 73 -6.07 -4.98 2.86
CA SER A 73 -5.64 -3.63 3.27
C SER A 73 -6.60 -2.55 2.73
N LEU A 74 -7.20 -2.83 1.57
CA LEU A 74 -8.23 -1.98 0.96
C LEU A 74 -9.53 -2.03 1.77
N SER A 75 -9.93 -3.24 2.21
CA SER A 75 -11.15 -3.46 3.00
C SER A 75 -11.09 -2.64 4.31
N GLU A 76 -9.87 -2.54 4.89
CA GLU A 76 -9.58 -1.75 6.10
C GLU A 76 -9.60 -0.24 5.79
N ALA A 77 -8.92 0.12 4.68
CA ALA A 77 -8.71 1.51 4.26
C ALA A 77 -10.04 2.21 3.90
N TYR A 78 -10.96 1.45 3.27
CA TYR A 78 -12.28 1.95 2.90
C TYR A 78 -13.13 2.26 4.14
N GLN A 79 -12.98 1.42 5.19
CA GLN A 79 -13.67 1.63 6.51
C GLN A 79 -13.27 2.97 7.14
N LYS A 80 -12.01 3.39 6.89
CA LYS A 80 -11.48 4.68 7.38
C LYS A 80 -12.03 5.85 6.53
N VAL A 81 -12.23 5.59 5.23
CA VAL A 81 -12.77 6.58 4.27
C VAL A 81 -14.31 6.66 4.33
N GLU A 82 -14.95 5.66 5.00
CA GLU A 82 -16.42 5.65 5.17
C GLU A 82 -16.90 6.85 6.02
N GLY A 83 -18.01 7.42 5.57
CA GLY A 83 -18.72 8.49 6.28
C GLY A 83 -20.22 8.27 6.19
N SER A 84 -20.61 6.99 6.08
CA SER A 84 -22.01 6.57 5.89
C SER A 84 -22.83 6.81 7.15
N GLY A 85 -22.20 6.63 8.33
CA GLY A 85 -22.86 6.82 9.61
C GLY A 85 -23.40 5.52 10.17
N ASP A 86 -24.02 4.72 9.30
CA ASP A 86 -24.58 3.41 9.67
C ASP A 86 -23.45 2.39 9.83
N LYS A 87 -23.37 1.78 11.03
CA LYS A 87 -22.38 0.73 11.35
C LYS A 87 -23.06 -0.64 11.30
N GLY A 88 -22.30 -1.65 10.90
CA GLY A 88 -22.79 -3.03 10.77
C GLY A 88 -21.69 -4.02 10.44
N LYS A 89 -22.07 -5.17 9.81
CA LYS A 89 -21.19 -6.33 9.55
C LYS A 89 -20.58 -6.83 10.86
N ILE A 90 -21.25 -7.82 11.47
CA ILE A 90 -20.80 -8.47 12.71
C ILE A 90 -19.63 -9.45 12.43
N PHE A 91 -18.50 -8.86 12.02
CA PHE A 91 -17.26 -9.58 11.69
C PHE A 91 -16.22 -9.23 12.75
N GLN A 92 -15.39 -10.22 13.11
CA GLN A 92 -14.33 -10.06 14.11
C GLN A 92 -13.29 -11.20 13.93
N LYS A 93 -12.05 -10.92 14.37
CA LYS A 93 -10.94 -11.87 14.27
C LYS A 93 -11.11 -12.99 15.33
N GLU A 94 -11.69 -14.11 14.88
CA GLU A 94 -11.87 -15.33 15.70
C GLU A 94 -10.56 -16.12 15.72
N GLY A 95 -9.85 -16.07 16.86
CA GLY A 95 -8.52 -16.69 16.98
C GLY A 95 -8.56 -18.20 16.86
N GLU A 96 -9.61 -18.81 17.43
CA GLU A 96 -9.76 -20.27 17.55
C GLU A 96 -11.22 -20.66 17.30
N SER A 97 -11.65 -20.59 16.03
CA SER A 97 -12.91 -21.16 15.59
C SER A 97 -12.62 -22.59 15.08
N ILE A 98 -12.91 -23.60 15.95
CA ILE A 98 -12.55 -25.00 15.72
C ILE A 98 -13.15 -25.53 14.39
N LEU A 99 -12.26 -25.70 13.38
CA LEU A 99 -12.63 -26.25 12.07
C LEU A 99 -12.89 -27.76 12.22
N GLU A 100 -14.14 -28.07 12.57
CA GLU A 100 -14.62 -29.44 12.82
C GLU A 100 -16.15 -29.43 12.64
#